data_5T1D
#
_entry.id   5T1D
#
_cell.length_a   105.510
_cell.length_b   166.000
_cell.length_c   272.400
_cell.angle_alpha   90.00
_cell.angle_beta   90.00
_cell.angle_gamma   90.00
#
_symmetry.space_group_name_H-M   'I 2 2 2'
#
loop_
_entity.id
_entity.type
_entity.pdbx_description
1 polymer 'Envelope glycoprotein H'
2 polymer 'Envelope glycoprotein L'
3 polymer 'Glycoprotein 42'
4 polymer 'E1D1 IgG2a heavy chain'
5 polymer 'E1D1 IgG2a light chain'
6 branched 2-acetamido-2-deoxy-beta-D-glucopyranose-(1-4)-2-acetamido-2-deoxy-beta-D-glucopyranose
#
loop_
_entity_poly.entity_id
_entity_poly.type
_entity_poly.pdbx_seq_one_letter_code
_entity_poly.pdbx_strand_id
1 'polypeptide(L)'
;LSEVKLHLDIEGHASHYTIPWTELMAKVPGLSPEALWREANVTEDLASMLNRYKLIYKTSGTLGIALAEPVDIPAVSEGS
MQVDASKVHPGVISGLNSPACMLSAPLEKQLFYYIGTMLPNTRPHSYVFYQLRCHLSYVALSINGDKFQYTGAMTSKFLM
GTYKRVTEKGDEHVLSLVFGKTKDLPDLRGPFSYPSLTSAQSGDYSLVIVTTFVHYANFHNYFVPNLKDMFSRAVTMTAA
SYARYVLQKLVLLEMKGGCREPELDTETLTTMFEVSVAFFKVGHAVGETGNGCVDLRWLAKSFFELTVLKDIIGICYGAT
VKGMQSYGLERLAAMLMATVKMEELGHLTTEKQEYALRLATVGYPKAGVYSGLIGGATSVLLSAYNRHPLFQPLHTVMRE
TLFIGSHVVLRELRLNVTTQGPNLALYQLLSTALCSALEIGEVLRGLALGTESGLFSPCYLSLRFDLTRDKLLSMAPQEA
TLDQAAVSNAVDGFLGRLSLEREDRDAWHLPAYKCVDRLDKVLMIIPLINVTFIISSDREVRGSALYEASTTYLSSSLFL
SPVIMNKCSQGAVAGEPRQIPKIQNFTRTQKSCIFCGFALLSYDEKEGLETTTYITSQEVQNSILSSNYFDFDNLHVHYL
LLTTNGTVMEIAGLY
;
A
2 'polypeptide(L)'
;WAYPCCHVTQLRAQHLLALENISDIYLVSNQTCDGFSLASLNSPKNGSNQLVISRCANGLNVVSFFISILKRSSSALTGH
LRELLTTLETLYGSFSVEDLFGANLNRYAWHR
;
B
3 'polypeptide(L)'
;GGGRVAAAAITWVPKPNVEVWPVDPPPPVNFNKTAEQEYGDKEVKLPHWTPTLHTFQVPQNYTKANCTYCNTREYTFSYK
GCCFYFTKKKHTWNGCFQACAELYPCTYFYGPTPDILPVVTRNLNAIESLWVGVYRVGEGNWTSLDGGTFKVYQIFGSHC
TYVSKFSTVPVSHHECSFLKPCLCVSQRSNS
;
C
4 'polypeptide(L)'
;EVQLEQSGPELVKPGASVKMSCKASGYTFTDYVISWVKQRTGQGLEWIGEIYPESGNTYYNEKFKGEATLTADKSSNTAY
MQLSRLTSEDSAVYFCAEGYAMDFWGQGTSVTVSSAKTTPPSVYPLAPGSAAQTNSMVTLGCLVKGYFPEPVTVTWNSGS
LSSGVHTFPAVLQSDLYTLSSSVTVPSSTWPSETVTCNVAHPASSTKVDKKIV
;
H
5 'polypeptide(L)'
;DIVITQTPLSLPVSLGDQASISCRSSQSLLHSNGNTYLHWYLQRPGQSPKLLIYKVSNRFSGVPDRFSGSGSGTDFTLMI
NRVEAEDLGVYFCSQSIHVPRTFGGGTKLEIKRADAAPTVSIFPPSSEQLTSGGASVVCFLNNFYPKDINVKWKIDGSER
QNGVLNSWTDQDSKDSTYSMSSTLTLTKDEYERHNSYTCEATHKTSTSPIVKSFNRN
;
L
#
# COMPACT_ATOMS: atom_id res chain seq x y z
N LEU A 1 0.08 -26.64 -5.89
CA LEU A 1 -0.19 -28.05 -6.15
C LEU A 1 1.04 -28.73 -6.75
N SER A 2 2.15 -28.70 -5.99
CA SER A 2 3.40 -29.30 -6.44
C SER A 2 4.50 -28.96 -5.45
N GLU A 3 5.75 -28.99 -5.91
CA GLU A 3 6.90 -28.52 -5.13
C GLU A 3 7.70 -27.56 -6.01
N VAL A 4 8.09 -26.42 -5.45
CA VAL A 4 8.77 -25.38 -6.19
C VAL A 4 10.17 -25.18 -5.60
N LYS A 5 11.14 -24.97 -6.49
CA LYS A 5 12.55 -24.80 -6.11
C LYS A 5 12.92 -23.34 -6.28
N LEU A 6 13.61 -22.80 -5.28
CA LEU A 6 13.93 -21.38 -5.19
C LEU A 6 15.44 -21.22 -5.06
N HIS A 7 16.09 -20.79 -6.14
CA HIS A 7 17.54 -20.58 -6.14
C HIS A 7 17.85 -19.10 -6.09
N LEU A 8 19.02 -18.77 -5.55
CA LEU A 8 19.46 -17.38 -5.46
C LEU A 8 20.91 -17.37 -5.00
N ASP A 9 21.72 -16.54 -5.64
CA ASP A 9 23.14 -16.43 -5.30
C ASP A 9 23.68 -15.06 -5.74
N SER A 15 23.07 -20.77 -3.04
CA SER A 15 22.51 -22.13 -3.06
C SER A 15 21.07 -22.10 -3.53
N HIS A 16 20.33 -23.18 -3.26
CA HIS A 16 18.95 -23.30 -3.69
C HIS A 16 18.12 -23.93 -2.59
N TYR A 17 16.85 -23.52 -2.52
CA TYR A 17 15.89 -24.07 -1.58
C TYR A 17 14.72 -24.66 -2.35
N THR A 18 14.01 -25.58 -1.70
CA THR A 18 12.80 -26.17 -2.25
C THR A 18 11.69 -26.04 -1.22
N ILE A 19 10.61 -25.36 -1.61
CA ILE A 19 9.49 -25.07 -0.72
C ILE A 19 8.36 -26.02 -1.08
N PRO A 20 7.83 -26.81 -0.13
CA PRO A 20 6.80 -27.80 -0.48
C PRO A 20 5.39 -27.35 -0.20
N TRP A 21 4.47 -27.59 -1.14
CA TRP A 21 3.06 -27.36 -0.92
C TRP A 21 2.38 -28.69 -0.57
N THR A 22 1.06 -28.77 -0.78
CA THR A 22 0.24 -29.85 -0.23
C THR A 22 0.74 -30.20 1.17
N GLU A 23 1.97 -30.71 1.28
CA GLU A 23 2.68 -30.65 2.55
C GLU A 23 2.77 -29.20 3.00
N LEU A 24 2.79 -28.99 4.31
CA LEU A 24 2.82 -27.65 4.88
C LEU A 24 1.52 -26.90 4.55
N MET A 25 1.16 -26.81 3.27
CA MET A 25 -0.09 -26.17 2.89
C MET A 25 -1.28 -26.79 3.62
N ALA A 26 -1.33 -28.11 3.68
CA ALA A 26 -2.37 -28.79 4.44
C ALA A 26 -2.06 -28.84 5.94
N LYS A 27 -0.78 -28.74 6.31
CA LYS A 27 -0.42 -28.69 7.72
C LYS A 27 -0.90 -27.39 8.36
N VAL A 28 -0.95 -26.31 7.59
CA VAL A 28 -1.43 -25.02 8.08
C VAL A 28 -2.56 -24.57 7.16
N PRO A 29 -3.81 -24.57 7.61
CA PRO A 29 -4.89 -24.02 6.79
C PRO A 29 -5.24 -22.60 7.20
N GLY A 30 -5.88 -21.82 6.34
CA GLY A 30 -6.24 -22.18 4.98
C GLY A 30 -5.43 -21.38 3.98
N LEU A 31 -4.15 -21.72 3.85
CA LEU A 31 -3.29 -21.02 2.92
C LEU A 31 -3.80 -21.17 1.49
N SER A 32 -3.56 -20.15 0.67
CA SER A 32 -3.94 -20.20 -0.75
C SER A 32 -2.85 -19.51 -1.56
N PRO A 33 -1.75 -20.22 -1.84
CA PRO A 33 -0.68 -19.63 -2.66
C PRO A 33 -1.06 -19.46 -4.13
N GLU A 34 -2.28 -18.98 -4.38
CA GLU A 34 -2.75 -18.72 -5.73
C GLU A 34 -3.33 -17.31 -5.75
N ALA A 35 -4.28 -17.04 -4.85
CA ALA A 35 -4.78 -15.68 -4.69
C ALA A 35 -3.63 -14.73 -4.31
N LEU A 36 -2.69 -15.21 -3.50
CA LEU A 36 -1.51 -14.41 -3.18
C LEU A 36 -0.65 -14.21 -4.41
N TRP A 37 -0.42 -15.27 -5.18
CA TRP A 37 0.32 -15.15 -6.42
C TRP A 37 -0.33 -14.13 -7.34
N ARG A 38 -1.65 -14.23 -7.51
CA ARG A 38 -2.38 -13.25 -8.32
C ARG A 38 -2.42 -11.89 -7.63
N GLU A 39 -2.25 -11.85 -6.30
CA GLU A 39 -2.19 -10.58 -5.60
C GLU A 39 -0.84 -9.90 -5.77
N ALA A 40 0.24 -10.67 -5.69
CA ALA A 40 1.57 -10.07 -5.72
C ALA A 40 1.88 -9.43 -7.07
N ASN A 41 1.28 -9.92 -8.16
CA ASN A 41 1.42 -9.26 -9.45
C ASN A 41 2.81 -9.50 -10.02
N VAL A 42 3.14 -10.75 -10.36
CA VAL A 42 4.51 -11.12 -10.69
C VAL A 42 4.94 -10.64 -12.07
N THR A 43 4.00 -10.28 -12.94
CA THR A 43 4.32 -9.75 -14.26
C THR A 43 4.17 -8.23 -14.30
N GLU A 44 4.37 -7.57 -13.17
CA GLU A 44 4.23 -6.12 -13.07
C GLU A 44 5.53 -5.48 -13.55
N ASP A 45 5.47 -4.78 -14.68
CA ASP A 45 6.62 -4.02 -15.14
C ASP A 45 7.05 -3.02 -14.06
N LEU A 46 8.33 -2.67 -14.08
CA LEU A 46 8.85 -1.74 -13.09
C LEU A 46 8.16 -0.38 -13.19
N ALA A 47 7.83 0.05 -14.41
CA ALA A 47 7.11 1.31 -14.60
C ALA A 47 5.77 1.28 -13.89
N SER A 48 5.03 0.17 -14.00
CA SER A 48 3.76 0.05 -13.29
C SER A 48 3.98 -0.04 -11.79
N MET A 49 5.04 -0.72 -11.35
CA MET A 49 5.30 -0.83 -9.93
C MET A 49 5.68 0.52 -9.34
N LEU A 50 6.57 1.25 -10.02
CA LEU A 50 7.01 2.55 -9.51
C LEU A 50 5.83 3.51 -9.41
N ASN A 51 5.01 3.57 -10.46
CA ASN A 51 3.82 4.42 -10.42
C ASN A 51 2.94 4.09 -9.22
N ARG A 52 2.90 2.81 -8.82
CA ARG A 52 2.12 2.42 -7.65
C ARG A 52 2.82 2.83 -6.35
N TYR A 53 4.16 2.82 -6.34
CA TYR A 53 4.90 3.23 -5.15
C TYR A 53 4.71 4.71 -4.86
N LYS A 54 4.76 5.55 -5.89
CA LYS A 54 4.65 6.99 -5.71
C LYS A 54 3.26 7.44 -5.29
N LEU A 55 2.25 6.56 -5.38
CA LEU A 55 0.90 6.97 -4.97
C LEU A 55 0.78 7.03 -3.45
N ILE A 56 1.42 6.11 -2.75
CA ILE A 56 1.23 5.97 -1.31
C ILE A 56 2.04 7.03 -0.59
N TYR A 57 1.41 7.69 0.37
CA TYR A 57 2.10 8.65 1.22
C TYR A 57 3.26 7.97 1.93
N LYS A 58 4.38 8.67 2.02
CA LYS A 58 5.57 8.17 2.69
C LYS A 58 6.12 9.24 3.62
N THR A 59 6.55 8.82 4.80
CA THR A 59 6.95 9.74 5.85
C THR A 59 8.46 9.96 5.83
N SER A 60 8.90 10.90 6.66
CA SER A 60 10.34 11.12 6.85
C SER A 60 10.96 9.95 7.61
N GLY A 61 10.31 9.50 8.68
CA GLY A 61 10.83 8.44 9.51
C GLY A 61 10.87 8.85 10.97
N THR A 62 11.86 8.35 11.71
CA THR A 62 12.04 8.71 13.11
C THR A 62 13.34 8.08 13.60
N LEU A 63 14.00 8.78 14.53
CA LEU A 63 15.33 8.38 14.98
C LEU A 63 15.30 7.42 16.16
N GLY A 64 14.24 7.47 16.99
CA GLY A 64 14.17 6.59 18.14
C GLY A 64 12.91 6.77 18.97
N ILE A 65 12.92 7.75 19.87
CA ILE A 65 11.80 8.01 20.77
C ILE A 65 11.66 6.83 21.72
N ALA A 66 12.61 6.69 22.63
CA ALA A 66 12.61 5.54 23.54
C ALA A 66 11.42 5.60 24.50
N LEU A 67 10.74 4.46 24.65
CA LEU A 67 9.59 4.37 25.53
C LEU A 67 9.63 3.03 26.26
N ALA A 68 9.03 3.00 27.45
CA ALA A 68 9.04 1.83 28.31
C ALA A 68 7.62 1.30 28.47
N GLU A 69 7.48 -0.01 28.30
CA GLU A 69 6.17 -0.65 28.49
C GLU A 69 5.89 -0.79 29.99
N PRO A 70 4.72 -0.38 30.47
CA PRO A 70 4.43 -0.52 31.89
C PRO A 70 4.10 -1.95 32.26
N VAL A 71 4.19 -2.23 33.56
CA VAL A 71 3.83 -3.54 34.10
C VAL A 71 2.32 -3.57 34.26
N ASP A 72 1.62 -4.04 33.24
CA ASP A 72 0.14 -4.00 33.24
C ASP A 72 -0.41 -5.23 33.97
N ILE A 73 -0.24 -6.40 33.37
CA ILE A 73 -0.75 -7.64 33.98
C ILE A 73 0.22 -8.08 35.06
N PRO A 74 -0.25 -8.54 36.21
CA PRO A 74 0.66 -8.96 37.28
C PRO A 74 1.04 -10.43 37.16
N ALA A 75 1.98 -10.84 38.02
CA ALA A 75 2.35 -12.23 38.10
C ALA A 75 1.22 -13.04 38.71
N VAL A 76 1.31 -14.37 38.55
CA VAL A 76 0.27 -15.24 39.06
C VAL A 76 0.14 -15.04 40.56
N SER A 77 -1.08 -14.84 41.03
CA SER A 77 -1.34 -14.49 42.43
C SER A 77 -1.34 -15.75 43.27
N GLU A 78 -0.20 -16.05 43.91
CA GLU A 78 -0.04 -17.20 44.80
C GLU A 78 -0.83 -18.41 44.32
N GLY A 79 -1.61 -19.04 45.20
CA GLY A 79 -2.38 -20.20 44.83
C GLY A 79 -3.72 -19.85 44.21
N SER A 80 -3.69 -19.32 42.99
CA SER A 80 -4.92 -18.94 42.31
C SER A 80 -5.59 -20.17 41.71
N MET A 81 -6.90 -20.06 41.50
CA MET A 81 -7.67 -21.09 40.84
C MET A 81 -7.70 -20.77 39.34
N GLN A 82 -6.92 -21.52 38.56
CA GLN A 82 -6.88 -21.29 37.12
C GLN A 82 -8.22 -21.69 36.51
N VAL A 83 -8.85 -20.76 35.80
CA VAL A 83 -10.18 -20.97 35.24
C VAL A 83 -10.07 -21.05 33.72
N ASP A 84 -10.86 -21.93 33.13
CA ASP A 84 -10.91 -22.09 31.67
C ASP A 84 -12.19 -21.45 31.19
N ALA A 85 -12.06 -20.36 30.43
CA ALA A 85 -13.23 -19.65 29.92
C ALA A 85 -14.16 -20.59 29.16
N SER A 86 -13.61 -21.60 28.50
CA SER A 86 -14.43 -22.52 27.72
C SER A 86 -15.23 -23.46 28.61
N LYS A 87 -14.69 -23.82 29.78
CA LYS A 87 -15.29 -24.81 30.66
C LYS A 87 -15.34 -24.23 32.08
N VAL A 88 -16.18 -23.21 32.27
CA VAL A 88 -16.37 -22.57 33.56
C VAL A 88 -17.58 -23.20 34.24
N HIS A 89 -17.39 -24.36 34.84
CA HIS A 89 -18.47 -25.07 35.50
C HIS A 89 -18.72 -24.52 36.89
N PRO A 90 -19.87 -24.82 37.50
CA PRO A 90 -20.12 -24.37 38.88
C PRO A 90 -19.35 -25.19 39.90
N GLY A 91 -18.02 -25.03 39.89
CA GLY A 91 -17.15 -25.79 40.76
C GLY A 91 -16.40 -24.92 41.75
N VAL A 92 -17.12 -24.37 42.73
CA VAL A 92 -16.51 -23.53 43.76
C VAL A 92 -15.91 -22.30 43.08
N ILE A 93 -14.60 -22.07 43.28
CA ILE A 93 -13.96 -20.87 42.77
C ILE A 93 -14.72 -19.66 43.30
N SER A 94 -15.08 -19.71 44.58
CA SER A 94 -16.00 -18.76 45.18
C SER A 94 -15.25 -17.75 46.05
N GLY A 95 -15.97 -16.68 46.41
CA GLY A 95 -15.45 -15.68 47.32
C GLY A 95 -14.65 -14.60 46.62
N LEU A 96 -14.82 -13.35 47.05
CA LEU A 96 -13.99 -12.27 46.53
C LEU A 96 -12.54 -12.41 46.97
N ASN A 97 -12.30 -13.07 48.10
CA ASN A 97 -10.95 -13.17 48.65
C ASN A 97 -10.15 -14.31 48.04
N SER A 98 -10.81 -15.33 47.53
CA SER A 98 -10.09 -16.46 46.92
C SER A 98 -9.37 -15.99 45.66
N PRO A 99 -8.06 -16.16 45.54
CA PRO A 99 -7.36 -15.71 44.33
C PRO A 99 -7.82 -16.49 43.11
N ALA A 100 -7.96 -15.79 41.99
CA ALA A 100 -8.45 -16.39 40.75
C ALA A 100 -7.74 -15.77 39.56
N CYS A 101 -7.47 -16.60 38.55
CA CYS A 101 -6.90 -16.13 37.30
C CYS A 101 -7.46 -16.97 36.17
N MET A 102 -7.67 -16.33 35.02
CA MET A 102 -8.21 -16.99 33.84
C MET A 102 -7.09 -17.35 32.88
N LEU A 103 -7.11 -18.58 32.38
CA LEU A 103 -6.11 -19.01 31.42
C LEU A 103 -6.18 -18.13 30.18
N SER A 104 -5.01 -17.72 29.69
CA SER A 104 -4.96 -16.75 28.59
C SER A 104 -5.46 -17.38 27.30
N ALA A 105 -5.11 -18.64 27.05
CA ALA A 105 -5.51 -19.28 25.79
C ALA A 105 -7.02 -19.32 25.61
N PRO A 106 -7.80 -19.93 26.51
CA PRO A 106 -9.25 -19.95 26.30
C PRO A 106 -9.89 -18.58 26.39
N LEU A 107 -9.30 -17.66 27.16
CA LEU A 107 -9.83 -16.30 27.22
C LEU A 107 -9.63 -15.58 25.90
N GLU A 108 -8.44 -15.69 25.32
CA GLU A 108 -8.18 -15.05 24.03
C GLU A 108 -9.04 -15.65 22.93
N LYS A 109 -9.40 -16.94 23.07
CA LYS A 109 -10.27 -17.58 22.08
C LYS A 109 -11.65 -16.96 22.06
N GLN A 110 -12.15 -16.49 23.21
CA GLN A 110 -13.46 -15.85 23.26
C GLN A 110 -13.39 -14.39 22.86
N LEU A 111 -12.29 -13.70 23.20
CA LEU A 111 -12.17 -12.30 22.82
C LEU A 111 -12.16 -12.15 21.31
N PHE A 112 -11.33 -12.95 20.64
CA PHE A 112 -11.26 -12.92 19.18
C PHE A 112 -11.94 -14.14 18.60
N TYR A 113 -13.18 -14.37 19.04
CA TYR A 113 -13.95 -15.51 18.53
C TYR A 113 -14.26 -15.34 17.05
N TYR A 114 -14.57 -14.12 16.64
CA TYR A 114 -14.97 -13.87 15.26
C TYR A 114 -13.76 -13.86 14.33
N ILE A 115 -14.05 -13.97 13.03
CA ILE A 115 -13.02 -13.98 11.99
C ILE A 115 -13.52 -13.22 10.78
N GLY A 116 -12.61 -12.55 10.09
CA GLY A 116 -12.97 -11.82 8.90
C GLY A 116 -11.73 -11.33 8.17
N THR A 117 -11.97 -10.51 7.15
CA THR A 117 -10.89 -9.93 6.36
C THR A 117 -10.44 -8.64 7.01
N MET A 118 -9.19 -8.62 7.48
CA MET A 118 -8.63 -7.42 8.10
C MET A 118 -8.24 -6.38 7.06
N LEU A 119 -7.54 -6.82 6.02
CA LEU A 119 -6.97 -5.92 5.01
C LEU A 119 -7.80 -6.02 3.74
N PRO A 120 -8.64 -5.04 3.43
CA PRO A 120 -9.54 -5.16 2.28
C PRO A 120 -8.77 -5.28 0.96
N ASN A 121 -9.53 -5.61 -0.08
CA ASN A 121 -9.07 -5.48 -1.45
C ASN A 121 -9.28 -4.06 -1.99
N THR A 122 -9.74 -3.13 -1.14
CA THR A 122 -10.10 -1.80 -1.55
C THR A 122 -8.88 -0.88 -1.54
N ARG A 123 -8.83 0.04 -2.49
CA ARG A 123 -7.77 1.03 -2.52
C ARG A 123 -7.84 1.90 -1.27
N PRO A 124 -6.69 2.36 -0.75
CA PRO A 124 -5.31 2.12 -1.19
C PRO A 124 -4.65 0.90 -0.54
N HIS A 125 -5.45 0.08 0.15
CA HIS A 125 -4.88 -1.05 0.88
C HIS A 125 -4.45 -2.17 -0.07
N SER A 126 -5.15 -2.35 -1.18
CA SER A 126 -4.76 -3.39 -2.14
C SER A 126 -3.35 -3.15 -2.68
N TYR A 127 -2.88 -1.90 -2.67
CA TYR A 127 -1.56 -1.60 -3.18
C TYR A 127 -0.47 -2.00 -2.18
N VAL A 128 -0.72 -1.82 -0.90
CA VAL A 128 0.32 -1.91 0.11
C VAL A 128 0.36 -3.27 0.79
N PHE A 129 -0.79 -3.90 0.99
CA PHE A 129 -0.90 -5.09 1.83
C PHE A 129 -1.42 -6.28 1.05
N TYR A 130 -0.89 -7.45 1.37
CA TYR A 130 -1.56 -8.70 1.03
C TYR A 130 -2.81 -8.84 1.88
N GLN A 131 -3.94 -9.13 1.25
CA GLN A 131 -5.18 -9.30 1.99
C GLN A 131 -5.00 -10.34 3.09
N LEU A 132 -5.53 -10.02 4.27
CA LEU A 132 -5.32 -10.82 5.47
C LEU A 132 -6.65 -11.29 6.03
N ARG A 133 -6.71 -12.55 6.44
CA ARG A 133 -7.88 -13.13 7.10
C ARG A 133 -7.44 -13.71 8.44
N CYS A 134 -7.82 -13.03 9.52
CA CYS A 134 -7.40 -13.40 10.87
C CYS A 134 -8.59 -13.31 11.80
N HIS A 135 -8.45 -13.94 12.97
CA HIS A 135 -9.38 -13.67 14.05
C HIS A 135 -9.24 -12.21 14.48
N LEU A 136 -10.37 -11.57 14.76
CA LEU A 136 -10.33 -10.13 14.99
C LEU A 136 -11.56 -9.66 15.75
N SER A 137 -11.42 -8.47 16.32
CA SER A 137 -12.53 -7.68 16.84
C SER A 137 -12.48 -6.32 16.18
N TYR A 138 -13.60 -5.60 16.19
CA TYR A 138 -13.63 -4.29 15.55
C TYR A 138 -14.56 -3.35 16.29
N VAL A 139 -14.13 -2.09 16.39
CA VAL A 139 -14.96 -0.97 16.82
C VAL A 139 -15.28 -0.15 15.58
N ALA A 140 -16.57 0.13 15.36
CA ALA A 140 -17.01 0.78 14.14
C ALA A 140 -18.06 1.83 14.45
N LEU A 141 -18.03 2.91 13.68
CA LEU A 141 -18.98 4.00 13.86
C LEU A 141 -19.03 4.83 12.59
N SER A 142 -20.13 5.58 12.44
CA SER A 142 -20.32 6.45 11.30
C SER A 142 -21.19 7.62 11.72
N ILE A 143 -20.93 8.77 11.12
CA ILE A 143 -21.65 9.99 11.48
C ILE A 143 -21.86 10.85 10.24
N ASN A 144 -22.49 12.01 10.42
CA ASN A 144 -22.76 12.93 9.32
C ASN A 144 -23.57 12.23 8.22
N GLY A 145 -24.61 11.52 8.64
CA GLY A 145 -25.38 10.75 7.68
C GLY A 145 -24.57 9.67 7.01
N ASP A 146 -23.72 8.99 7.77
CA ASP A 146 -22.84 7.92 7.27
C ASP A 146 -21.80 8.44 6.27
N LYS A 147 -21.63 9.76 6.16
CA LYS A 147 -20.63 10.30 5.25
C LYS A 147 -19.21 10.20 5.78
N PHE A 148 -19.04 10.06 7.10
CA PHE A 148 -17.72 9.86 7.69
C PHE A 148 -17.77 8.61 8.56
N GLN A 149 -16.90 7.65 8.26
CA GLN A 149 -16.89 6.36 8.93
C GLN A 149 -15.52 6.11 9.52
N TYR A 150 -15.48 5.33 10.60
CA TYR A 150 -14.23 4.86 11.17
C TYR A 150 -14.40 3.43 11.63
N THR A 151 -13.43 2.57 11.30
CA THR A 151 -13.45 1.17 11.67
C THR A 151 -12.13 0.83 12.31
N GLY A 152 -12.18 0.29 13.52
CA GLY A 152 -10.97 -0.08 14.23
C GLY A 152 -10.82 -1.58 14.38
N ALA A 153 -10.40 -2.26 13.31
CA ALA A 153 -10.18 -3.70 13.37
C ALA A 153 -8.84 -4.01 14.00
N MET A 154 -8.77 -5.12 14.72
CA MET A 154 -7.62 -5.41 15.55
C MET A 154 -7.48 -6.91 15.77
N THR A 155 -6.26 -7.33 16.07
CA THR A 155 -5.95 -8.66 16.59
C THR A 155 -5.42 -8.52 18.01
N SER A 156 -4.84 -9.60 18.51
CA SER A 156 -4.08 -9.56 19.76
C SER A 156 -2.63 -9.12 19.54
N LYS A 157 -2.31 -8.62 18.34
CA LYS A 157 -0.94 -8.31 17.96
C LYS A 157 -0.78 -6.94 17.31
N PHE A 158 -1.71 -6.52 16.45
CA PHE A 158 -1.65 -5.20 15.85
C PHE A 158 -3.05 -4.65 15.64
N LEU A 159 -3.13 -3.32 15.62
CA LEU A 159 -4.38 -2.61 15.39
C LEU A 159 -4.31 -1.90 14.05
N MET A 160 -5.49 -1.65 13.48
CA MET A 160 -5.56 -0.89 12.22
C MET A 160 -6.86 -0.10 12.23
N GLY A 161 -6.74 1.23 12.36
CA GLY A 161 -7.89 2.11 12.32
C GLY A 161 -7.95 2.82 10.98
N THR A 162 -9.09 2.65 10.30
CA THR A 162 -9.29 3.22 8.97
C THR A 162 -10.33 4.32 9.03
N TYR A 163 -9.94 5.51 8.60
CA TYR A 163 -10.90 6.59 8.39
C TYR A 163 -11.41 6.55 6.96
N LYS A 164 -12.64 7.01 6.77
CA LYS A 164 -13.21 7.10 5.42
C LYS A 164 -14.23 8.22 5.40
N ARG A 165 -13.99 9.20 4.53
CA ARG A 165 -14.90 10.32 4.34
C ARG A 165 -15.45 10.27 2.92
N VAL A 166 -16.73 10.58 2.78
CA VAL A 166 -17.42 10.58 1.50
C VAL A 166 -17.88 12.01 1.23
N THR A 167 -17.30 12.64 0.21
CA THR A 167 -17.71 13.98 -0.18
C THR A 167 -19.11 13.94 -0.77
N GLU A 168 -19.58 15.10 -1.22
CA GLU A 168 -20.88 15.15 -1.89
C GLU A 168 -20.81 14.51 -3.27
N LYS A 169 -19.75 14.82 -4.04
CA LYS A 169 -19.57 14.19 -5.34
C LYS A 169 -19.43 12.68 -5.25
N GLY A 170 -19.00 12.17 -4.10
CA GLY A 170 -18.82 10.73 -3.91
C GLY A 170 -17.39 10.31 -3.72
N ASP A 171 -16.43 11.18 -4.01
CA ASP A 171 -15.03 10.86 -3.78
C ASP A 171 -14.84 10.33 -2.36
N GLU A 172 -14.19 9.18 -2.24
CA GLU A 172 -13.99 8.52 -0.96
C GLU A 172 -12.53 8.66 -0.56
N HIS A 173 -12.28 9.41 0.51
CA HIS A 173 -10.94 9.60 1.04
C HIS A 173 -10.71 8.65 2.20
N VAL A 174 -9.58 7.95 2.18
CA VAL A 174 -9.28 6.91 3.15
C VAL A 174 -7.91 7.18 3.76
N LEU A 175 -7.78 6.83 5.04
CA LEU A 175 -6.53 6.99 5.76
C LEU A 175 -6.53 5.97 6.88
N SER A 176 -5.46 5.17 6.97
CA SER A 176 -5.38 4.07 7.92
C SER A 176 -4.17 4.22 8.82
N LEU A 177 -4.35 3.89 10.10
CA LEU A 177 -3.30 3.93 11.10
C LEU A 177 -3.13 2.53 11.67
N VAL A 178 -1.92 1.99 11.55
CA VAL A 178 -1.59 0.67 12.07
C VAL A 178 -0.72 0.85 13.31
N PHE A 179 -1.06 0.16 14.38
CA PHE A 179 -0.30 0.21 15.62
C PHE A 179 -0.09 -1.20 16.14
N GLY A 180 1.13 -1.48 16.58
CA GLY A 180 1.44 -2.77 17.16
C GLY A 180 2.94 -2.95 17.24
N LYS A 181 3.33 -4.17 17.63
CA LYS A 181 4.74 -4.51 17.65
C LYS A 181 5.27 -4.64 16.22
N THR A 182 6.46 -4.09 15.99
CA THR A 182 7.01 -4.06 14.64
C THR A 182 7.00 -5.46 14.02
N LYS A 183 7.57 -6.44 14.73
CA LYS A 183 7.63 -7.79 14.19
C LYS A 183 6.25 -8.32 13.85
N ASP A 184 5.24 -7.94 14.63
CA ASP A 184 3.88 -8.45 14.45
C ASP A 184 3.07 -7.65 13.42
N LEU A 185 3.71 -6.76 12.67
CA LEU A 185 2.99 -5.96 11.68
C LEU A 185 2.59 -6.82 10.49
N PRO A 186 1.52 -6.44 9.80
CA PRO A 186 1.04 -7.25 8.66
C PRO A 186 2.09 -7.35 7.55
N ASP A 187 1.82 -8.23 6.60
CA ASP A 187 2.77 -8.50 5.54
C ASP A 187 2.69 -7.45 4.44
N LEU A 188 3.86 -7.00 3.98
CA LEU A 188 3.95 -5.95 2.99
C LEU A 188 4.05 -6.54 1.59
N ARG A 189 3.31 -5.93 0.67
CA ARG A 189 3.24 -6.35 -0.72
C ARG A 189 4.13 -5.44 -1.56
N GLY A 190 4.67 -6.00 -2.64
CA GLY A 190 5.41 -5.22 -3.60
C GLY A 190 6.60 -4.53 -2.97
N PRO A 191 6.98 -3.37 -3.50
CA PRO A 191 8.25 -2.74 -3.11
C PRO A 191 8.25 -2.08 -1.75
N PHE A 192 7.13 -2.07 -1.04
CA PHE A 192 7.03 -1.26 0.17
C PHE A 192 7.82 -1.86 1.31
N SER A 193 8.51 -1.00 2.04
CA SER A 193 9.15 -1.34 3.30
C SER A 193 8.53 -0.49 4.40
N TYR A 194 8.63 -0.96 5.63
CA TYR A 194 7.91 -0.30 6.73
C TYR A 194 8.55 1.00 7.18
N PRO A 195 9.89 1.06 7.30
CA PRO A 195 10.50 2.31 7.78
C PRO A 195 9.99 3.55 7.07
N SER A 196 9.71 3.44 5.76
CA SER A 196 9.26 4.60 5.00
C SER A 196 7.84 5.02 5.36
N LEU A 197 7.05 4.14 5.99
CA LEU A 197 5.68 4.45 6.38
C LEU A 197 5.50 4.68 7.86
N THR A 198 6.53 4.44 8.67
CA THR A 198 6.41 4.62 10.11
C THR A 198 6.43 6.11 10.46
N SER A 199 5.47 6.54 11.29
CA SER A 199 5.43 7.90 11.81
C SER A 199 6.00 8.01 13.22
N ALA A 200 6.01 6.92 13.98
CA ALA A 200 6.62 6.88 15.29
C ALA A 200 7.05 5.46 15.57
N GLN A 201 8.26 5.30 16.11
CA GLN A 201 8.80 3.97 16.39
C GLN A 201 9.37 3.92 17.79
N SER A 202 9.36 2.71 18.36
CA SER A 202 9.90 2.45 19.68
C SER A 202 10.74 1.17 19.61
N GLY A 203 11.25 0.77 20.76
CA GLY A 203 12.09 -0.42 20.82
C GLY A 203 11.42 -1.62 20.18
N ASP A 204 10.11 -1.77 20.39
CA ASP A 204 9.38 -2.93 19.88
C ASP A 204 8.13 -2.53 19.11
N TYR A 205 7.56 -1.37 19.43
CA TYR A 205 6.31 -0.93 18.83
C TYR A 205 6.58 0.08 17.72
N SER A 206 5.55 0.30 16.90
CA SER A 206 5.64 1.23 15.78
C SER A 206 4.24 1.65 15.38
N LEU A 207 4.13 2.90 14.91
CA LEU A 207 2.87 3.47 14.43
C LEU A 207 3.02 3.77 12.94
N VAL A 208 2.27 3.05 12.11
CA VAL A 208 2.38 3.18 10.66
C VAL A 208 1.14 3.90 10.14
N ILE A 209 1.34 4.70 9.09
CA ILE A 209 0.27 5.37 8.39
C ILE A 209 0.20 4.83 6.97
N VAL A 210 -1.02 4.62 6.47
CA VAL A 210 -1.27 4.05 5.15
C VAL A 210 -2.33 4.91 4.47
N THR A 211 -1.93 5.64 3.44
CA THR A 211 -2.85 6.43 2.64
C THR A 211 -2.11 6.88 1.39
N THR A 212 -2.83 7.59 0.52
CA THR A 212 -2.26 8.15 -0.69
C THR A 212 -1.93 9.63 -0.48
N PHE A 213 -1.00 10.12 -1.29
CA PHE A 213 -0.63 11.53 -1.21
C PHE A 213 -1.84 12.42 -1.39
N VAL A 214 -2.71 12.09 -2.34
CA VAL A 214 -3.88 12.91 -2.61
C VAL A 214 -4.85 12.88 -1.42
N HIS A 215 -5.08 11.69 -0.85
CA HIS A 215 -5.98 11.58 0.30
C HIS A 215 -5.40 12.28 1.51
N TYR A 216 -4.13 12.01 1.83
CA TYR A 216 -3.49 12.69 2.96
C TYR A 216 -3.60 14.20 2.85
N ALA A 217 -3.59 14.72 1.62
CA ALA A 217 -3.77 16.15 1.43
C ALA A 217 -5.15 16.60 1.86
N ASN A 218 -6.16 15.75 1.68
CA ASN A 218 -7.52 16.13 2.04
C ASN A 218 -7.72 16.10 3.55
N PHE A 219 -7.17 15.08 4.23
CA PHE A 219 -7.32 14.98 5.67
C PHE A 219 -6.52 16.07 6.39
N HIS A 220 -5.34 16.42 5.86
CA HIS A 220 -4.46 17.34 6.56
C HIS A 220 -5.05 18.75 6.66
N ASN A 221 -6.12 19.06 5.94
CA ASN A 221 -6.73 20.38 6.05
C ASN A 221 -7.52 20.55 7.34
N TYR A 222 -7.97 19.44 7.94
CA TYR A 222 -8.74 19.51 9.17
C TYR A 222 -8.32 18.47 10.20
N PHE A 223 -7.33 17.64 9.91
CA PHE A 223 -6.96 16.51 10.77
C PHE A 223 -5.44 16.42 10.78
N VAL A 224 -4.82 17.07 11.75
CA VAL A 224 -3.36 17.06 11.92
C VAL A 224 -3.04 16.29 13.20
N PRO A 225 -2.94 14.96 13.13
CA PRO A 225 -2.71 14.18 14.35
C PRO A 225 -1.43 14.58 15.06
N ASN A 226 -1.43 14.39 16.37
CA ASN A 226 -0.20 14.45 17.17
C ASN A 226 0.37 13.04 17.33
N LEU A 227 0.70 12.45 16.17
CA LEU A 227 1.11 11.06 16.12
C LEU A 227 2.13 10.72 17.20
N LYS A 228 3.02 11.66 17.52
CA LYS A 228 4.02 11.41 18.54
C LYS A 228 3.37 11.20 19.90
N ASP A 229 2.46 12.11 20.28
CA ASP A 229 1.82 12.02 21.59
C ASP A 229 0.90 10.82 21.67
N MET A 230 0.13 10.54 20.60
CA MET A 230 -0.72 9.35 20.59
C MET A 230 0.11 8.09 20.83
N PHE A 231 1.25 7.99 20.16
CA PHE A 231 2.09 6.82 20.30
C PHE A 231 2.62 6.68 21.72
N SER A 232 3.10 7.77 22.31
CA SER A 232 3.61 7.73 23.67
C SER A 232 2.56 7.21 24.64
N ARG A 233 1.38 7.84 24.64
CA ARG A 233 0.28 7.36 25.48
C ARG A 233 0.02 5.88 25.25
N ALA A 234 -0.12 5.48 23.99
CA ALA A 234 -0.49 4.10 23.67
C ALA A 234 0.50 3.10 24.25
N VAL A 235 1.78 3.46 24.27
CA VAL A 235 2.80 2.52 24.75
C VAL A 235 2.95 2.63 26.26
N THR A 236 3.18 3.83 26.77
CA THR A 236 3.59 4.01 28.16
C THR A 236 2.47 3.73 29.16
N MET A 237 1.21 3.80 28.73
CA MET A 237 0.09 3.67 29.65
C MET A 237 -0.33 2.21 29.80
N THR A 238 -1.06 1.94 30.88
CA THR A 238 -1.67 0.64 31.13
C THR A 238 -3.07 0.60 30.51
N ALA A 239 -3.54 -0.63 30.26
CA ALA A 239 -4.79 -0.81 29.53
C ALA A 239 -5.94 -0.11 30.22
N ALA A 240 -6.04 -0.26 31.55
CA ALA A 240 -7.13 0.38 32.28
C ALA A 240 -6.92 1.89 32.39
N SER A 241 -5.70 2.31 32.74
CA SER A 241 -5.40 3.73 32.81
C SER A 241 -5.60 4.41 31.46
N TYR A 242 -5.23 3.71 30.37
CA TYR A 242 -5.43 4.28 29.04
C TYR A 242 -6.92 4.32 28.69
N ALA A 243 -7.62 3.20 28.89
CA ALA A 243 -9.05 3.17 28.59
C ALA A 243 -9.79 4.26 29.35
N ARG A 244 -9.33 4.60 30.55
CA ARG A 244 -10.00 5.65 31.32
C ARG A 244 -9.64 7.04 30.80
N TYR A 245 -8.42 7.23 30.31
CA TYR A 245 -8.07 8.49 29.66
C TYR A 245 -9.05 8.80 28.54
N VAL A 246 -9.34 7.80 27.71
CA VAL A 246 -10.30 7.98 26.62
C VAL A 246 -11.70 8.18 27.17
N LEU A 247 -12.06 7.42 28.21
CA LEU A 247 -13.41 7.49 28.74
C LEU A 247 -13.76 8.92 29.17
N GLN A 248 -12.88 9.57 29.93
CA GLN A 248 -13.13 10.95 30.32
C GLN A 248 -13.40 11.82 29.12
N LYS A 249 -12.50 11.77 28.12
CA LYS A 249 -12.67 12.58 26.92
C LYS A 249 -14.10 12.51 26.42
N LEU A 250 -14.63 11.29 26.27
CA LEU A 250 -15.98 11.12 25.75
C LEU A 250 -17.02 11.64 26.74
N VAL A 251 -16.91 11.25 28.01
CA VAL A 251 -17.88 11.71 29.01
C VAL A 251 -17.95 13.23 29.02
N LEU A 252 -16.79 13.88 29.14
CA LEU A 252 -16.74 15.34 29.12
C LEU A 252 -17.12 15.90 27.76
N LEU A 253 -17.08 15.09 26.71
CA LEU A 253 -17.49 15.54 25.38
C LEU A 253 -18.98 15.38 25.13
N GLU A 254 -19.61 14.33 25.67
CA GLU A 254 -21.05 14.15 25.45
C GLU A 254 -21.83 15.31 26.06
N MET A 255 -21.46 15.74 27.26
CA MET A 255 -21.93 17.02 27.75
C MET A 255 -21.12 18.13 27.10
N LYS A 256 -21.70 19.32 27.07
CA LYS A 256 -21.17 20.45 26.32
C LYS A 256 -21.31 20.26 24.82
N GLY A 257 -22.18 19.35 24.40
CA GLY A 257 -22.66 19.30 23.03
C GLY A 257 -21.67 18.77 22.02
N GLY A 258 -20.95 17.71 22.35
CA GLY A 258 -19.97 17.17 21.44
C GLY A 258 -20.55 16.29 20.34
N CYS A 259 -21.24 15.22 20.72
CA CYS A 259 -21.56 14.15 19.79
C CYS A 259 -22.99 14.19 19.27
N ARG A 260 -23.79 15.20 19.66
CA ARG A 260 -25.08 15.41 18.99
C ARG A 260 -24.88 16.06 17.62
N GLU A 261 -23.83 16.87 17.48
CA GLU A 261 -23.43 17.45 16.20
C GLU A 261 -21.93 17.26 16.05
N PRO A 262 -21.49 16.02 15.80
CA PRO A 262 -20.04 15.75 15.80
C PRO A 262 -19.30 16.56 14.76
N GLU A 263 -18.07 16.94 15.09
CA GLU A 263 -17.22 17.77 14.24
C GLU A 263 -16.07 16.94 13.70
N LEU A 264 -15.66 17.24 12.47
CA LEU A 264 -14.45 16.63 11.90
C LEU A 264 -13.26 17.48 12.35
N ASP A 265 -12.93 17.32 13.62
CA ASP A 265 -11.85 18.05 14.27
C ASP A 265 -10.65 17.12 14.44
N THR A 266 -9.48 17.71 14.63
CA THR A 266 -8.31 16.91 14.96
C THR A 266 -8.53 16.16 16.27
N GLU A 267 -9.10 16.82 17.27
CA GLU A 267 -9.35 16.15 18.55
C GLU A 267 -10.42 15.08 18.40
N THR A 268 -11.50 15.39 17.69
CA THR A 268 -12.58 14.43 17.54
C THR A 268 -12.10 13.16 16.86
N LEU A 269 -11.49 13.30 15.68
CA LEU A 269 -10.99 12.14 14.95
C LEU A 269 -9.88 11.44 15.72
N THR A 270 -9.05 12.19 16.44
CA THR A 270 -8.03 11.58 17.29
C THR A 270 -8.68 10.60 18.27
N THR A 271 -9.75 11.04 18.95
CA THR A 271 -10.34 10.21 19.99
C THR A 271 -10.87 8.91 19.42
N MET A 272 -11.44 8.95 18.21
CA MET A 272 -11.95 7.73 17.59
C MET A 272 -10.88 6.66 17.53
N PHE A 273 -9.68 7.01 17.08
CA PHE A 273 -8.60 6.03 17.06
C PHE A 273 -8.24 5.59 18.48
N GLU A 274 -8.14 6.54 19.41
CA GLU A 274 -7.84 6.20 20.80
C GLU A 274 -8.82 5.18 21.36
N VAL A 275 -10.10 5.27 20.97
CA VAL A 275 -11.06 4.26 21.36
C VAL A 275 -10.57 2.88 20.91
N SER A 276 -10.13 2.78 19.65
CA SER A 276 -9.62 1.51 19.13
C SER A 276 -8.48 0.99 19.97
N VAL A 277 -7.52 1.86 20.32
CA VAL A 277 -6.35 1.42 21.07
C VAL A 277 -6.77 0.87 22.43
N ALA A 278 -7.75 1.51 23.06
CA ALA A 278 -8.16 1.10 24.40
C ALA A 278 -8.63 -0.36 24.40
N PHE A 279 -9.43 -0.73 23.40
CA PHE A 279 -9.86 -2.12 23.28
C PHE A 279 -8.70 -3.01 22.84
N PHE A 280 -7.77 -2.47 22.04
CA PHE A 280 -6.66 -3.27 21.57
C PHE A 280 -5.67 -3.55 22.70
N LYS A 281 -5.39 -2.56 23.55
CA LYS A 281 -4.40 -2.76 24.61
C LYS A 281 -4.81 -3.89 25.55
N VAL A 282 -6.10 -3.99 25.89
CA VAL A 282 -6.56 -5.05 26.78
C VAL A 282 -6.30 -6.41 26.15
N GLY A 283 -6.74 -6.60 24.91
CA GLY A 283 -6.51 -7.87 24.23
C GLY A 283 -5.04 -8.15 24.00
N HIS A 284 -4.28 -7.11 23.64
CA HIS A 284 -2.86 -7.28 23.41
C HIS A 284 -2.17 -7.80 24.67
N ALA A 285 -2.58 -7.29 25.84
CA ALA A 285 -1.97 -7.72 27.09
C ALA A 285 -2.24 -9.19 27.36
N VAL A 286 -3.47 -9.64 27.12
CA VAL A 286 -3.82 -11.03 27.38
C VAL A 286 -3.10 -11.96 26.41
N GLY A 287 -2.88 -11.52 25.18
CA GLY A 287 -2.21 -12.37 24.21
C GLY A 287 -0.72 -12.47 24.49
N GLU A 288 -0.10 -11.37 24.93
CA GLU A 288 1.34 -11.34 25.18
C GLU A 288 1.66 -11.94 26.54
N THR A 289 1.13 -13.13 26.83
CA THR A 289 1.40 -13.83 28.09
C THR A 289 2.18 -15.11 27.90
N GLY A 290 2.14 -15.71 26.71
CA GLY A 290 2.91 -16.91 26.44
C GLY A 290 2.33 -18.15 27.07
N ASN A 291 1.01 -18.32 26.96
CA ASN A 291 0.33 -19.49 27.50
C ASN A 291 0.40 -19.48 29.03
N GLY A 292 -0.11 -18.41 29.64
CA GLY A 292 -0.17 -18.30 31.08
C GLY A 292 -1.59 -18.06 31.56
N CYS A 293 -1.74 -17.35 32.68
CA CYS A 293 -3.07 -17.00 33.17
C CYS A 293 -3.03 -15.55 33.65
N VAL A 294 -4.21 -14.92 33.65
CA VAL A 294 -4.36 -13.51 33.96
C VAL A 294 -5.19 -13.36 35.22
N ASP A 295 -4.65 -12.65 36.20
CA ASP A 295 -5.36 -12.46 37.46
C ASP A 295 -6.73 -11.84 37.22
N LEU A 296 -7.68 -12.20 38.08
CA LEU A 296 -9.05 -11.74 37.89
C LEU A 296 -9.22 -10.29 38.31
N ARG A 297 -8.52 -9.85 39.36
CA ARG A 297 -8.60 -8.46 39.76
C ARG A 297 -8.17 -7.53 38.63
N TRP A 298 -7.23 -7.97 37.80
CA TRP A 298 -6.84 -7.18 36.64
C TRP A 298 -7.93 -7.20 35.57
N LEU A 299 -8.46 -8.39 35.29
CA LEU A 299 -9.54 -8.52 34.30
C LEU A 299 -10.72 -7.63 34.67
N ALA A 300 -11.15 -7.68 35.94
CA ALA A 300 -12.30 -6.90 36.37
C ALA A 300 -12.11 -5.43 36.07
N LYS A 301 -10.97 -4.87 36.47
CA LYS A 301 -10.75 -3.44 36.30
C LYS A 301 -10.66 -3.08 34.81
N SER A 302 -10.00 -3.92 34.01
CA SER A 302 -9.81 -3.59 32.60
C SER A 302 -11.11 -3.71 31.81
N PHE A 303 -11.86 -4.79 32.04
CA PHE A 303 -13.11 -4.98 31.30
C PHE A 303 -14.24 -4.10 31.82
N PHE A 304 -14.15 -3.62 33.06
CA PHE A 304 -15.08 -2.58 33.50
C PHE A 304 -14.88 -1.30 32.70
N GLU A 305 -13.62 -0.88 32.52
CA GLU A 305 -13.36 0.31 31.75
C GLU A 305 -13.89 0.19 30.33
N LEU A 306 -13.73 -1.00 29.72
CA LEU A 306 -14.23 -1.20 28.37
C LEU A 306 -15.76 -1.24 28.35
N THR A 307 -16.38 -1.87 29.35
CA THR A 307 -17.84 -1.88 29.40
C THR A 307 -18.39 -0.47 29.54
N VAL A 308 -17.77 0.35 30.39
CA VAL A 308 -18.20 1.74 30.51
C VAL A 308 -17.86 2.51 29.23
N LEU A 309 -16.71 2.21 28.64
CA LEU A 309 -16.31 2.88 27.40
C LEU A 309 -17.17 2.43 26.23
N LYS A 310 -17.71 1.21 26.28
CA LYS A 310 -18.53 0.71 25.18
C LYS A 310 -19.89 1.40 25.17
N ASP A 311 -20.45 1.67 26.36
CA ASP A 311 -21.74 2.34 26.44
C ASP A 311 -21.65 3.79 25.99
N ILE A 312 -20.55 4.47 26.31
CA ILE A 312 -20.45 5.89 26.01
C ILE A 312 -20.26 6.10 24.51
N ILE A 313 -19.54 5.19 23.85
CA ILE A 313 -19.38 5.31 22.39
C ILE A 313 -20.65 4.87 21.67
N GLY A 314 -21.50 4.07 22.31
CA GLY A 314 -22.78 3.70 21.76
C GLY A 314 -23.77 4.84 21.84
N ILE A 315 -23.83 5.51 22.99
CA ILE A 315 -24.73 6.65 23.15
C ILE A 315 -24.31 7.78 22.24
N CYS A 316 -23.02 8.13 22.25
CA CYS A 316 -22.55 9.32 21.52
C CYS A 316 -22.64 9.11 20.02
N TYR A 317 -21.94 8.10 19.50
CA TYR A 317 -21.81 7.89 18.07
C TYR A 317 -22.63 6.73 17.54
N GLY A 318 -23.29 5.96 18.40
CA GLY A 318 -23.89 4.73 17.94
C GLY A 318 -22.88 3.70 17.54
N ALA A 319 -21.67 3.80 18.06
CA ALA A 319 -20.61 2.86 17.70
C ALA A 319 -20.99 1.44 18.11
N THR A 320 -20.34 0.49 17.45
CA THR A 320 -20.58 -0.93 17.69
C THR A 320 -19.27 -1.62 18.03
N VAL A 321 -19.33 -2.56 18.96
CA VAL A 321 -18.19 -3.38 19.34
C VAL A 321 -18.57 -4.82 19.09
N LYS A 322 -17.79 -5.49 18.25
CA LYS A 322 -17.96 -6.93 17.98
C LYS A 322 -16.64 -7.59 18.36
N GLY A 323 -16.59 -8.13 19.57
CA GLY A 323 -15.39 -8.76 20.08
C GLY A 323 -14.99 -8.16 21.41
N MET A 324 -13.86 -8.64 21.92
CA MET A 324 -13.38 -8.24 23.25
C MET A 324 -14.48 -8.44 24.28
N GLN A 325 -15.20 -9.55 24.14
CA GLN A 325 -16.29 -9.91 25.05
C GLN A 325 -16.16 -11.39 25.35
N SER A 326 -15.80 -11.72 26.58
CA SER A 326 -15.67 -13.10 27.02
C SER A 326 -16.89 -13.46 27.88
N TYR A 327 -17.73 -14.36 27.38
CA TYR A 327 -18.85 -14.80 28.19
C TYR A 327 -18.37 -15.59 29.40
N GLY A 328 -17.28 -16.34 29.24
CA GLY A 328 -16.71 -17.04 30.38
C GLY A 328 -16.38 -16.10 31.54
N LEU A 329 -15.87 -14.92 31.22
CA LEU A 329 -15.65 -13.92 32.27
C LEU A 329 -16.97 -13.43 32.85
N GLU A 330 -17.94 -13.13 31.98
CA GLU A 330 -19.27 -12.76 32.44
C GLU A 330 -19.86 -13.84 33.34
N ARG A 331 -19.54 -15.10 33.07
CA ARG A 331 -20.01 -16.20 33.91
C ARG A 331 -19.30 -16.18 35.26
N LEU A 332 -17.97 -16.01 35.24
CA LEU A 332 -17.21 -16.01 36.49
C LEU A 332 -17.60 -14.83 37.37
N ALA A 333 -17.79 -13.66 36.77
CA ALA A 333 -18.19 -12.49 37.53
C ALA A 333 -19.58 -12.66 38.12
N ALA A 334 -20.43 -13.47 37.48
CA ALA A 334 -21.78 -13.68 37.98
C ALA A 334 -21.80 -14.60 39.19
N MET A 335 -20.96 -15.64 39.19
CA MET A 335 -20.89 -16.53 40.35
C MET A 335 -20.43 -15.77 41.59
N LEU A 336 -19.33 -15.02 41.46
CA LEU A 336 -18.77 -14.31 42.60
C LEU A 336 -19.79 -13.37 43.23
N MET A 337 -20.71 -12.81 42.44
CA MET A 337 -21.75 -11.94 42.97
C MET A 337 -22.85 -12.70 43.70
N ALA A 338 -22.89 -14.02 43.57
CA ALA A 338 -23.80 -14.83 44.36
C ALA A 338 -23.26 -15.16 45.73
N THR A 339 -21.98 -14.86 46.00
CA THR A 339 -21.35 -15.23 47.26
C THR A 339 -21.50 -14.13 48.32
N VAL A 340 -21.50 -12.87 47.92
CA VAL A 340 -21.56 -11.75 48.84
C VAL A 340 -22.96 -11.18 48.86
N LYS A 341 -23.33 -10.61 50.01
CA LYS A 341 -24.65 -10.01 50.19
C LYS A 341 -24.58 -8.54 49.79
N MET A 342 -25.37 -8.17 48.79
CA MET A 342 -25.32 -6.81 48.25
C MET A 342 -25.82 -5.80 49.28
N GLU A 343 -26.79 -6.17 50.12
CA GLU A 343 -27.32 -5.25 51.11
C GLU A 343 -26.22 -4.74 52.05
N GLU A 344 -25.16 -5.53 52.23
CA GLU A 344 -24.06 -5.18 53.13
C GLU A 344 -22.75 -5.01 52.39
N LEU A 345 -22.79 -4.83 51.07
CA LEU A 345 -21.57 -4.69 50.30
C LEU A 345 -20.71 -3.55 50.83
N GLY A 346 -21.35 -2.44 51.24
CA GLY A 346 -20.62 -1.29 51.74
C GLY A 346 -19.87 -1.54 53.03
N HIS A 347 -20.14 -2.64 53.71
CA HIS A 347 -19.41 -3.00 54.92
C HIS A 347 -18.07 -3.65 54.63
N LEU A 348 -17.72 -3.85 53.37
CA LEU A 348 -16.46 -4.48 53.02
C LEU A 348 -15.37 -3.43 52.82
N THR A 349 -14.14 -3.92 52.64
CA THR A 349 -13.01 -3.05 52.35
C THR A 349 -13.29 -2.21 51.10
N THR A 350 -12.61 -1.07 51.03
CA THR A 350 -12.73 -0.22 49.84
C THR A 350 -12.18 -0.92 48.60
N GLU A 351 -11.07 -1.64 48.74
CA GLU A 351 -10.54 -2.40 47.62
C GLU A 351 -11.53 -3.46 47.16
N LYS A 352 -12.11 -4.20 48.11
CA LYS A 352 -13.06 -5.25 47.77
C LYS A 352 -14.40 -4.65 47.33
N GLN A 353 -14.75 -3.46 47.81
CA GLN A 353 -15.93 -2.77 47.30
C GLN A 353 -15.83 -2.56 45.80
N GLU A 354 -14.75 -1.90 45.38
CA GLU A 354 -14.56 -1.64 43.96
C GLU A 354 -14.45 -2.94 43.16
N TYR A 355 -13.77 -3.93 43.72
CA TYR A 355 -13.62 -5.21 43.04
C TYR A 355 -14.97 -5.84 42.75
N ALA A 356 -15.89 -5.79 43.71
CA ALA A 356 -17.22 -6.35 43.50
C ALA A 356 -18.01 -5.51 42.51
N LEU A 357 -18.01 -4.20 42.69
CA LEU A 357 -18.78 -3.33 41.81
C LEU A 357 -18.30 -3.42 40.37
N ARG A 358 -17.01 -3.70 40.16
CA ARG A 358 -16.53 -3.97 38.80
C ARG A 358 -17.14 -5.26 38.28
N LEU A 359 -16.98 -6.36 39.02
CA LEU A 359 -17.55 -7.63 38.58
C LEU A 359 -19.05 -7.51 38.38
N ALA A 360 -19.71 -6.64 39.14
CA ALA A 360 -21.14 -6.45 38.99
C ALA A 360 -21.50 -5.99 37.57
N THR A 361 -20.76 -5.01 37.04
CA THR A 361 -21.06 -4.49 35.71
C THR A 361 -20.61 -5.47 34.63
N VAL A 362 -19.44 -6.10 34.81
CA VAL A 362 -18.92 -7.03 33.82
C VAL A 362 -19.75 -8.30 33.81
N GLY A 363 -20.17 -8.76 34.99
CA GLY A 363 -20.96 -9.98 35.06
C GLY A 363 -22.40 -9.79 34.59
N TYR A 364 -22.95 -8.59 34.76
CA TYR A 364 -24.33 -8.30 34.37
C TYR A 364 -24.32 -7.05 33.50
N PRO A 365 -23.96 -7.19 32.22
CA PRO A 365 -24.02 -6.04 31.31
C PRO A 365 -25.46 -5.60 31.09
N LYS A 366 -25.59 -4.35 30.65
CA LYS A 366 -26.82 -3.57 30.74
C LYS A 366 -27.86 -4.21 31.66
N ALA A 367 -28.06 -3.60 32.83
CA ALA A 367 -28.94 -4.14 33.86
C ALA A 367 -30.39 -4.18 33.38
N GLY A 368 -31.33 -4.30 34.32
CA GLY A 368 -32.69 -4.67 34.02
C GLY A 368 -32.98 -6.14 34.24
N VAL A 369 -31.94 -6.97 34.31
CA VAL A 369 -32.06 -8.40 34.60
C VAL A 369 -32.00 -8.60 36.10
N TYR A 370 -30.80 -8.45 36.68
CA TYR A 370 -30.60 -8.63 38.12
C TYR A 370 -30.70 -7.26 38.78
N SER A 371 -31.90 -6.91 39.24
CA SER A 371 -32.13 -5.62 39.87
C SER A 371 -31.50 -5.51 41.25
N GLY A 372 -30.83 -6.55 41.73
CA GLY A 372 -30.16 -6.50 43.01
C GLY A 372 -28.80 -5.84 42.99
N LEU A 373 -28.32 -5.44 41.81
CA LEU A 373 -27.04 -4.74 41.74
C LEU A 373 -27.13 -3.38 42.41
N ILE A 374 -28.31 -2.75 42.38
CA ILE A 374 -28.46 -1.42 42.96
C ILE A 374 -28.32 -1.50 44.47
N GLY A 375 -28.81 -2.58 45.07
CA GLY A 375 -28.65 -2.76 46.50
C GLY A 375 -27.19 -2.71 46.91
N GLY A 376 -26.31 -3.31 46.10
CA GLY A 376 -24.89 -3.21 46.37
C GLY A 376 -24.40 -1.79 46.21
N ALA A 377 -24.69 -1.17 45.07
CA ALA A 377 -24.26 0.20 44.84
C ALA A 377 -24.80 1.13 45.91
N THR A 378 -26.02 0.88 46.37
CA THR A 378 -26.61 1.72 47.40
C THR A 378 -26.00 1.44 48.77
N SER A 379 -25.63 0.19 49.03
CA SER A 379 -24.93 -0.12 50.27
C SER A 379 -23.57 0.57 50.33
N VAL A 380 -22.95 0.80 49.17
CA VAL A 380 -21.66 1.47 49.14
C VAL A 380 -21.82 2.95 49.37
N LEU A 381 -22.74 3.59 48.63
CA LEU A 381 -22.97 5.02 48.83
C LEU A 381 -23.47 5.32 50.23
N LEU A 382 -24.25 4.41 50.81
CA LEU A 382 -24.74 4.61 52.16
C LEU A 382 -23.61 4.50 53.17
N SER A 383 -22.89 3.38 53.14
CA SER A 383 -21.70 3.26 53.99
C SER A 383 -20.74 4.42 53.77
N ALA A 384 -20.68 4.93 52.54
CA ALA A 384 -19.80 6.06 52.25
C ALA A 384 -20.36 7.35 52.83
N TYR A 385 -21.69 7.47 52.90
CA TYR A 385 -22.31 8.72 53.29
C TYR A 385 -22.24 8.96 54.79
N ASN A 386 -22.22 7.89 55.60
CA ASN A 386 -22.20 8.06 57.04
C ASN A 386 -20.82 8.42 57.57
N ARG A 387 -19.76 8.05 56.84
CA ARG A 387 -18.40 8.40 57.23
C ARG A 387 -17.92 9.68 56.57
N HIS A 388 -18.62 10.18 55.56
CA HIS A 388 -18.16 11.36 54.84
C HIS A 388 -18.43 12.61 55.67
N PRO A 389 -17.47 13.53 55.79
CA PRO A 389 -17.75 14.80 56.48
C PRO A 389 -18.79 15.61 55.72
N LEU A 390 -19.72 16.19 56.47
CA LEU A 390 -20.90 16.75 55.85
C LEU A 390 -20.57 18.02 55.06
N PHE A 391 -21.24 18.15 53.91
CA PHE A 391 -21.20 19.33 53.06
C PHE A 391 -19.84 19.55 52.41
N GLN A 392 -18.92 18.61 52.55
CA GLN A 392 -17.60 18.74 51.94
C GLN A 392 -17.61 18.18 50.53
N PRO A 393 -16.58 18.51 49.72
CA PRO A 393 -16.54 18.12 48.30
C PRO A 393 -15.97 16.73 48.05
N LEU A 394 -16.53 15.74 48.73
CA LEU A 394 -16.13 14.36 48.52
C LEU A 394 -14.62 14.23 48.64
N HIS A 395 -14.08 13.11 48.18
CA HIS A 395 -12.65 12.89 48.24
C HIS A 395 -12.24 12.11 47.01
N THR A 396 -10.97 12.26 46.63
CA THR A 396 -10.46 11.57 45.46
C THR A 396 -10.79 10.09 45.50
N VAL A 397 -10.52 9.44 46.62
CA VAL A 397 -10.72 7.99 46.72
C VAL A 397 -12.21 7.66 46.70
N MET A 398 -13.01 8.45 47.43
CA MET A 398 -14.45 8.17 47.50
C MET A 398 -15.13 8.48 46.18
N ARG A 399 -14.68 9.53 45.48
CA ARG A 399 -15.24 9.84 44.18
C ARG A 399 -14.98 8.70 43.20
N GLU A 400 -13.80 8.09 43.29
CA GLU A 400 -13.48 6.96 42.42
C GLU A 400 -14.37 5.76 42.72
N THR A 401 -14.61 5.49 44.00
CA THR A 401 -15.42 4.32 44.35
C THR A 401 -16.88 4.52 43.94
N LEU A 402 -17.43 5.72 44.15
CA LEU A 402 -18.81 5.96 43.76
C LEU A 402 -18.97 5.99 42.25
N PHE A 403 -17.92 6.36 41.52
CA PHE A 403 -17.98 6.34 40.06
C PHE A 403 -18.21 4.93 39.53
N ILE A 404 -17.52 3.95 40.12
CA ILE A 404 -17.69 2.57 39.69
C ILE A 404 -19.11 2.11 39.98
N GLY A 405 -19.57 2.31 41.22
CA GLY A 405 -20.90 1.86 41.60
C GLY A 405 -22.03 2.57 40.88
N SER A 406 -21.74 3.71 40.25
CA SER A 406 -22.80 4.49 39.63
C SER A 406 -23.29 3.91 38.31
N HIS A 407 -22.46 3.12 37.63
CA HIS A 407 -22.83 2.63 36.30
CA HIS A 407 -22.87 2.65 36.31
C HIS A 407 -23.96 1.59 36.39
N VAL A 408 -24.05 0.86 37.49
CA VAL A 408 -25.17 -0.07 37.62
C VAL A 408 -26.45 0.73 37.82
N VAL A 409 -26.36 1.89 38.47
CA VAL A 409 -27.51 2.73 38.68
C VAL A 409 -27.89 3.45 37.39
N LEU A 410 -26.89 4.02 36.72
CA LEU A 410 -27.14 4.81 35.52
C LEU A 410 -27.92 3.99 34.49
N ARG A 411 -27.57 2.72 34.32
CA ARG A 411 -28.19 1.91 33.28
C ARG A 411 -29.65 1.63 33.60
N GLU A 412 -29.98 1.39 34.88
CA GLU A 412 -31.37 1.20 35.26
C GLU A 412 -32.19 2.47 35.01
N LEU A 413 -31.57 3.64 35.14
CA LEU A 413 -32.28 4.88 34.88
C LEU A 413 -32.63 5.03 33.41
N ARG A 414 -31.86 4.40 32.52
CA ARG A 414 -32.19 4.40 31.10
C ARG A 414 -33.52 3.71 30.85
N LEU A 415 -33.78 2.61 31.56
CA LEU A 415 -35.04 1.89 31.40
C LEU A 415 -36.17 2.72 32.00
N ASN A 416 -37.26 2.84 31.24
CA ASN A 416 -38.43 3.57 31.73
C ASN A 416 -39.05 2.87 32.94
N VAL A 417 -38.87 1.55 33.05
CA VAL A 417 -39.42 0.84 34.19
C VAL A 417 -38.73 1.29 35.48
N THR A 418 -39.41 1.05 36.61
CA THR A 418 -38.90 1.52 37.90
C THR A 418 -37.60 0.82 38.27
N THR A 419 -37.50 -0.49 38.00
CA THR A 419 -36.33 -1.29 38.35
C THR A 419 -36.13 -1.34 39.87
N GLN A 420 -37.09 -1.96 40.54
CA GLN A 420 -37.02 -2.09 41.99
C GLN A 420 -36.79 -0.71 42.60
N GLY A 421 -37.86 0.08 42.66
CA GLY A 421 -37.78 1.45 43.08
C GLY A 421 -37.05 1.71 44.38
N PRO A 422 -37.53 1.13 45.49
CA PRO A 422 -37.11 1.60 46.82
C PRO A 422 -35.63 1.95 46.95
N ASN A 423 -34.73 1.03 46.60
CA ASN A 423 -33.31 1.30 46.75
C ASN A 423 -32.85 2.40 45.79
N LEU A 424 -33.37 2.41 44.57
CA LEU A 424 -32.94 3.41 43.60
C LEU A 424 -33.26 4.81 44.10
N ALA A 425 -34.40 4.98 44.77
CA ALA A 425 -34.71 6.27 45.37
C ALA A 425 -33.76 6.58 46.50
N LEU A 426 -33.41 5.58 47.31
CA LEU A 426 -32.45 5.78 48.39
C LEU A 426 -31.11 6.25 47.83
N TYR A 427 -30.59 5.54 46.83
CA TYR A 427 -29.33 5.95 46.22
C TYR A 427 -29.41 7.39 45.74
N GLN A 428 -30.54 7.79 45.16
CA GLN A 428 -30.67 9.14 44.63
C GLN A 428 -30.81 10.17 45.74
N LEU A 429 -31.45 9.81 46.85
CA LEU A 429 -31.57 10.76 47.96
C LEU A 429 -30.22 11.01 48.61
N LEU A 430 -29.43 9.95 48.82
CA LEU A 430 -28.07 10.13 49.32
C LEU A 430 -27.26 11.01 48.38
N SER A 431 -27.36 10.75 47.07
CA SER A 431 -26.69 11.59 46.09
C SER A 431 -27.14 13.04 46.22
N THR A 432 -28.41 13.25 46.57
CA THR A 432 -28.91 14.61 46.73
C THR A 432 -28.30 15.28 47.95
N ALA A 433 -28.18 14.55 49.05
CA ALA A 433 -27.57 15.11 50.25
C ALA A 433 -26.12 15.49 49.99
N LEU A 434 -25.43 14.74 49.13
CA LEU A 434 -24.02 14.99 48.87
C LEU A 434 -23.77 16.10 47.85
N CYS A 435 -24.82 16.65 47.22
CA CYS A 435 -24.61 17.78 46.32
C CYS A 435 -24.80 19.05 47.12
N SER A 436 -23.72 19.55 47.69
CA SER A 436 -23.70 20.79 48.44
C SER A 436 -22.99 21.86 47.62
N ALA A 437 -22.93 23.07 48.17
CA ALA A 437 -22.27 24.16 47.47
C ALA A 437 -20.80 23.85 47.21
N LEU A 438 -20.16 23.08 48.10
CA LEU A 438 -18.73 22.82 47.96
C LEU A 438 -18.44 21.67 47.02
N GLU A 439 -19.33 20.68 46.96
CA GLU A 439 -19.18 19.62 45.97
C GLU A 439 -19.31 20.18 44.56
N ILE A 440 -20.28 21.07 44.34
CA ILE A 440 -20.48 21.65 43.01
C ILE A 440 -19.24 22.42 42.58
N GLY A 441 -18.75 23.28 43.47
CA GLY A 441 -17.57 24.09 43.14
C GLY A 441 -16.37 23.24 42.76
N GLU A 442 -16.23 22.08 43.42
CA GLU A 442 -15.11 21.20 43.11
C GLU A 442 -15.30 20.55 41.75
N VAL A 443 -16.52 20.09 41.45
CA VAL A 443 -16.80 19.51 40.14
C VAL A 443 -16.52 20.53 39.05
N LEU A 444 -16.99 21.76 39.24
CA LEU A 444 -16.75 22.81 38.25
C LEU A 444 -15.27 23.06 38.06
N ARG A 445 -14.50 23.09 39.16
CA ARG A 445 -13.06 23.28 39.03
C ARG A 445 -12.42 22.13 38.27
N GLY A 446 -12.95 20.91 38.42
CA GLY A 446 -12.43 19.78 37.67
C GLY A 446 -12.79 19.84 36.20
N LEU A 447 -13.91 20.48 35.87
CA LEU A 447 -14.29 20.66 34.47
C LEU A 447 -13.49 21.78 33.82
N ALA A 448 -13.14 22.82 34.57
CA ALA A 448 -12.33 23.90 34.01
C ALA A 448 -10.91 23.42 33.71
N LEU A 449 -10.39 22.49 34.51
CA LEU A 449 -9.04 21.98 34.34
C LEU A 449 -8.99 20.60 33.71
N GLY A 450 -10.13 19.96 33.50
CA GLY A 450 -10.18 18.64 32.91
C GLY A 450 -9.68 17.53 33.80
N THR A 451 -9.50 17.80 35.09
CA THR A 451 -8.99 16.79 36.03
C THR A 451 -10.03 15.71 36.29
N GLU A 452 -9.81 14.93 37.34
CA GLU A 452 -10.69 13.79 37.64
C GLU A 452 -11.95 14.20 38.40
N SER A 453 -11.93 15.36 39.07
CA SER A 453 -13.07 15.77 39.87
C SER A 453 -14.33 15.91 39.02
N GLY A 454 -14.18 16.21 37.74
CA GLY A 454 -15.32 16.48 36.88
C GLY A 454 -15.90 15.26 36.21
N LEU A 455 -15.16 14.15 36.19
CA LEU A 455 -15.64 12.95 35.53
C LEU A 455 -16.95 12.48 36.15
N PHE A 456 -17.00 12.42 37.49
CA PHE A 456 -18.17 11.95 38.20
C PHE A 456 -18.42 12.77 39.44
N SER A 457 -19.70 12.89 39.79
CA SER A 457 -20.13 13.55 41.00
C SER A 457 -21.44 12.90 41.39
N PRO A 458 -21.70 12.72 42.69
CA PRO A 458 -23.05 12.28 43.09
C PRO A 458 -24.11 13.27 42.70
N CYS A 459 -23.73 14.52 42.43
CA CYS A 459 -24.73 15.53 42.09
C CYS A 459 -25.40 15.26 40.75
N TYR A 460 -24.79 14.46 39.88
CA TYR A 460 -25.37 14.18 38.57
C TYR A 460 -26.63 13.34 38.69
N LEU A 461 -26.58 12.28 39.50
CA LEU A 461 -27.70 11.38 39.68
C LEU A 461 -28.62 11.81 40.80
N SER A 462 -28.51 13.05 41.28
CA SER A 462 -29.30 13.51 42.40
C SER A 462 -30.75 13.71 41.99
N LEU A 463 -31.57 14.08 42.98
CA LEU A 463 -32.95 14.49 42.77
C LEU A 463 -33.10 15.99 42.98
N ARG A 464 -32.10 16.74 42.54
CA ARG A 464 -32.08 18.19 42.68
C ARG A 464 -32.23 18.82 41.30
N PHE A 465 -33.29 19.60 41.11
CA PHE A 465 -33.59 20.23 39.83
C PHE A 465 -33.65 21.75 39.93
N ASP A 466 -33.10 22.33 41.00
CA ASP A 466 -33.13 23.77 41.20
C ASP A 466 -31.84 24.45 40.74
N LEU A 467 -30.92 23.71 40.13
CA LEU A 467 -29.63 24.27 39.72
C LEU A 467 -29.79 24.93 38.36
N THR A 468 -29.68 26.25 38.36
CA THR A 468 -29.72 27.08 37.16
C THR A 468 -28.32 27.57 36.85
N ARG A 469 -28.17 28.24 35.70
CA ARG A 469 -26.87 28.75 35.31
C ARG A 469 -26.37 29.80 36.30
N ASP A 470 -27.16 30.85 36.51
CA ASP A 470 -26.75 31.92 37.42
C ASP A 470 -26.56 31.41 38.85
N LYS A 471 -27.19 30.28 39.21
CA LYS A 471 -26.96 29.70 40.53
C LYS A 471 -25.64 28.95 40.58
N LEU A 472 -25.25 28.30 39.49
CA LEU A 472 -23.95 27.64 39.43
C LEU A 472 -22.82 28.63 39.22
N LEU A 473 -23.08 29.76 38.57
CA LEU A 473 -22.06 30.79 38.44
C LEU A 473 -21.60 31.29 39.81
N SER A 474 -22.52 31.36 40.76
CA SER A 474 -22.16 31.83 42.10
C SER A 474 -21.18 30.88 42.77
N MET A 475 -21.34 29.58 42.56
CA MET A 475 -20.49 28.56 43.15
C MET A 475 -19.27 28.25 42.29
N ALA A 476 -18.99 29.05 41.28
CA ALA A 476 -17.89 28.73 40.38
C ALA A 476 -16.58 29.29 40.91
N PRO A 477 -15.45 28.62 40.65
CA PRO A 477 -14.15 29.16 41.06
C PRO A 477 -13.93 30.61 40.65
N GLN A 478 -13.66 31.47 41.63
CA GLN A 478 -13.40 32.88 41.37
C GLN A 478 -11.92 33.18 41.18
N GLU A 479 -11.09 32.15 41.01
CA GLU A 479 -9.66 32.36 40.87
C GLU A 479 -9.37 33.14 39.60
N ALA A 480 -8.49 34.15 39.72
CA ALA A 480 -8.12 34.95 38.56
C ALA A 480 -7.20 34.18 37.61
N THR A 481 -6.44 33.22 38.14
CA THR A 481 -5.51 32.46 37.30
C THR A 481 -6.24 31.51 36.36
N LEU A 482 -7.42 31.04 36.75
CA LEU A 482 -8.15 30.10 35.91
C LEU A 482 -8.68 30.79 34.65
N ASP A 483 -8.86 29.99 33.61
CA ASP A 483 -9.32 30.51 32.33
C ASP A 483 -10.78 30.90 32.44
N GLN A 484 -11.06 32.20 32.28
CA GLN A 484 -12.43 32.69 32.38
C GLN A 484 -13.36 31.92 31.46
N ALA A 485 -12.88 31.56 30.27
CA ALA A 485 -13.71 30.85 29.30
C ALA A 485 -14.07 29.46 29.80
N ALA A 486 -13.05 28.67 30.19
CA ALA A 486 -13.30 27.30 30.64
C ALA A 486 -14.25 27.26 31.84
N VAL A 487 -14.18 28.28 32.71
CA VAL A 487 -15.10 28.32 33.84
C VAL A 487 -16.53 28.52 33.35
N SER A 488 -16.72 29.44 32.39
CA SER A 488 -18.07 29.66 31.85
C SER A 488 -18.60 28.42 31.16
N ASN A 489 -17.72 27.59 30.59
CA ASN A 489 -18.16 26.36 29.93
C ASN A 489 -18.49 25.27 30.94
N ALA A 490 -17.68 25.13 31.98
CA ALA A 490 -17.97 24.13 33.02
C ALA A 490 -19.39 24.27 33.53
N VAL A 491 -19.83 25.50 33.78
CA VAL A 491 -21.20 25.73 34.24
C VAL A 491 -22.19 25.22 33.21
N ASP A 492 -21.94 25.53 31.93
CA ASP A 492 -22.82 25.02 30.87
C ASP A 492 -22.76 23.50 30.80
N GLY A 493 -21.55 22.95 30.77
CA GLY A 493 -21.41 21.50 30.74
C GLY A 493 -22.08 20.83 31.92
N PHE A 494 -21.79 21.32 33.12
CA PHE A 494 -22.45 20.81 34.31
C PHE A 494 -23.96 20.90 34.15
N LEU A 495 -24.46 22.12 33.91
CA LEU A 495 -25.90 22.30 33.77
C LEU A 495 -26.49 21.40 32.68
N GLY A 496 -25.71 21.11 31.65
CA GLY A 496 -26.16 20.23 30.58
C GLY A 496 -26.27 18.76 30.97
N ARG A 497 -25.70 18.38 32.11
CA ARG A 497 -25.75 17.01 32.59
C ARG A 497 -26.98 16.71 33.45
N LEU A 498 -27.72 17.74 33.87
CA LEU A 498 -28.89 17.57 34.72
C LEU A 498 -30.20 17.96 34.03
N SER A 499 -30.23 17.96 32.69
CA SER A 499 -31.43 18.37 31.98
C SER A 499 -32.57 17.37 32.24
N LEU A 500 -33.76 17.91 32.51
CA LEU A 500 -34.92 17.11 32.90
C LEU A 500 -35.55 16.43 31.69
N GLU A 501 -36.42 17.16 30.99
CA GLU A 501 -37.14 16.63 29.83
C GLU A 501 -36.26 16.88 28.62
N ARG A 502 -35.47 15.87 28.26
CA ARG A 502 -34.16 16.01 27.63
C ARG A 502 -33.23 15.19 28.52
N GLU A 503 -32.16 14.61 27.97
CA GLU A 503 -31.21 13.82 28.76
C GLU A 503 -31.73 12.41 29.03
N ASP A 504 -32.88 12.32 29.72
CA ASP A 504 -33.67 11.09 29.95
C ASP A 504 -33.12 10.23 31.09
N ARG A 505 -32.08 10.67 31.80
CA ARG A 505 -31.53 9.91 32.91
C ARG A 505 -31.69 10.69 34.20
N ASP A 506 -32.89 11.18 34.48
CA ASP A 506 -33.08 12.12 35.59
C ASP A 506 -34.34 11.92 36.43
N ALA A 507 -35.40 11.26 35.95
CA ALA A 507 -36.60 11.13 36.76
C ALA A 507 -37.57 10.14 36.11
N TRP A 508 -38.74 10.00 36.76
CA TRP A 508 -39.94 9.31 36.29
C TRP A 508 -40.13 7.94 36.90
N HIS A 509 -39.07 7.34 37.45
CA HIS A 509 -39.22 6.04 38.10
C HIS A 509 -39.89 6.14 39.46
N LEU A 510 -39.76 7.28 40.13
CA LEU A 510 -40.41 7.48 41.42
C LEU A 510 -41.92 7.61 41.22
N PRO A 511 -42.75 6.77 41.84
CA PRO A 511 -44.20 6.90 41.63
C PRO A 511 -44.74 8.27 42.00
N ALA A 512 -44.07 9.00 42.89
CA ALA A 512 -44.56 10.29 43.33
C ALA A 512 -44.41 11.37 42.28
N TYR A 513 -43.74 11.10 41.17
CA TYR A 513 -43.52 12.15 40.18
C TYR A 513 -44.79 12.45 39.39
N LYS A 514 -45.69 11.47 39.26
CA LYS A 514 -46.94 11.68 38.54
C LYS A 514 -47.91 12.57 39.30
N CYS A 515 -47.68 12.79 40.61
CA CYS A 515 -48.54 13.65 41.40
C CYS A 515 -48.22 15.13 41.25
N VAL A 516 -47.40 15.50 40.25
CA VAL A 516 -46.98 16.87 40.04
C VAL A 516 -47.68 17.42 38.80
N ASP A 517 -47.96 18.72 38.82
CA ASP A 517 -48.67 19.39 37.73
C ASP A 517 -47.72 19.97 36.69
N ARG A 518 -46.75 20.77 37.14
CA ARG A 518 -45.72 21.33 36.26
C ARG A 518 -44.37 20.76 36.67
N LEU A 519 -43.71 20.11 35.72
CA LEU A 519 -42.43 19.46 36.01
C LEU A 519 -41.28 20.46 36.10
N ASP A 520 -41.34 21.55 35.33
CA ASP A 520 -40.27 22.53 35.32
C ASP A 520 -40.20 23.35 36.60
N LYS A 521 -41.21 23.27 37.46
CA LYS A 521 -41.23 24.02 38.71
C LYS A 521 -40.74 23.18 39.89
N VAL A 522 -40.43 21.91 39.68
CA VAL A 522 -39.94 21.07 40.76
C VAL A 522 -38.53 21.49 41.13
N LEU A 523 -38.26 21.57 42.44
CA LEU A 523 -36.95 21.96 42.94
C LEU A 523 -36.17 20.76 43.47
N MET A 524 -36.81 19.89 44.24
CA MET A 524 -36.13 18.76 44.83
C MET A 524 -37.16 17.74 45.26
N ILE A 525 -36.74 16.47 45.29
CA ILE A 525 -37.56 15.38 45.77
C ILE A 525 -36.79 14.64 46.84
N ILE A 526 -37.41 14.45 48.00
CA ILE A 526 -36.81 13.72 49.12
C ILE A 526 -37.64 12.46 49.36
N PRO A 527 -37.23 11.31 48.82
CA PRO A 527 -37.97 10.07 49.10
C PRO A 527 -37.54 9.42 50.40
N LEU A 528 -38.35 9.60 51.44
CA LEU A 528 -38.09 8.98 52.73
C LEU A 528 -38.81 7.64 52.78
N ILE A 529 -38.80 7.02 53.95
CA ILE A 529 -39.48 5.74 54.15
C ILE A 529 -40.95 6.03 54.43
N ASN A 530 -41.84 5.45 53.62
CA ASN A 530 -43.29 5.63 53.70
C ASN A 530 -43.75 7.04 53.33
N VAL A 531 -42.89 7.86 52.72
CA VAL A 531 -43.28 9.20 52.30
C VAL A 531 -42.17 9.84 51.47
N THR A 532 -42.56 10.57 50.43
CA THR A 532 -41.62 11.33 49.60
C THR A 532 -42.16 12.75 49.48
N PHE A 533 -41.30 13.73 49.74
CA PHE A 533 -41.69 15.13 49.70
C PHE A 533 -41.38 15.73 48.34
N ILE A 534 -42.31 16.54 47.84
CA ILE A 534 -42.15 17.25 46.57
C ILE A 534 -41.96 18.72 46.94
N ILE A 535 -40.71 19.17 46.87
CA ILE A 535 -40.40 20.59 47.09
C ILE A 535 -40.42 21.29 45.74
N SER A 536 -41.28 22.29 45.60
CA SER A 536 -41.51 22.93 44.32
C SER A 536 -42.05 24.33 44.55
N SER A 537 -42.07 25.11 43.47
CA SER A 537 -42.78 26.38 43.43
C SER A 537 -44.19 26.23 42.83
N ASP A 538 -44.69 25.00 42.76
CA ASP A 538 -45.95 24.69 42.11
C ASP A 538 -47.02 24.51 43.18
N ARG A 539 -48.04 25.38 43.15
CA ARG A 539 -49.11 25.30 44.14
C ARG A 539 -49.98 24.07 43.90
N GLU A 540 -50.24 23.73 42.64
CA GLU A 540 -51.15 22.64 42.30
C GLU A 540 -50.37 21.32 42.23
N VAL A 541 -50.01 20.81 43.40
CA VAL A 541 -49.36 19.51 43.53
C VAL A 541 -50.28 18.59 44.31
N ARG A 542 -50.54 17.41 43.76
CA ARG A 542 -51.56 16.50 44.29
C ARG A 542 -50.95 15.62 45.37
N GLY A 543 -50.70 16.22 46.53
CA GLY A 543 -50.18 15.53 47.68
C GLY A 543 -51.18 15.44 48.80
N SER A 544 -50.67 15.13 50.00
CA SER A 544 -51.51 15.01 51.18
C SER A 544 -51.67 16.33 51.93
N ALA A 545 -50.68 17.21 51.88
CA ALA A 545 -50.75 18.50 52.53
C ALA A 545 -49.97 19.51 51.70
N LEU A 546 -49.85 20.73 52.21
CA LEU A 546 -49.11 21.78 51.51
C LEU A 546 -48.56 22.75 52.54
N TYR A 547 -47.25 22.73 52.73
CA TYR A 547 -46.56 23.71 53.57
C TYR A 547 -45.98 24.80 52.68
N GLU A 548 -45.98 26.02 53.18
CA GLU A 548 -45.32 27.14 52.51
C GLU A 548 -44.33 27.76 53.49
N ALA A 549 -43.06 27.77 53.14
CA ALA A 549 -42.02 28.32 53.99
C ALA A 549 -41.79 29.78 53.64
N SER A 550 -41.52 30.60 54.65
CA SER A 550 -41.29 32.02 54.45
C SER A 550 -40.31 32.21 53.30
N THR A 551 -40.83 32.51 52.11
CA THR A 551 -39.98 32.68 50.94
C THR A 551 -39.31 34.05 50.94
N THR A 552 -40.13 35.09 50.82
CA THR A 552 -39.75 36.51 50.70
C THR A 552 -40.38 37.04 49.42
N TYR A 553 -40.62 38.36 49.36
CA TYR A 553 -41.10 38.99 48.14
C TYR A 553 -40.13 38.65 47.02
N LEU A 554 -40.50 38.80 45.76
CA LEU A 554 -39.68 38.27 44.66
C LEU A 554 -39.69 36.76 44.82
N SER A 555 -38.67 36.05 44.32
CA SER A 555 -38.68 34.58 44.35
C SER A 555 -39.90 34.07 43.59
N SER A 556 -40.15 32.78 43.67
CA SER A 556 -41.32 32.19 43.04
C SER A 556 -42.33 31.67 44.06
N SER A 557 -41.83 31.05 45.13
CA SER A 557 -42.63 30.39 46.16
C SER A 557 -41.98 29.05 46.50
N LEU A 558 -42.16 28.58 47.73
CA LEU A 558 -41.56 27.33 48.17
C LEU A 558 -42.63 26.50 48.86
N PHE A 559 -43.06 25.43 48.20
CA PHE A 559 -44.07 24.52 48.74
C PHE A 559 -43.43 23.17 49.05
N LEU A 560 -43.88 22.55 50.13
CA LEU A 560 -43.46 21.20 50.50
C LEU A 560 -44.71 20.33 50.54
N SER A 561 -44.82 19.41 49.57
CA SER A 561 -46.01 18.58 49.43
C SER A 561 -45.67 17.13 49.80
N PRO A 562 -45.99 16.67 51.01
CA PRO A 562 -45.74 15.27 51.35
C PRO A 562 -46.70 14.35 50.60
N VAL A 563 -46.14 13.34 49.95
CA VAL A 563 -46.91 12.30 49.26
C VAL A 563 -46.80 11.05 50.11
N ILE A 564 -47.87 10.72 50.82
CA ILE A 564 -47.86 9.58 51.74
C ILE A 564 -47.93 8.29 50.93
N MET A 565 -46.95 7.41 51.15
CA MET A 565 -46.95 6.07 50.55
C MET A 565 -46.94 6.11 49.03
N ASN A 566 -46.51 7.23 48.44
CA ASN A 566 -46.36 7.35 46.99
C ASN A 566 -47.69 7.13 46.26
N LYS A 567 -48.78 7.63 46.85
CA LYS A 567 -50.09 7.60 46.22
C LYS A 567 -50.62 9.02 46.16
N CYS A 568 -50.89 9.49 44.95
CA CYS A 568 -51.36 10.85 44.74
C CYS A 568 -52.69 11.08 45.43
N SER A 569 -53.18 12.31 45.39
CA SER A 569 -54.51 12.65 45.82
C SER A 569 -55.35 13.04 44.61
N GLN A 570 -56.67 13.04 44.79
CA GLN A 570 -57.55 13.36 43.67
C GLN A 570 -57.25 14.75 43.12
N GLY A 571 -56.98 15.71 43.99
CA GLY A 571 -56.61 17.04 43.57
C GLY A 571 -55.70 17.68 44.60
N ALA A 572 -55.25 18.89 44.29
CA ALA A 572 -54.39 19.62 45.21
C ALA A 572 -55.20 20.16 46.38
N VAL A 573 -54.60 20.15 47.56
CA VAL A 573 -55.27 20.66 48.75
C VAL A 573 -55.78 22.06 48.48
N ALA A 574 -56.92 22.40 49.08
CA ALA A 574 -57.51 23.72 48.96
C ALA A 574 -57.28 24.52 50.24
N GLY A 575 -57.45 25.83 50.12
CA GLY A 575 -57.26 26.74 51.23
C GLY A 575 -55.81 27.20 51.36
N GLU A 576 -55.62 28.17 52.23
CA GLU A 576 -54.28 28.70 52.46
C GLU A 576 -53.36 27.58 52.94
N PRO A 577 -52.14 27.47 52.41
CA PRO A 577 -51.26 26.38 52.83
C PRO A 577 -50.94 26.46 54.32
N ARG A 578 -50.49 25.34 54.86
CA ARG A 578 -50.17 25.26 56.27
C ARG A 578 -48.89 26.01 56.59
N GLN A 579 -48.77 26.38 57.87
CA GLN A 579 -47.58 27.04 58.39
C GLN A 579 -46.65 26.00 59.00
N ILE A 580 -45.35 26.18 58.80
CA ILE A 580 -44.36 25.28 59.39
C ILE A 580 -44.26 25.61 60.88
N PRO A 581 -44.62 24.69 61.78
CA PRO A 581 -44.42 24.97 63.21
C PRO A 581 -42.94 25.11 63.55
N LYS A 582 -42.64 26.02 64.46
CA LYS A 582 -41.27 26.25 64.90
C LYS A 582 -40.98 25.49 66.19
N ILE A 583 -39.70 25.22 66.41
CA ILE A 583 -39.24 24.43 67.56
C ILE A 583 -38.10 25.19 68.23
N GLN A 584 -38.25 25.45 69.53
CA GLN A 584 -37.16 25.94 70.36
C GLN A 584 -36.83 25.00 71.51
N ASN A 585 -37.80 24.27 72.05
CA ASN A 585 -37.57 23.33 73.14
C ASN A 585 -36.91 22.07 72.56
N PHE A 586 -35.64 22.21 72.24
CA PHE A 586 -34.85 21.11 71.67
C PHE A 586 -33.38 21.40 71.94
N THR A 587 -32.72 20.47 72.60
CA THR A 587 -31.35 20.70 73.07
C THR A 587 -30.34 20.21 72.04
N ARG A 588 -29.14 20.80 72.10
CA ARG A 588 -28.09 20.47 71.14
C ARG A 588 -27.52 19.08 71.37
N THR A 589 -27.57 18.58 72.61
CA THR A 589 -26.96 17.31 72.97
C THR A 589 -28.01 16.21 72.88
N GLN A 590 -27.73 15.17 72.11
CA GLN A 590 -28.62 14.02 71.94
C GLN A 590 -27.79 12.75 71.91
N LYS A 591 -28.22 11.76 72.69
CA LYS A 591 -27.48 10.52 72.85
C LYS A 591 -28.04 9.38 72.01
N SER A 592 -29.06 9.63 71.21
CA SER A 592 -29.64 8.58 70.36
C SER A 592 -30.16 9.16 69.05
N CYS A 593 -31.18 8.55 68.47
CA CYS A 593 -31.69 8.96 67.16
C CYS A 593 -33.14 8.46 67.10
N ILE A 594 -34.15 9.34 67.27
CA ILE A 594 -34.26 10.82 67.14
C ILE A 594 -33.57 11.37 65.90
N PHE A 595 -34.41 11.69 64.94
CA PHE A 595 -34.11 12.29 63.64
C PHE A 595 -33.68 11.26 62.59
N CYS A 596 -33.49 10.00 62.96
CA CYS A 596 -33.14 8.98 61.97
C CYS A 596 -34.33 8.71 61.04
N GLY A 597 -34.05 8.70 59.73
CA GLY A 597 -35.09 8.59 58.74
C GLY A 597 -35.61 9.92 58.22
N PHE A 598 -35.27 11.02 58.89
CA PHE A 598 -35.74 12.34 58.51
C PHE A 598 -34.73 13.02 57.59
N ALA A 599 -35.15 14.16 57.03
CA ALA A 599 -34.31 14.98 56.19
C ALA A 599 -34.30 16.39 56.75
N LEU A 600 -33.13 17.04 56.69
CA LEU A 600 -32.94 18.37 57.24
C LEU A 600 -32.49 19.29 56.12
N LEU A 601 -33.34 20.25 55.78
CA LEU A 601 -33.11 21.18 54.67
C LEU A 601 -32.78 22.56 55.20
N SER A 602 -31.83 23.22 54.53
CA SER A 602 -31.43 24.59 54.83
C SER A 602 -31.59 25.40 53.54
N TYR A 603 -32.52 26.34 53.56
CA TYR A 603 -32.75 27.21 52.41
C TYR A 603 -32.56 28.66 52.83
N ASP A 604 -32.21 29.49 51.86
CA ASP A 604 -32.15 30.93 52.03
C ASP A 604 -33.39 31.55 51.41
N GLU A 605 -33.96 32.54 52.11
CA GLU A 605 -35.19 33.17 51.63
C GLU A 605 -35.03 33.65 50.18
N LYS A 606 -33.91 34.29 49.85
CA LYS A 606 -33.71 34.84 48.52
C LYS A 606 -32.99 33.87 47.59
N GLU A 607 -31.93 33.21 48.06
CA GLU A 607 -31.13 32.35 47.20
C GLU A 607 -31.75 30.99 46.95
N GLY A 608 -32.66 30.54 47.81
CA GLY A 608 -33.30 29.25 47.64
C GLY A 608 -32.67 28.16 48.49
N LEU A 609 -32.75 26.91 48.02
CA LEU A 609 -32.16 25.80 48.75
C LEU A 609 -30.64 25.89 48.71
N GLU A 610 -30.01 25.44 49.80
CA GLU A 610 -28.57 25.55 49.93
C GLU A 610 -27.92 24.21 50.30
N THR A 611 -28.46 23.53 51.32
CA THR A 611 -27.91 22.27 51.77
C THR A 611 -29.03 21.28 52.06
N THR A 612 -28.73 20.00 51.89
CA THR A 612 -29.66 18.92 52.17
C THR A 612 -28.93 17.84 52.95
N THR A 613 -29.54 17.39 54.03
CA THR A 613 -28.98 16.33 54.86
C THR A 613 -30.03 15.27 55.10
N TYR A 614 -29.61 14.01 55.00
CA TYR A 614 -30.47 12.86 55.25
C TYR A 614 -29.91 12.15 56.48
N ILE A 615 -30.54 12.38 57.63
CA ILE A 615 -30.10 11.78 58.87
C ILE A 615 -30.24 10.27 58.76
N THR A 616 -29.15 9.59 58.41
CA THR A 616 -29.17 8.15 58.18
C THR A 616 -28.66 7.33 59.35
N SER A 617 -27.91 7.92 60.27
CA SER A 617 -27.37 7.18 61.40
C SER A 617 -26.98 8.16 62.51
N GLN A 618 -26.53 7.61 63.63
CA GLN A 618 -26.14 8.44 64.76
C GLN A 618 -24.99 9.35 64.39
N GLU A 619 -24.06 8.86 63.57
CA GLU A 619 -22.86 9.63 63.24
C GLU A 619 -23.23 10.88 62.47
N VAL A 620 -24.21 10.79 61.57
CA VAL A 620 -24.61 11.95 60.77
C VAL A 620 -25.26 13.01 61.65
N GLN A 621 -26.16 12.60 62.53
CA GLN A 621 -26.86 13.55 63.39
C GLN A 621 -25.89 14.26 64.33
N ASN A 622 -24.97 13.51 64.93
CA ASN A 622 -24.00 14.13 65.83
C ASN A 622 -23.17 15.18 65.10
N SER A 623 -22.91 14.99 63.81
CA SER A 623 -22.20 16.01 63.05
C SER A 623 -23.05 17.26 62.89
N ILE A 624 -24.35 17.09 62.69
CA ILE A 624 -25.25 18.23 62.54
C ILE A 624 -25.27 19.06 63.82
N LEU A 625 -25.62 18.42 64.93
CA LEU A 625 -25.76 19.15 66.19
C LEU A 625 -24.44 19.77 66.62
N SER A 626 -23.44 18.93 66.90
CA SER A 626 -22.19 19.42 67.47
C SER A 626 -21.55 20.50 66.60
N SER A 627 -21.61 20.34 65.28
CA SER A 627 -20.92 21.27 64.39
C SER A 627 -21.65 22.61 64.35
N ASN A 628 -21.04 23.56 63.66
CA ASN A 628 -21.60 24.91 63.52
C ASN A 628 -22.60 24.98 62.38
N TYR A 629 -23.30 23.88 62.12
CA TYR A 629 -24.29 23.86 61.05
C TYR A 629 -25.45 24.81 61.36
N PHE A 630 -25.99 24.72 62.57
CA PHE A 630 -27.10 25.58 62.98
C PHE A 630 -26.55 26.98 63.28
N ASP A 631 -26.73 27.89 62.32
CA ASP A 631 -26.34 29.29 62.47
C ASP A 631 -27.58 30.13 62.25
N PHE A 632 -28.18 30.60 63.34
CA PHE A 632 -29.36 31.45 63.29
C PHE A 632 -29.02 32.92 63.20
N ASP A 633 -27.73 33.27 63.11
CA ASP A 633 -27.35 34.68 62.99
C ASP A 633 -27.96 35.30 61.74
N ASN A 634 -27.99 34.54 60.64
CA ASN A 634 -28.59 35.02 59.40
C ASN A 634 -30.10 34.82 59.49
N LEU A 635 -30.84 35.94 59.49
CA LEU A 635 -32.29 35.84 59.58
C LEU A 635 -32.90 35.22 58.33
N HIS A 636 -32.29 35.41 57.17
CA HIS A 636 -32.83 34.94 55.91
C HIS A 636 -32.60 33.46 55.66
N VAL A 637 -31.99 32.74 56.60
CA VAL A 637 -31.76 31.31 56.47
C VAL A 637 -32.65 30.59 57.46
N HIS A 638 -33.19 29.44 57.05
CA HIS A 638 -34.05 28.64 57.90
C HIS A 638 -33.67 27.17 57.75
N TYR A 639 -34.13 26.37 58.70
CA TYR A 639 -33.80 24.94 58.76
C TYR A 639 -35.09 24.14 58.91
N LEU A 640 -35.47 23.44 57.85
CA LEU A 640 -36.71 22.68 57.83
C LEU A 640 -36.43 21.21 58.13
N LEU A 641 -37.26 20.61 58.98
CA LEU A 641 -37.14 19.21 59.36
C LEU A 641 -38.29 18.44 58.73
N LEU A 642 -37.96 17.50 57.85
CA LEU A 642 -38.96 16.70 57.16
C LEU A 642 -39.03 15.32 57.81
N THR A 643 -40.20 14.98 58.34
CA THR A 643 -40.38 13.75 59.08
C THR A 643 -40.99 12.66 58.19
N THR A 644 -40.73 11.41 58.58
CA THR A 644 -41.33 10.29 57.88
C THR A 644 -42.84 10.28 58.05
N ASN A 645 -43.34 10.90 59.13
CA ASN A 645 -44.77 10.99 59.34
C ASN A 645 -45.47 11.84 58.29
N GLY A 646 -44.71 12.62 57.53
CA GLY A 646 -45.28 13.54 56.55
C GLY A 646 -45.35 14.97 57.01
N THR A 647 -44.80 15.29 58.18
CA THR A 647 -44.83 16.64 58.73
C THR A 647 -43.58 17.41 58.32
N VAL A 648 -43.68 18.74 58.40
CA VAL A 648 -42.54 19.63 58.25
C VAL A 648 -42.47 20.51 59.48
N MET A 649 -41.25 20.84 59.90
CA MET A 649 -41.03 21.67 61.07
C MET A 649 -39.80 22.53 60.84
N GLU A 650 -39.76 23.70 61.47
CA GLU A 650 -38.63 24.60 61.39
C GLU A 650 -37.92 24.64 62.74
N ILE A 651 -36.61 24.45 62.72
CA ILE A 651 -35.79 24.57 63.91
C ILE A 651 -35.38 26.04 64.01
N ALA A 652 -35.89 26.73 65.03
CA ALA A 652 -35.63 28.14 65.21
C ALA A 652 -34.59 28.43 66.29
N GLY A 653 -34.28 27.45 67.13
CA GLY A 653 -33.29 27.66 68.18
C GLY A 653 -33.15 26.46 69.09
N LEU A 654 -32.09 26.44 69.88
CA LEU A 654 -31.80 25.33 70.78
C LEU A 654 -31.60 25.87 72.20
N TYR A 655 -31.58 24.94 73.15
CA TYR A 655 -31.33 25.29 74.54
C TYR A 655 -29.93 25.87 74.71
N PRO B 4 20.05 -15.00 -17.57
CA PRO B 4 20.61 -13.67 -17.27
C PRO B 4 19.56 -12.70 -16.75
N CYS B 5 19.61 -11.45 -17.18
CA CYS B 5 18.61 -10.45 -16.82
C CYS B 5 17.68 -10.19 -17.99
N CYS B 6 16.45 -9.78 -17.66
CA CYS B 6 15.35 -9.77 -18.62
C CYS B 6 14.64 -8.42 -18.63
N HIS B 7 13.45 -8.40 -19.24
CA HIS B 7 12.51 -7.30 -19.13
C HIS B 7 11.14 -7.88 -18.79
N VAL B 8 10.38 -7.15 -17.98
CA VAL B 8 9.12 -7.66 -17.44
C VAL B 8 7.98 -7.13 -18.31
N THR B 9 7.33 -8.05 -19.01
CA THR B 9 6.17 -7.74 -19.83
C THR B 9 5.10 -8.79 -19.59
N GLN B 10 3.85 -8.40 -19.84
CA GLN B 10 2.70 -9.30 -19.65
C GLN B 10 1.94 -9.54 -20.95
N LEU B 17 0.02 -18.14 -17.53
CA LEU B 17 0.81 -19.10 -16.79
C LEU B 17 0.72 -18.82 -15.29
N ALA B 18 -0.14 -19.57 -14.59
CA ALA B 18 -0.37 -19.40 -13.17
C ALA B 18 0.60 -20.27 -12.37
N LEU B 19 0.45 -20.26 -11.05
CA LEU B 19 1.37 -20.95 -10.16
C LEU B 19 0.86 -22.37 -9.93
N GLU B 20 1.58 -23.36 -10.46
CA GLU B 20 1.20 -24.76 -10.37
C GLU B 20 2.12 -25.59 -11.25
N ASN B 21 2.41 -25.07 -12.44
CA ASN B 21 3.31 -25.71 -13.39
C ASN B 21 4.73 -25.15 -13.30
N ILE B 22 5.09 -24.55 -12.17
CA ILE B 22 6.41 -23.96 -11.97
C ILE B 22 7.24 -24.93 -11.15
N SER B 23 8.42 -25.29 -11.67
CA SER B 23 9.34 -26.17 -10.98
C SER B 23 10.47 -25.41 -10.28
N ASP B 24 11.09 -24.46 -10.99
CA ASP B 24 12.22 -23.71 -10.47
C ASP B 24 11.97 -22.23 -10.65
N ILE B 25 12.58 -21.42 -9.79
CA ILE B 25 12.50 -19.98 -9.86
C ILE B 25 13.84 -19.40 -9.42
N TYR B 26 14.41 -18.52 -10.24
CA TYR B 26 15.72 -17.95 -10.00
C TYR B 26 15.62 -16.48 -9.67
N LEU B 27 16.36 -16.05 -8.65
CA LEU B 27 16.38 -14.66 -8.22
C LEU B 27 17.79 -14.11 -8.31
N VAL B 28 17.89 -12.88 -8.84
CA VAL B 28 19.17 -12.22 -8.99
C VAL B 28 19.46 -11.39 -7.74
N SER B 29 20.75 -11.14 -7.52
CA SER B 29 21.16 -10.15 -6.53
C SER B 29 21.04 -8.75 -7.14
N ASN B 30 21.32 -7.73 -6.34
CA ASN B 30 21.22 -6.35 -6.83
C ASN B 30 22.42 -5.95 -7.66
N GLN B 31 23.54 -6.66 -7.54
CA GLN B 31 24.72 -6.36 -8.34
C GLN B 31 24.63 -6.94 -9.74
N THR B 32 23.87 -8.03 -9.90
CA THR B 32 23.78 -8.70 -11.20
C THR B 32 23.18 -7.79 -12.27
N CYS B 33 22.27 -6.90 -11.90
CA CYS B 33 21.58 -6.05 -12.86
C CYS B 33 21.45 -4.63 -12.32
N ASP B 34 22.58 -4.08 -11.85
CA ASP B 34 22.70 -2.65 -11.52
C ASP B 34 21.62 -2.16 -10.54
N GLY B 35 20.91 -3.07 -9.87
CA GLY B 35 19.97 -2.66 -8.85
C GLY B 35 18.55 -3.19 -9.01
N PHE B 36 18.21 -3.69 -10.20
CA PHE B 36 16.88 -4.21 -10.43
C PHE B 36 16.71 -5.59 -9.80
N SER B 37 15.48 -5.90 -9.43
CA SER B 37 15.13 -7.21 -8.87
C SER B 37 14.23 -7.93 -9.86
N LEU B 38 14.78 -8.95 -10.50
CA LEU B 38 14.04 -9.73 -11.49
C LEU B 38 14.15 -11.20 -11.15
N ALA B 39 13.24 -11.98 -11.71
CA ALA B 39 13.16 -13.41 -11.48
C ALA B 39 12.97 -14.14 -12.81
N SER B 40 13.04 -15.46 -12.76
CA SER B 40 12.83 -16.32 -13.93
C SER B 40 11.93 -17.48 -13.54
N LEU B 41 10.77 -17.56 -14.19
CA LEU B 41 9.85 -18.68 -14.02
C LEU B 41 10.01 -19.60 -15.23
N ASN B 42 10.09 -20.92 -14.96
CA ASN B 42 10.24 -21.88 -16.05
C ASN B 42 9.58 -23.19 -15.67
N SER B 43 9.29 -24.01 -16.72
CA SER B 43 8.73 -25.33 -16.62
C SER B 43 9.81 -26.40 -16.85
N PRO B 44 9.72 -27.55 -16.17
CA PRO B 44 10.76 -28.58 -16.32
C PRO B 44 10.72 -29.31 -17.65
N ASN B 49 16.71 -30.53 -28.54
CA ASN B 49 16.80 -31.19 -27.24
C ASN B 49 16.58 -30.16 -26.11
N GLN B 50 15.52 -30.37 -25.34
CA GLN B 50 15.15 -29.49 -24.24
C GLN B 50 14.74 -28.10 -24.75
N LEU B 51 15.58 -27.10 -24.53
CA LEU B 51 15.20 -25.69 -24.69
C LEU B 51 14.08 -25.31 -23.72
N VAL B 52 14.45 -24.79 -22.55
CA VAL B 52 13.48 -24.34 -21.57
C VAL B 52 13.18 -22.87 -21.82
N ILE B 53 11.90 -22.52 -21.87
CA ILE B 53 11.47 -21.14 -22.03
C ILE B 53 11.08 -20.61 -20.66
N SER B 54 11.78 -19.57 -20.21
CA SER B 54 11.56 -19.00 -18.89
C SER B 54 10.68 -17.76 -19.02
N ARG B 55 9.62 -17.70 -18.22
CA ARG B 55 8.82 -16.48 -18.09
C ARG B 55 9.47 -15.60 -17.02
N CYS B 56 9.63 -14.32 -17.35
CA CYS B 56 10.29 -13.39 -16.43
C CYS B 56 9.26 -12.64 -15.58
N ALA B 57 9.66 -12.31 -14.36
CA ALA B 57 8.75 -11.77 -13.37
C ALA B 57 9.44 -10.69 -12.56
N ASN B 58 8.64 -9.96 -11.77
CA ASN B 58 9.14 -8.89 -10.94
C ASN B 58 9.68 -9.46 -9.63
N GLY B 59 10.96 -9.22 -9.37
CA GLY B 59 11.61 -9.79 -8.20
C GLY B 59 10.96 -9.41 -6.88
N LEU B 60 10.85 -8.11 -6.60
CA LEU B 60 10.32 -7.66 -5.32
C LEU B 60 8.94 -8.26 -5.04
N ASN B 61 8.09 -8.35 -6.06
CA ASN B 61 6.77 -8.94 -5.87
C ASN B 61 6.87 -10.44 -5.66
N VAL B 62 7.80 -11.11 -6.34
CA VAL B 62 8.02 -12.53 -6.14
C VAL B 62 8.65 -12.78 -4.77
N VAL B 63 9.68 -12.00 -4.43
CA VAL B 63 10.32 -12.16 -3.13
C VAL B 63 9.32 -11.85 -2.02
N SER B 64 8.61 -10.74 -2.14
CA SER B 64 7.61 -10.40 -1.13
C SER B 64 6.56 -11.48 -1.02
N PHE B 65 6.17 -12.07 -2.15
CA PHE B 65 5.19 -13.15 -2.13
C PHE B 65 5.63 -14.27 -1.20
N PHE B 66 6.84 -14.80 -1.41
CA PHE B 66 7.29 -15.95 -0.64
C PHE B 66 7.41 -15.61 0.85
N ILE B 67 8.01 -14.46 1.16
CA ILE B 67 8.17 -14.07 2.57
C ILE B 67 6.83 -14.17 3.29
N SER B 68 5.76 -13.70 2.66
CA SER B 68 4.44 -13.78 3.28
C SER B 68 4.03 -15.22 3.52
N ILE B 69 4.42 -16.13 2.63
CA ILE B 69 4.06 -17.54 2.78
C ILE B 69 4.70 -18.12 4.04
N LEU B 70 6.01 -17.99 4.17
CA LEU B 70 6.71 -18.58 5.30
C LEU B 70 6.17 -18.03 6.62
N LYS B 71 5.97 -16.72 6.69
CA LYS B 71 5.43 -16.12 7.91
C LYS B 71 4.07 -16.70 8.24
N ARG B 72 3.14 -16.69 7.27
CA ARG B 72 1.80 -17.20 7.49
C ARG B 72 1.79 -18.63 8.02
N SER B 73 2.89 -19.37 7.82
CA SER B 73 2.98 -20.77 8.22
C SER B 73 4.19 -21.01 9.11
N SER B 74 4.46 -20.07 10.03
CA SER B 74 5.60 -20.21 10.92
C SER B 74 5.56 -21.49 11.73
N SER B 75 4.38 -22.06 11.95
CA SER B 75 4.24 -23.31 12.69
C SER B 75 4.47 -24.54 11.84
N ALA B 76 4.87 -24.38 10.57
CA ALA B 76 5.07 -25.50 9.66
C ALA B 76 6.50 -25.57 9.13
N LEU B 77 7.39 -24.73 9.63
CA LEU B 77 8.76 -24.69 9.12
C LEU B 77 9.57 -25.87 9.66
N THR B 78 10.28 -26.56 8.76
CA THR B 78 11.01 -27.78 9.10
C THR B 78 12.42 -27.50 9.61
N GLY B 79 12.83 -26.23 9.70
CA GLY B 79 14.19 -25.87 9.99
C GLY B 79 15.01 -25.57 8.75
N HIS B 80 14.65 -26.18 7.62
CA HIS B 80 15.23 -25.82 6.33
C HIS B 80 14.58 -24.55 5.78
N LEU B 81 13.29 -24.33 6.08
CA LEU B 81 12.58 -23.15 5.64
C LEU B 81 12.78 -21.96 6.57
N ARG B 82 12.96 -22.22 7.88
CA ARG B 82 13.21 -21.13 8.81
C ARG B 82 14.47 -20.36 8.44
N GLU B 83 15.45 -21.04 7.84
CA GLU B 83 16.63 -20.35 7.32
C GLU B 83 16.30 -19.58 6.05
N LEU B 84 15.45 -20.15 5.19
CA LEU B 84 15.09 -19.48 3.94
C LEU B 84 14.44 -18.13 4.21
N LEU B 85 13.60 -18.06 5.24
CA LEU B 85 12.93 -16.80 5.56
C LEU B 85 13.94 -15.67 5.72
N THR B 86 14.98 -15.88 6.53
CA THR B 86 15.94 -14.82 6.80
C THR B 86 16.69 -14.42 5.54
N THR B 87 17.03 -15.38 4.69
CA THR B 87 17.77 -15.07 3.47
C THR B 87 16.90 -14.26 2.49
N LEU B 88 15.60 -14.55 2.44
CA LEU B 88 14.70 -13.76 1.60
C LEU B 88 14.62 -12.32 2.09
N GLU B 89 14.56 -12.14 3.41
CA GLU B 89 14.81 -10.81 3.99
C GLU B 89 16.27 -10.45 3.73
N THR B 90 16.71 -9.31 4.26
CA THR B 90 18.04 -8.80 3.96
C THR B 90 18.22 -8.59 2.45
N LEU B 91 18.06 -9.67 1.66
CA LEU B 91 18.03 -9.53 0.21
C LEU B 91 16.97 -8.54 -0.23
N TYR B 92 15.75 -8.67 0.30
CA TYR B 92 14.69 -7.75 -0.08
C TYR B 92 15.08 -6.30 0.21
N GLY B 93 15.59 -6.05 1.41
CA GLY B 93 16.07 -4.72 1.74
C GLY B 93 17.32 -4.31 1.00
N SER B 94 18.03 -5.27 0.40
CA SER B 94 19.24 -4.94 -0.35
C SER B 94 18.91 -4.11 -1.58
N PHE B 95 17.72 -4.28 -2.14
CA PHE B 95 17.30 -3.49 -3.29
C PHE B 95 16.76 -2.15 -2.81
N SER B 96 17.27 -1.07 -3.40
CA SER B 96 16.78 0.26 -3.10
C SER B 96 15.67 0.59 -4.07
N VAL B 97 14.44 0.67 -3.56
CA VAL B 97 13.32 1.10 -4.39
C VAL B 97 13.51 2.55 -4.82
N GLU B 98 14.12 3.37 -3.96
CA GLU B 98 14.53 4.71 -4.38
C GLU B 98 15.69 4.61 -5.35
N ASP B 99 16.19 5.76 -5.79
CA ASP B 99 17.24 5.79 -6.81
C ASP B 99 16.80 5.00 -8.04
N LEU B 100 15.48 4.93 -8.25
CA LEU B 100 14.89 4.26 -9.39
C LEU B 100 13.98 5.15 -10.20
N PHE B 101 13.72 6.38 -9.75
CA PHE B 101 12.81 7.26 -10.46
C PHE B 101 13.46 7.80 -11.74
N GLY B 102 14.74 8.14 -11.67
CA GLY B 102 15.46 8.66 -12.82
C GLY B 102 16.13 7.62 -13.68
N ALA B 103 16.21 6.37 -13.20
CA ALA B 103 16.82 5.30 -13.97
C ALA B 103 15.90 4.84 -15.09
N ASN B 104 16.51 4.40 -16.19
CA ASN B 104 15.76 3.94 -17.35
C ASN B 104 15.20 2.55 -17.07
N LEU B 105 13.87 2.42 -17.07
CA LEU B 105 13.23 1.16 -16.75
C LEU B 105 13.27 0.19 -17.92
N ASN B 106 13.35 0.71 -19.15
CA ASN B 106 13.38 -0.13 -20.35
C ASN B 106 14.80 -0.48 -20.77
N ARG B 107 15.74 -0.54 -19.82
CA ARG B 107 17.11 -0.93 -20.16
C ARG B 107 17.13 -2.21 -20.97
N TYR B 108 16.28 -3.17 -20.61
CA TYR B 108 16.31 -4.51 -21.17
C TYR B 108 15.16 -4.78 -22.12
N ALA B 109 14.41 -3.76 -22.51
CA ALA B 109 13.33 -3.93 -23.47
C ALA B 109 13.85 -3.81 -24.89
N TRP B 110 13.11 -4.39 -25.82
CA TRP B 110 13.47 -4.37 -27.24
C TRP B 110 12.36 -3.81 -28.11
N HIS B 111 11.11 -4.16 -27.85
CA HIS B 111 9.99 -3.67 -28.66
C HIS B 111 10.17 -4.06 -30.12
N ARG B 112 9.42 -5.05 -30.57
CA ARG B 112 9.52 -5.58 -31.93
C ARG B 112 9.66 -4.48 -32.98
N THR C 11 -43.12 12.85 71.85
CA THR C 11 -42.18 12.73 72.96
C THR C 11 -40.79 12.36 72.45
N TRP C 12 -40.60 12.46 71.14
CA TRP C 12 -39.35 12.07 70.50
C TRP C 12 -38.98 10.62 70.78
N VAL C 13 -39.58 9.69 70.06
CA VAL C 13 -39.29 8.27 70.22
C VAL C 13 -38.12 7.91 69.30
N PRO C 14 -37.05 7.29 69.80
CA PRO C 14 -35.93 6.94 68.92
C PRO C 14 -36.36 6.07 67.74
N LYS C 15 -35.72 6.29 66.60
CA LYS C 15 -35.94 5.53 65.37
C LYS C 15 -34.67 4.75 65.02
N PRO C 16 -34.74 3.81 64.07
CA PRO C 16 -33.55 3.03 63.72
C PRO C 16 -32.80 3.60 62.53
N ASN C 17 -31.54 3.17 62.42
CA ASN C 17 -30.68 3.63 61.35
C ASN C 17 -31.26 3.21 59.99
N VAL C 18 -30.96 4.03 58.98
CA VAL C 18 -31.38 3.71 57.62
C VAL C 18 -30.53 2.58 57.06
N GLU C 19 -31.18 1.65 56.37
CA GLU C 19 -30.49 0.50 55.79
C GLU C 19 -31.10 0.19 54.43
N VAL C 20 -30.36 -0.60 53.66
CA VAL C 20 -30.73 -0.93 52.29
C VAL C 20 -31.90 -1.92 52.32
N TRP C 21 -32.76 -1.82 51.34
CA TRP C 21 -33.87 -2.76 51.23
C TRP C 21 -33.35 -4.09 50.72
N PRO C 22 -33.77 -5.22 51.30
CA PRO C 22 -33.31 -6.52 50.79
C PRO C 22 -33.54 -6.66 49.29
N VAL C 23 -32.70 -7.47 48.67
CA VAL C 23 -32.75 -7.69 47.22
C VAL C 23 -32.89 -9.18 46.96
N ASP C 24 -33.47 -9.52 45.82
CA ASP C 24 -33.67 -10.92 45.48
C ASP C 24 -32.35 -11.54 45.01
N PRO C 25 -32.13 -12.83 45.29
CA PRO C 25 -30.91 -13.49 44.84
C PRO C 25 -30.74 -13.39 43.34
N PRO C 26 -29.52 -13.52 42.83
CA PRO C 26 -29.28 -13.30 41.39
C PRO C 26 -29.91 -14.39 40.54
N PRO C 27 -30.02 -14.16 39.23
CA PRO C 27 -30.47 -15.22 38.32
C PRO C 27 -29.55 -16.43 38.40
N PRO C 28 -29.96 -17.57 37.84
CA PRO C 28 -29.13 -18.78 37.95
C PRO C 28 -27.82 -18.69 37.20
N VAL C 29 -27.88 -18.60 35.86
CA VAL C 29 -26.74 -18.54 34.94
C VAL C 29 -26.50 -19.91 34.32
N ASN C 30 -26.08 -19.93 33.06
CA ASN C 30 -25.73 -21.15 32.33
C ASN C 30 -24.23 -21.13 32.11
N PHE C 31 -23.51 -22.23 32.41
CA PHE C 31 -24.00 -23.53 32.86
C PHE C 31 -25.03 -24.10 31.88
N ASN C 32 -24.56 -24.28 30.64
CA ASN C 32 -25.33 -24.60 29.45
C ASN C 32 -25.14 -23.45 28.47
N LYS C 33 -25.78 -23.54 27.31
CA LYS C 33 -25.64 -22.51 26.27
C LYS C 33 -24.22 -22.49 25.72
N THR C 34 -24.06 -22.94 24.48
CA THR C 34 -22.76 -23.04 23.87
C THR C 34 -22.23 -21.66 23.49
N ALA C 35 -20.95 -21.62 23.12
CA ALA C 35 -20.37 -20.37 22.63
C ALA C 35 -21.06 -19.90 21.36
N GLU C 36 -21.54 -20.83 20.54
CA GLU C 36 -22.25 -20.46 19.32
C GLU C 36 -23.60 -19.81 19.62
N GLN C 37 -24.19 -20.09 20.78
CA GLN C 37 -25.42 -19.41 21.19
C GLN C 37 -25.14 -18.02 21.76
N GLU C 38 -23.90 -17.76 22.19
CA GLU C 38 -23.52 -16.45 22.72
C GLU C 38 -23.08 -15.50 21.61
N TYR C 39 -22.22 -15.97 20.71
CA TYR C 39 -21.77 -15.21 19.56
C TYR C 39 -22.41 -15.74 18.30
N GLY C 40 -22.37 -14.94 17.23
CA GLY C 40 -23.03 -15.29 16.00
C GLY C 40 -22.13 -15.70 14.85
N ASP C 41 -22.31 -16.92 14.37
CA ASP C 41 -21.80 -17.33 13.06
C ASP C 41 -20.28 -17.32 12.92
N LYS C 42 -19.55 -16.83 13.92
CA LYS C 42 -18.09 -16.80 13.83
C LYS C 42 -17.62 -15.93 12.67
N GLU C 43 -17.98 -16.30 11.45
CA GLU C 43 -17.64 -15.48 10.29
C GLU C 43 -18.29 -14.10 10.39
N VAL C 44 -17.57 -13.08 9.93
CA VAL C 44 -18.06 -11.71 9.98
C VAL C 44 -17.60 -10.95 8.74
N LYS C 45 -18.37 -9.94 8.37
CA LYS C 45 -18.04 -9.03 7.29
C LYS C 45 -18.03 -7.62 7.88
N LEU C 46 -16.86 -6.98 7.84
CA LEU C 46 -16.72 -5.67 8.44
C LEU C 46 -17.76 -4.71 7.86
N PRO C 47 -18.27 -3.78 8.66
CA PRO C 47 -19.43 -2.99 8.22
C PRO C 47 -19.08 -1.99 7.14
N HIS C 48 -19.97 -1.86 6.17
CA HIS C 48 -19.91 -0.83 5.16
C HIS C 48 -21.13 0.08 5.28
N TRP C 49 -20.98 1.31 4.83
CA TRP C 49 -22.03 2.31 4.93
C TRP C 49 -22.29 2.93 3.56
N THR C 50 -23.56 2.98 3.16
CA THR C 50 -23.97 3.62 1.93
C THR C 50 -24.62 4.96 2.26
N PRO C 51 -23.85 6.06 2.29
CA PRO C 51 -24.46 7.35 2.60
C PRO C 51 -25.36 7.83 1.47
N THR C 52 -26.54 8.34 1.83
CA THR C 52 -27.50 8.85 0.86
C THR C 52 -27.18 10.33 0.66
N LEU C 53 -26.42 10.63 -0.40
CA LEU C 53 -25.95 11.99 -0.64
C LEU C 53 -27.06 12.79 -1.30
N HIS C 54 -27.60 13.76 -0.58
CA HIS C 54 -28.59 14.65 -1.15
C HIS C 54 -27.90 15.66 -2.08
N THR C 55 -28.65 16.11 -3.08
CA THR C 55 -28.17 17.10 -4.04
C THR C 55 -29.09 18.31 -3.98
N PHE C 56 -28.50 19.47 -3.74
CA PHE C 56 -29.25 20.70 -3.52
C PHE C 56 -29.12 21.63 -4.71
N GLN C 57 -30.19 22.38 -4.96
CA GLN C 57 -30.21 23.43 -5.96
C GLN C 57 -31.02 24.60 -5.42
N VAL C 58 -30.77 25.78 -5.99
CA VAL C 58 -31.45 27.01 -5.56
C VAL C 58 -32.96 26.78 -5.60
N PRO C 59 -33.70 27.11 -4.53
CA PRO C 59 -35.16 26.91 -4.58
C PRO C 59 -35.86 27.75 -5.64
N GLN C 60 -35.41 28.99 -5.84
CA GLN C 60 -35.98 29.94 -6.80
C GLN C 60 -37.31 30.49 -6.29
N ASN C 61 -37.93 29.80 -5.35
CA ASN C 61 -38.67 30.45 -4.28
C ASN C 61 -38.16 29.72 -3.04
N TYR C 62 -37.27 30.35 -2.26
CA TYR C 62 -37.07 31.80 -2.16
C TYR C 62 -35.78 32.26 -2.81
N THR C 63 -35.83 33.40 -3.48
CA THR C 63 -34.68 34.06 -4.06
C THR C 63 -34.58 35.47 -3.48
N LYS C 64 -33.68 36.28 -4.07
CA LYS C 64 -33.50 37.64 -3.60
C LYS C 64 -34.84 38.36 -3.55
N ALA C 65 -34.95 39.30 -2.62
CA ALA C 65 -36.17 40.07 -2.45
C ALA C 65 -36.25 41.17 -3.49
N ASN C 66 -37.48 41.58 -3.81
CA ASN C 66 -37.74 42.61 -4.81
C ASN C 66 -37.91 44.00 -4.21
N CYS C 67 -38.60 44.12 -3.07
CA CYS C 67 -38.82 45.42 -2.46
C CYS C 67 -37.67 45.73 -1.50
N THR C 68 -37.76 46.89 -0.84
CA THR C 68 -36.67 47.41 0.01
C THR C 68 -37.30 48.05 1.24
N TYR C 69 -37.54 47.24 2.27
CA TYR C 69 -38.10 47.70 3.54
C TYR C 69 -37.19 47.30 4.69
N CYS C 70 -37.23 48.08 5.75
CA CYS C 70 -36.39 47.83 6.93
C CYS C 70 -37.00 48.53 8.13
N ASN C 71 -36.73 47.98 9.32
CA ASN C 71 -37.19 48.53 10.58
C ASN C 71 -35.99 48.76 11.48
N THR C 72 -35.96 49.92 12.13
CA THR C 72 -34.79 50.31 12.91
C THR C 72 -34.79 49.71 14.32
N ARG C 73 -35.96 49.39 14.85
CA ARG C 73 -36.03 48.96 16.25
C ARG C 73 -35.56 47.53 16.44
N GLU C 74 -35.69 46.68 15.42
CA GLU C 74 -35.32 45.26 15.51
C GLU C 74 -34.49 44.90 14.29
N TYR C 75 -33.22 45.26 14.32
CA TYR C 75 -32.25 44.79 13.34
C TYR C 75 -30.89 44.76 14.01
N THR C 76 -30.10 43.74 13.68
CA THR C 76 -28.87 43.50 14.43
C THR C 76 -27.86 44.62 14.20
N PHE C 77 -27.75 45.10 12.95
CA PHE C 77 -26.84 46.19 12.65
C PHE C 77 -27.05 46.60 11.20
N SER C 78 -26.62 47.82 10.89
CA SER C 78 -26.73 48.38 9.55
C SER C 78 -25.35 48.70 9.01
N TYR C 79 -25.22 48.61 7.68
CA TYR C 79 -24.00 48.99 6.99
C TYR C 79 -24.39 49.56 5.64
N LYS C 80 -23.98 50.80 5.39
CA LYS C 80 -24.34 51.47 4.14
C LYS C 80 -25.85 51.58 4.01
N GLY C 81 -26.45 50.79 3.13
CA GLY C 81 -27.89 50.82 2.94
C GLY C 81 -28.51 49.45 3.06
N CYS C 82 -27.94 48.61 3.94
CA CYS C 82 -28.40 47.24 4.13
C CYS C 82 -28.64 47.02 5.62
N CYS C 83 -29.86 46.61 5.97
CA CYS C 83 -30.18 46.22 7.33
C CYS C 83 -29.96 44.71 7.49
N PHE C 84 -29.18 44.32 8.49
CA PHE C 84 -28.80 42.94 8.70
C PHE C 84 -29.52 42.35 9.91
N TYR C 85 -29.75 41.04 9.85
CA TYR C 85 -30.48 40.33 10.90
C TYR C 85 -29.80 39.00 11.19
N PHE C 86 -29.83 38.61 12.46
CA PHE C 86 -29.40 37.28 12.89
C PHE C 86 -30.60 36.56 13.46
N THR C 87 -30.84 35.35 12.98
CA THR C 87 -32.01 34.60 13.43
C THR C 87 -31.80 34.14 14.87
N LYS C 88 -32.80 34.38 15.71
CA LYS C 88 -32.75 33.89 17.08
C LYS C 88 -32.91 32.37 17.12
N LYS C 89 -33.59 31.80 16.13
CA LYS C 89 -33.80 30.36 16.07
C LYS C 89 -32.67 29.72 15.26
N LYS C 90 -32.13 28.62 15.79
CA LYS C 90 -31.14 27.85 15.07
C LYS C 90 -31.80 27.10 13.92
N HIS C 91 -31.20 27.19 12.73
CA HIS C 91 -31.77 26.60 11.53
C HIS C 91 -30.69 25.88 10.74
N THR C 92 -31.12 24.87 9.98
CA THR C 92 -30.22 24.21 9.06
C THR C 92 -29.88 25.14 7.91
N TRP C 93 -28.70 24.95 7.32
CA TRP C 93 -28.26 25.81 6.23
C TRP C 93 -29.29 25.81 5.11
N ASN C 94 -29.71 24.61 4.68
CA ASN C 94 -30.66 24.52 3.58
C ASN C 94 -32.00 25.16 3.93
N GLY C 95 -32.41 25.07 5.18
CA GLY C 95 -33.72 25.55 5.58
C GLY C 95 -33.74 26.99 6.04
N CYS C 96 -32.73 27.77 5.65
CA CYS C 96 -32.69 29.18 6.02
C CYS C 96 -33.15 30.12 4.92
N PHE C 97 -33.21 29.64 3.67
CA PHE C 97 -33.88 30.43 2.64
C PHE C 97 -35.31 30.75 3.05
N GLN C 98 -36.00 29.78 3.67
CA GLN C 98 -37.34 30.02 4.20
C GLN C 98 -37.28 30.82 5.49
N ALA C 99 -36.47 30.38 6.45
CA ALA C 99 -36.45 31.00 7.77
C ALA C 99 -36.35 32.51 7.72
N CYS C 100 -35.80 33.07 6.64
CA CYS C 100 -35.60 34.51 6.52
C CYS C 100 -36.66 35.19 5.68
N ALA C 101 -37.04 34.60 4.54
CA ALA C 101 -38.09 35.19 3.72
C ALA C 101 -39.36 35.42 4.52
N GLU C 102 -39.58 34.63 5.58
CA GLU C 102 -40.71 34.81 6.48
C GLU C 102 -40.33 35.55 7.75
N LEU C 103 -39.05 35.86 7.94
CA LEU C 103 -38.63 36.59 9.14
C LEU C 103 -39.16 38.02 9.12
N TYR C 104 -38.81 38.77 8.08
CA TYR C 104 -39.31 40.13 7.89
C TYR C 104 -39.56 40.34 6.41
N PRO C 105 -40.37 41.34 6.05
CA PRO C 105 -40.65 41.58 4.62
C PRO C 105 -39.38 41.88 3.83
N CYS C 106 -39.30 41.29 2.65
CA CYS C 106 -38.21 41.54 1.70
C CYS C 106 -36.85 41.38 2.37
N THR C 107 -36.59 40.13 2.77
CA THR C 107 -35.30 39.73 3.32
C THR C 107 -34.89 38.42 2.66
N TYR C 108 -33.59 38.25 2.44
CA TYR C 108 -33.09 37.05 1.78
C TYR C 108 -31.80 36.59 2.46
N PHE C 109 -31.35 35.41 2.05
CA PHE C 109 -30.17 34.78 2.63
C PHE C 109 -28.93 35.40 2.00
N TYR C 110 -28.19 36.18 2.78
CA TYR C 110 -27.14 37.03 2.25
C TYR C 110 -25.81 36.29 2.18
N GLY C 111 -25.00 36.67 1.17
CA GLY C 111 -23.66 36.17 1.03
C GLY C 111 -22.64 37.27 1.26
N PRO C 112 -21.89 37.20 2.38
CA PRO C 112 -20.98 38.30 2.72
C PRO C 112 -19.88 38.54 1.71
N THR C 113 -19.91 39.69 1.05
CA THR C 113 -18.86 40.08 0.14
C THR C 113 -17.62 40.49 0.92
N PRO C 114 -16.44 40.42 0.28
CA PRO C 114 -15.20 40.78 1.00
C PRO C 114 -15.24 42.12 1.72
N ASP C 115 -15.87 43.13 1.11
CA ASP C 115 -15.95 44.43 1.76
C ASP C 115 -16.80 44.38 3.03
N ILE C 116 -17.87 43.58 3.00
CA ILE C 116 -18.81 43.55 4.11
C ILE C 116 -18.55 42.41 5.09
N LEU C 117 -17.85 41.35 4.68
CA LEU C 117 -17.55 40.25 5.58
C LEU C 117 -16.99 40.71 6.92
N PRO C 118 -15.95 41.56 6.97
CA PRO C 118 -15.44 41.98 8.28
C PRO C 118 -16.52 42.59 9.17
N VAL C 119 -17.45 43.34 8.59
CA VAL C 119 -18.53 43.95 9.37
C VAL C 119 -19.33 42.89 10.10
N VAL C 120 -19.56 41.75 9.43
CA VAL C 120 -20.43 40.72 10.01
C VAL C 120 -19.71 39.97 11.11
N THR C 121 -18.39 39.83 11.00
CA THR C 121 -17.62 39.12 12.01
C THR C 121 -17.46 39.93 13.29
N ARG C 122 -17.64 41.25 13.23
CA ARG C 122 -17.44 42.09 14.41
C ARG C 122 -18.60 41.99 15.39
N ASN C 123 -19.81 41.73 14.91
CA ASN C 123 -20.97 41.58 15.75
C ASN C 123 -21.22 40.13 16.14
N LEU C 124 -20.19 39.29 16.07
CA LEU C 124 -20.26 37.89 16.44
C LEU C 124 -19.33 37.65 17.63
N ASN C 125 -19.76 36.78 18.54
CA ASN C 125 -18.95 36.44 19.70
C ASN C 125 -17.84 35.47 19.30
N ALA C 126 -17.01 35.10 20.27
CA ALA C 126 -15.93 34.15 20.02
C ALA C 126 -16.41 32.71 19.94
N ILE C 127 -17.60 32.42 20.44
CA ILE C 127 -18.12 31.06 20.50
C ILE C 127 -19.05 30.74 19.33
N GLU C 128 -19.87 31.70 18.93
CA GLU C 128 -20.98 31.39 18.04
C GLU C 128 -20.54 31.38 16.58
N SER C 129 -21.36 30.73 15.77
CA SER C 129 -21.17 30.60 14.33
C SER C 129 -22.38 31.18 13.61
N LEU C 130 -22.35 31.14 12.29
CA LEU C 130 -23.39 31.78 11.49
C LEU C 130 -23.35 31.23 10.08
N TRP C 131 -24.46 30.65 9.61
CA TRP C 131 -24.57 30.31 8.20
C TRP C 131 -24.56 31.58 7.35
N VAL C 132 -24.38 31.39 6.05
CA VAL C 132 -24.35 32.50 5.09
C VAL C 132 -24.89 31.98 3.75
N GLY C 133 -25.20 32.92 2.86
CA GLY C 133 -25.77 32.58 1.57
C GLY C 133 -24.76 32.48 0.44
N VAL C 134 -23.70 31.72 0.68
CA VAL C 134 -22.68 31.43 -0.33
C VAL C 134 -22.66 29.92 -0.54
N TYR C 135 -22.90 29.49 -1.77
CA TYR C 135 -23.09 28.07 -2.05
C TYR C 135 -22.48 27.72 -3.40
N ARG C 136 -22.47 26.42 -3.68
CA ARG C 136 -21.86 25.86 -4.89
C ARG C 136 -22.90 24.99 -5.57
N VAL C 137 -23.48 25.49 -6.66
CA VAL C 137 -24.49 24.74 -7.39
C VAL C 137 -23.93 23.39 -7.85
N GLY C 138 -22.71 23.38 -8.37
CA GLY C 138 -22.10 22.17 -8.86
C GLY C 138 -20.67 21.99 -8.39
N GLU C 139 -19.73 22.05 -9.33
CA GLU C 139 -18.31 21.93 -9.03
C GLU C 139 -17.54 23.20 -9.36
N GLY C 140 -18.22 24.30 -9.65
CA GLY C 140 -17.53 25.51 -10.07
C GLY C 140 -18.22 26.76 -9.59
N ASN C 141 -17.42 27.79 -9.33
CA ASN C 141 -17.88 29.14 -9.02
C ASN C 141 -18.86 29.18 -7.84
N TRP C 142 -18.36 29.59 -6.68
CA TRP C 142 -19.22 29.93 -5.56
C TRP C 142 -19.95 31.25 -5.84
N THR C 143 -21.16 31.36 -5.30
CA THR C 143 -22.00 32.52 -5.59
C THR C 143 -23.12 32.60 -4.56
N SER C 144 -23.62 33.82 -4.38
CA SER C 144 -24.73 34.10 -3.47
C SER C 144 -26.01 34.33 -4.30
N LEU C 145 -27.03 34.89 -3.66
CA LEU C 145 -28.25 35.23 -4.40
C LEU C 145 -28.07 36.50 -5.22
N ASP C 146 -27.15 37.38 -4.82
CA ASP C 146 -26.84 38.56 -5.62
C ASP C 146 -25.92 38.22 -6.79
N GLY C 147 -25.10 37.19 -6.64
CA GLY C 147 -24.12 36.81 -7.64
C GLY C 147 -22.70 37.00 -7.15
N GLY C 148 -21.79 37.11 -8.11
CA GLY C 148 -20.40 37.40 -7.81
C GLY C 148 -19.58 36.14 -7.59
N THR C 149 -18.26 36.34 -7.55
CA THR C 149 -17.29 35.29 -7.31
C THR C 149 -16.68 35.47 -5.93
N PHE C 150 -16.71 34.41 -5.12
CA PHE C 150 -16.25 34.46 -3.73
C PHE C 150 -15.09 33.49 -3.56
N LYS C 151 -13.99 33.99 -2.98
CA LYS C 151 -12.92 33.11 -2.53
C LYS C 151 -13.38 32.39 -1.27
N VAL C 152 -13.52 31.08 -1.36
CA VAL C 152 -13.99 30.25 -0.24
C VAL C 152 -12.85 29.36 0.22
N TYR C 153 -12.73 29.21 1.54
CA TYR C 153 -11.75 28.28 2.11
C TYR C 153 -12.38 26.89 2.06
N GLN C 154 -12.24 26.24 0.92
CA GLN C 154 -12.84 24.94 0.67
C GLN C 154 -11.93 23.84 1.21
N ILE C 155 -12.50 22.92 1.97
CA ILE C 155 -11.75 21.79 2.52
C ILE C 155 -12.58 20.51 2.48
N PHE C 156 -13.91 20.64 2.56
CA PHE C 156 -14.79 19.50 2.63
C PHE C 156 -15.49 19.29 1.28
N GLY C 157 -16.58 18.52 1.26
CA GLY C 157 -17.35 18.32 0.05
C GLY C 157 -18.07 19.55 -0.45
N SER C 158 -18.14 20.62 0.36
CA SER C 158 -18.64 21.91 -0.10
C SER C 158 -20.16 21.98 -0.10
N HIS C 159 -20.73 22.83 -0.95
CA HIS C 159 -22.15 23.03 -1.18
C HIS C 159 -22.77 23.99 -0.16
N CYS C 160 -22.10 24.30 0.95
CA CYS C 160 -22.66 25.20 1.95
C CYS C 160 -21.52 25.80 2.77
N THR C 161 -21.74 27.01 3.26
CA THR C 161 -20.68 27.78 3.91
C THR C 161 -21.20 28.49 5.15
N TYR C 162 -20.29 28.74 6.09
CA TYR C 162 -20.55 29.52 7.29
C TYR C 162 -19.43 30.53 7.47
N VAL C 163 -19.55 31.36 8.51
CA VAL C 163 -18.51 32.31 8.89
C VAL C 163 -18.40 32.31 10.41
N SER C 164 -17.30 32.86 10.89
CA SER C 164 -17.00 32.88 12.32
C SER C 164 -16.38 34.23 12.65
N LYS C 165 -15.84 34.36 13.86
CA LYS C 165 -15.28 35.63 14.28
C LYS C 165 -14.03 35.99 13.49
N PHE C 166 -13.15 35.02 13.24
CA PHE C 166 -11.87 35.26 12.59
C PHE C 166 -11.85 34.73 11.16
N SER C 167 -12.98 34.77 10.48
CA SER C 167 -13.10 34.20 9.14
C SER C 167 -12.84 35.30 8.11
N THR C 168 -11.70 35.20 7.44
CA THR C 168 -11.41 36.10 6.32
C THR C 168 -12.28 35.79 5.11
N VAL C 169 -12.78 34.57 4.99
CA VAL C 169 -13.62 34.17 3.86
C VAL C 169 -14.62 33.13 4.34
N PRO C 170 -15.72 32.90 3.61
CA PRO C 170 -16.63 31.82 3.99
C PRO C 170 -15.92 30.49 4.03
N VAL C 171 -16.36 29.63 4.94
CA VAL C 171 -15.76 28.33 5.17
C VAL C 171 -16.80 27.26 4.87
N SER C 172 -16.39 26.24 4.12
CA SER C 172 -17.28 25.11 3.85
C SER C 172 -17.50 24.30 5.12
N HIS C 173 -18.54 23.47 5.08
CA HIS C 173 -18.93 22.66 6.23
C HIS C 173 -19.12 21.22 5.77
N HIS C 174 -18.94 20.29 6.71
CA HIS C 174 -19.00 18.86 6.40
C HIS C 174 -20.41 18.32 6.44
N GLU C 175 -21.24 18.79 7.36
CA GLU C 175 -22.63 18.33 7.51
C GLU C 175 -23.49 19.55 7.73
N CYS C 176 -24.33 19.88 6.74
CA CYS C 176 -25.11 21.11 6.78
C CYS C 176 -26.55 20.88 7.20
N SER C 177 -26.79 19.82 7.96
CA SER C 177 -28.01 19.69 8.75
C SER C 177 -27.81 20.17 10.18
N PHE C 178 -26.63 20.70 10.50
CA PHE C 178 -26.39 21.27 11.82
C PHE C 178 -27.21 22.54 11.99
N LEU C 179 -27.40 22.92 13.25
CA LEU C 179 -28.23 24.07 13.61
C LEU C 179 -27.34 25.25 13.99
N LYS C 180 -27.40 26.31 13.19
CA LYS C 180 -26.73 27.56 13.47
C LYS C 180 -27.70 28.69 13.15
N PRO C 181 -27.51 29.87 13.74
CA PRO C 181 -28.25 31.05 13.28
C PRO C 181 -27.91 31.33 11.82
N CYS C 182 -28.62 32.31 11.24
CA CYS C 182 -28.46 32.58 9.83
C CYS C 182 -28.37 34.07 9.57
N LEU C 183 -27.50 34.43 8.62
CA LEU C 183 -27.29 35.81 8.22
C LEU C 183 -28.27 36.16 7.11
N CYS C 184 -29.05 37.23 7.33
CA CYS C 184 -30.03 37.65 6.34
C CYS C 184 -30.14 39.16 6.36
N VAL C 185 -30.44 39.73 5.19
CA VAL C 185 -30.29 41.16 4.96
C VAL C 185 -31.56 41.71 4.32
N SER C 186 -31.77 43.01 4.50
CA SER C 186 -32.84 43.77 3.87
C SER C 186 -32.25 45.04 3.27
N GLN C 187 -33.10 45.86 2.66
CA GLN C 187 -32.66 47.11 2.06
C GLN C 187 -33.42 48.30 2.64
N GLU D 1 21.85 -19.13 -22.25
CA GLU D 1 22.67 -19.63 -23.39
C GLU D 1 21.83 -20.47 -24.33
N VAL D 2 21.87 -20.14 -25.63
CA VAL D 2 21.10 -20.83 -26.66
C VAL D 2 22.06 -21.34 -27.71
N GLN D 3 21.89 -22.60 -28.11
CA GLN D 3 22.67 -23.21 -29.17
C GLN D 3 21.74 -23.70 -30.27
N LEU D 4 22.11 -23.45 -31.52
CA LEU D 4 21.26 -23.74 -32.66
C LEU D 4 21.91 -24.79 -33.57
N GLU D 5 21.06 -25.52 -34.28
CA GLU D 5 21.49 -26.52 -35.24
C GLU D 5 20.74 -26.29 -36.55
N GLN D 6 21.45 -26.36 -37.67
CA GLN D 6 20.87 -26.12 -38.98
C GLN D 6 21.02 -27.34 -39.86
N SER D 7 20.15 -27.43 -40.87
CA SER D 7 20.17 -28.55 -41.79
C SER D 7 21.49 -28.61 -42.54
N GLY D 8 21.81 -29.80 -43.03
CA GLY D 8 22.96 -29.99 -43.86
C GLY D 8 22.82 -29.23 -45.17
N PRO D 9 23.91 -29.10 -45.91
CA PRO D 9 23.84 -28.43 -47.21
C PRO D 9 23.08 -29.27 -48.21
N GLU D 10 22.34 -28.59 -49.08
CA GLU D 10 21.53 -29.25 -50.08
C GLU D 10 21.89 -28.70 -51.45
N LEU D 11 22.18 -29.61 -52.39
CA LEU D 11 22.43 -29.25 -53.78
C LEU D 11 21.10 -29.35 -54.52
N VAL D 12 20.58 -28.21 -54.95
CA VAL D 12 19.23 -28.13 -55.48
C VAL D 12 19.29 -27.62 -56.91
N LYS D 13 18.28 -28.01 -57.70
CA LYS D 13 18.17 -27.54 -59.07
C LYS D 13 17.17 -26.42 -59.18
N PRO D 14 17.41 -25.40 -60.01
CA PRO D 14 16.51 -24.24 -60.05
C PRO D 14 15.06 -24.63 -60.26
N GLY D 15 14.20 -24.33 -59.29
CA GLY D 15 12.81 -24.68 -59.31
C GLY D 15 12.45 -25.81 -58.37
N ALA D 16 13.42 -26.56 -57.89
CA ALA D 16 13.18 -27.58 -56.89
C ALA D 16 12.91 -26.88 -55.56
N SER D 17 12.96 -27.63 -54.46
CA SER D 17 12.63 -27.12 -53.14
C SER D 17 13.73 -27.47 -52.16
N VAL D 18 14.01 -26.54 -51.25
CA VAL D 18 14.94 -26.74 -50.16
C VAL D 18 14.28 -26.25 -48.88
N LYS D 19 14.24 -27.11 -47.86
CA LYS D 19 13.67 -26.77 -46.56
C LYS D 19 14.76 -26.90 -45.51
N MET D 20 15.09 -25.78 -44.85
CA MET D 20 16.10 -25.76 -43.81
C MET D 20 15.43 -25.68 -42.44
N SER D 21 16.02 -26.36 -41.48
CA SER D 21 15.50 -26.42 -40.11
C SER D 21 16.50 -25.75 -39.17
N CYS D 22 15.98 -25.06 -38.16
CA CYS D 22 16.81 -24.40 -37.16
C CYS D 22 16.32 -24.81 -35.78
N LYS D 23 17.00 -25.79 -35.19
CA LYS D 23 16.59 -26.36 -33.91
C LYS D 23 17.26 -25.60 -32.77
N ALA D 24 16.45 -25.09 -31.85
CA ALA D 24 16.95 -24.32 -30.71
C ALA D 24 17.02 -25.20 -29.47
N SER D 25 18.15 -25.13 -28.77
CA SER D 25 18.41 -25.97 -27.60
C SER D 25 19.19 -25.14 -26.59
N GLY D 26 18.61 -24.96 -25.40
CA GLY D 26 19.29 -24.21 -24.36
C GLY D 26 18.35 -23.52 -23.38
N TYR D 27 18.59 -22.23 -23.14
CA TYR D 27 17.79 -21.45 -22.20
C TYR D 27 17.55 -20.07 -22.78
N THR D 28 16.28 -19.67 -22.86
CA THR D 28 15.91 -18.35 -23.35
C THR D 28 14.66 -17.91 -22.61
N PHE D 29 14.15 -16.73 -23.01
CA PHE D 29 12.97 -16.14 -22.41
C PHE D 29 11.82 -16.17 -23.40
N THR D 30 10.61 -15.97 -22.88
CA THR D 30 9.40 -16.09 -23.66
C THR D 30 9.39 -15.09 -24.82
N ASP D 31 8.53 -15.39 -25.80
CA ASP D 31 8.34 -14.54 -26.98
C ASP D 31 9.66 -14.30 -27.71
N TYR D 32 10.58 -15.27 -27.65
CA TYR D 32 11.85 -15.13 -28.31
C TYR D 32 11.67 -15.13 -29.83
N VAL D 33 12.69 -14.63 -30.53
CA VAL D 33 12.62 -14.44 -31.97
C VAL D 33 13.74 -15.23 -32.64
N ILE D 34 13.46 -15.74 -33.82
CA ILE D 34 14.44 -16.37 -34.69
C ILE D 34 14.54 -15.54 -35.95
N SER D 35 15.74 -15.09 -36.29
CA SER D 35 15.97 -14.26 -37.45
C SER D 35 16.73 -15.05 -38.51
N TRP D 36 16.43 -14.75 -39.77
CA TRP D 36 17.07 -15.39 -40.92
C TRP D 36 17.78 -14.34 -41.76
N VAL D 37 18.98 -14.66 -42.21
CA VAL D 37 19.76 -13.77 -43.07
C VAL D 37 20.61 -14.61 -44.01
N LYS D 38 20.94 -14.03 -45.16
CA LYS D 38 21.81 -14.67 -46.14
C LYS D 38 22.93 -13.73 -46.53
N GLN D 39 24.06 -14.32 -46.92
CA GLN D 39 25.16 -13.56 -47.50
C GLN D 39 25.75 -14.38 -48.63
N ARG D 40 25.98 -13.72 -49.76
CA ARG D 40 26.70 -14.34 -50.86
C ARG D 40 28.19 -14.32 -50.57
N THR D 41 28.88 -15.35 -51.05
CA THR D 41 30.32 -15.48 -50.85
C THR D 41 31.03 -14.16 -51.15
N GLY D 42 31.63 -13.58 -50.12
CA GLY D 42 32.35 -12.33 -50.27
C GLY D 42 31.53 -11.08 -50.08
N GLN D 43 30.23 -11.21 -49.81
CA GLN D 43 29.35 -10.08 -49.61
C GLN D 43 28.81 -10.08 -48.19
N GLY D 44 28.17 -8.98 -47.81
CA GLY D 44 27.70 -8.78 -46.46
C GLY D 44 26.32 -9.37 -46.21
N LEU D 45 25.80 -9.07 -45.02
CA LEU D 45 24.52 -9.57 -44.57
C LEU D 45 23.40 -8.64 -45.03
N GLU D 46 22.18 -9.20 -45.14
CA GLU D 46 21.08 -8.46 -45.74
C GLU D 46 19.79 -8.48 -44.93
N TRP D 47 18.90 -9.43 -45.21
CA TRP D 47 17.51 -9.33 -44.76
C TRP D 47 17.32 -10.03 -43.42
N ILE D 48 16.17 -9.75 -42.80
CA ILE D 48 15.98 -10.03 -41.38
C ILE D 48 14.60 -10.60 -41.10
N GLY D 49 14.19 -11.60 -41.88
CA GLY D 49 12.89 -12.21 -41.69
C GLY D 49 12.71 -12.83 -40.32
N GLU D 50 11.99 -12.13 -39.45
CA GLU D 50 11.82 -12.58 -38.07
C GLU D 50 10.59 -13.47 -37.96
N ILE D 51 10.67 -14.49 -37.12
CA ILE D 51 9.53 -15.33 -36.80
C ILE D 51 9.58 -15.65 -35.31
N TYR D 52 8.40 -15.58 -34.67
CA TYR D 52 8.27 -15.93 -33.26
C TYR D 52 7.51 -17.24 -33.16
N PRO D 53 8.19 -18.38 -32.89
CA PRO D 53 7.47 -19.67 -32.88
C PRO D 53 6.17 -19.65 -32.10
N GLU D 54 6.22 -19.23 -30.84
CA GLU D 54 5.01 -19.16 -30.03
C GLU D 54 3.97 -18.28 -30.71
N SER D 55 4.26 -16.98 -30.83
CA SER D 55 3.30 -16.03 -31.38
C SER D 55 2.95 -16.36 -32.82
N GLY D 56 3.92 -16.85 -33.59
CA GLY D 56 3.71 -17.13 -34.99
C GLY D 56 3.75 -15.93 -35.89
N ASN D 57 3.68 -14.71 -35.34
CA ASN D 57 3.74 -13.52 -36.16
C ASN D 57 5.09 -13.42 -36.86
N THR D 58 5.09 -12.81 -38.04
CA THR D 58 6.26 -12.79 -38.91
C THR D 58 6.41 -11.41 -39.54
N TYR D 59 7.66 -10.99 -39.70
CA TYR D 59 8.00 -9.72 -40.33
C TYR D 59 9.06 -10.01 -41.40
N TYR D 60 8.66 -10.02 -42.67
CA TYR D 60 9.61 -10.18 -43.76
C TYR D 60 10.06 -8.82 -44.26
N ASN D 61 10.40 -8.71 -45.54
CA ASN D 61 10.80 -7.45 -46.15
C ASN D 61 10.08 -7.35 -47.48
N GLU D 62 10.55 -6.46 -48.35
CA GLU D 62 10.06 -6.40 -49.72
C GLU D 62 10.46 -7.62 -50.53
N LYS D 63 11.32 -8.47 -49.99
CA LYS D 63 11.74 -9.72 -50.60
C LYS D 63 11.42 -10.86 -49.64
N PHE D 64 11.56 -12.08 -50.14
CA PHE D 64 11.38 -13.28 -49.33
C PHE D 64 9.93 -13.45 -48.87
N LYS D 65 9.00 -12.80 -49.57
CA LYS D 65 7.56 -13.06 -49.46
C LYS D 65 7.13 -13.56 -50.84
N GLY D 66 6.78 -14.84 -50.92
CA GLY D 66 6.69 -15.48 -52.22
C GLY D 66 8.07 -15.96 -52.62
N GLU D 67 9.06 -15.10 -52.40
CA GLU D 67 10.46 -15.52 -52.42
C GLU D 67 10.87 -16.26 -51.15
N ALA D 68 9.95 -16.47 -50.20
CA ALA D 68 10.22 -17.26 -49.01
C ALA D 68 9.01 -17.20 -48.09
N THR D 69 8.89 -18.24 -47.25
CA THR D 69 7.87 -18.30 -46.21
C THR D 69 8.52 -18.91 -44.98
N LEU D 70 7.96 -18.60 -43.80
CA LEU D 70 8.53 -19.02 -42.53
C LEU D 70 7.50 -19.81 -41.74
N THR D 71 7.82 -21.07 -41.47
CA THR D 71 6.99 -21.97 -40.68
C THR D 71 7.58 -22.08 -39.28
N ALA D 72 6.95 -22.90 -38.44
CA ALA D 72 7.49 -23.16 -37.10
C ALA D 72 6.84 -24.41 -36.52
N ASP D 73 7.59 -25.06 -35.64
CA ASP D 73 7.11 -26.23 -34.90
C ASP D 73 7.34 -25.98 -33.42
N LYS D 74 6.26 -25.89 -32.66
CA LYS D 74 6.34 -25.53 -31.25
C LYS D 74 6.70 -26.71 -30.37
N SER D 75 6.51 -27.94 -30.86
CA SER D 75 6.81 -29.12 -30.05
C SER D 75 8.30 -29.18 -29.69
N SER D 76 9.16 -28.90 -30.66
CA SER D 76 10.60 -28.89 -30.45
C SER D 76 11.27 -27.57 -30.80
N ASN D 77 10.52 -26.60 -31.32
CA ASN D 77 11.04 -25.29 -31.65
C ASN D 77 12.11 -25.40 -32.74
N THR D 78 11.63 -25.73 -33.94
CA THR D 78 12.50 -25.97 -35.08
C THR D 78 12.53 -24.82 -36.08
N ALA D 79 11.46 -24.01 -36.15
CA ALA D 79 11.44 -22.83 -37.01
C ALA D 79 11.95 -23.14 -38.41
N TYR D 80 11.12 -23.78 -39.24
CA TYR D 80 11.53 -24.15 -40.57
C TYR D 80 11.53 -22.94 -41.50
N MET D 81 12.35 -23.02 -42.55
CA MET D 81 12.31 -22.07 -43.65
C MET D 81 12.62 -22.83 -44.94
N GLN D 82 11.88 -22.51 -46.00
CA GLN D 82 12.08 -23.15 -47.28
C GLN D 82 11.92 -22.11 -48.39
N LEU D 83 12.22 -22.55 -49.61
CA LEU D 83 12.17 -21.68 -50.78
C LEU D 83 12.51 -22.47 -52.04
N SER D 84 11.67 -22.37 -53.07
CA SER D 84 11.78 -23.21 -54.25
C SER D 84 12.20 -22.41 -55.48
N ARG D 85 11.35 -21.52 -55.97
CA ARG D 85 11.58 -20.84 -57.24
C ARG D 85 12.77 -19.90 -57.10
N LEU D 86 13.96 -20.48 -57.14
CA LEU D 86 15.20 -19.80 -56.80
C LEU D 86 16.05 -19.61 -58.05
N THR D 87 16.64 -18.43 -58.17
CA THR D 87 17.49 -18.11 -59.30
C THR D 87 18.96 -18.33 -58.92
N SER D 88 19.88 -17.84 -59.76
CA SER D 88 21.30 -18.03 -59.47
C SER D 88 21.75 -17.08 -58.37
N GLU D 89 21.30 -15.83 -58.41
CA GLU D 89 21.83 -14.81 -57.51
C GLU D 89 21.55 -15.07 -56.04
N ASP D 90 20.74 -16.08 -55.72
CA ASP D 90 20.38 -16.37 -54.33
C ASP D 90 21.02 -17.65 -53.83
N SER D 91 21.87 -18.29 -54.63
CA SER D 91 22.83 -19.24 -54.08
C SER D 91 23.67 -18.52 -53.04
N ALA D 92 23.64 -19.00 -51.80
CA ALA D 92 24.32 -18.29 -50.72
C ALA D 92 24.27 -19.18 -49.47
N VAL D 93 24.67 -18.60 -48.34
CA VAL D 93 24.64 -19.27 -47.04
C VAL D 93 23.57 -18.58 -46.21
N TYR D 94 22.60 -19.35 -45.71
CA TYR D 94 21.49 -18.81 -44.95
C TYR D 94 21.71 -19.07 -43.46
N PHE D 95 21.78 -18.00 -42.68
CA PHE D 95 22.07 -18.09 -41.26
C PHE D 95 20.79 -17.95 -40.44
N CYS D 96 20.76 -18.66 -39.31
CA CYS D 96 19.66 -18.61 -38.36
C CYS D 96 20.20 -18.14 -37.03
N ALA D 97 19.55 -17.13 -36.45
CA ALA D 97 20.03 -16.50 -35.23
C ALA D 97 18.87 -16.28 -34.26
N GLU D 98 19.10 -16.61 -32.99
CA GLU D 98 18.13 -16.42 -31.93
C GLU D 98 18.44 -15.16 -31.14
N GLY D 99 17.40 -14.45 -30.73
CA GLY D 99 17.54 -13.28 -29.91
C GLY D 99 17.27 -12.01 -30.69
N TYR D 100 16.97 -10.94 -29.95
CA TYR D 100 16.69 -9.64 -30.53
C TYR D 100 17.95 -8.87 -30.90
N ALA D 101 19.14 -9.50 -30.81
CA ALA D 101 20.39 -8.78 -30.94
C ALA D 101 20.98 -8.79 -32.37
N MET D 102 21.27 -9.96 -32.96
CA MET D 102 20.92 -11.32 -32.53
C MET D 102 22.02 -12.00 -31.71
N ASP D 103 21.60 -12.66 -30.63
CA ASP D 103 22.54 -13.17 -29.64
C ASP D 103 23.30 -14.39 -30.16
N PHE D 104 22.58 -15.44 -30.52
CA PHE D 104 23.17 -16.74 -30.81
C PHE D 104 22.90 -17.13 -32.26
N TRP D 105 23.96 -17.34 -33.02
CA TRP D 105 23.87 -17.69 -34.43
C TRP D 105 24.01 -19.20 -34.63
N GLY D 106 23.54 -19.66 -35.78
CA GLY D 106 23.67 -21.04 -36.17
C GLY D 106 24.77 -21.22 -37.20
N GLN D 107 25.26 -22.46 -37.31
CA GLN D 107 26.35 -22.76 -38.23
C GLN D 107 26.02 -22.36 -39.67
N GLY D 108 24.74 -22.24 -40.00
CA GLY D 108 24.34 -21.88 -41.34
C GLY D 108 24.19 -23.09 -42.25
N THR D 109 23.41 -22.91 -43.31
CA THR D 109 23.21 -23.93 -44.33
C THR D 109 23.43 -23.29 -45.70
N SER D 110 24.43 -23.81 -46.43
CA SER D 110 24.74 -23.32 -47.76
C SER D 110 23.99 -24.14 -48.79
N VAL D 111 23.17 -23.48 -49.59
CA VAL D 111 22.45 -24.11 -50.68
C VAL D 111 22.96 -23.51 -51.98
N THR D 112 23.43 -24.38 -52.88
CA THR D 112 23.90 -23.98 -54.20
C THR D 112 22.91 -24.49 -55.23
N VAL D 113 22.39 -23.58 -56.06
CA VAL D 113 21.44 -23.93 -57.09
C VAL D 113 22.09 -23.74 -58.46
N SER D 114 21.88 -24.71 -59.34
CA SER D 114 22.44 -24.65 -60.68
C SER D 114 21.90 -25.84 -61.48
N SER D 115 21.49 -25.58 -62.71
CA SER D 115 21.00 -26.63 -63.59
C SER D 115 22.15 -27.33 -64.29
N ALA D 116 23.11 -27.81 -63.51
CA ALA D 116 24.33 -28.42 -64.03
C ALA D 116 24.47 -29.83 -63.50
N LYS D 117 24.67 -30.78 -64.41
CA LYS D 117 24.93 -32.15 -64.02
C LYS D 117 26.37 -32.29 -63.55
N THR D 118 26.59 -33.21 -62.61
CA THR D 118 27.94 -33.50 -62.15
C THR D 118 28.85 -33.71 -63.35
N THR D 119 29.97 -33.00 -63.35
CA THR D 119 30.92 -33.03 -64.46
C THR D 119 32.33 -33.16 -63.88
N PRO D 120 33.10 -34.17 -64.26
CA PRO D 120 34.48 -34.27 -63.77
C PRO D 120 35.30 -33.09 -64.23
N PRO D 121 36.38 -32.75 -63.53
CA PRO D 121 37.20 -31.60 -63.95
C PRO D 121 38.21 -31.99 -65.02
N SER D 122 38.43 -31.08 -65.95
CA SER D 122 39.47 -31.23 -66.96
C SER D 122 40.72 -30.50 -66.49
N VAL D 123 41.85 -31.19 -66.54
CA VAL D 123 43.11 -30.67 -66.00
C VAL D 123 44.04 -30.36 -67.17
N TYR D 124 44.66 -29.18 -67.11
CA TYR D 124 45.65 -28.77 -68.10
C TYR D 124 46.87 -28.25 -67.37
N PRO D 125 48.08 -28.51 -67.87
CA PRO D 125 49.27 -28.00 -67.18
C PRO D 125 49.62 -26.59 -67.62
N LEU D 126 50.14 -25.82 -66.67
CA LEU D 126 50.55 -24.45 -66.93
C LEU D 126 52.08 -24.41 -66.94
N ALA D 127 52.66 -24.59 -68.13
CA ALA D 127 54.09 -24.54 -68.33
C ALA D 127 54.52 -23.14 -68.78
N PRO D 128 55.71 -22.68 -68.38
CA PRO D 128 56.12 -21.33 -68.80
C PRO D 128 56.16 -21.14 -70.30
N GLY D 129 56.39 -22.20 -71.06
CA GLY D 129 56.43 -22.10 -72.51
C GLY D 129 57.72 -21.54 -73.04
N SER D 130 58.11 -21.95 -74.25
CA SER D 130 59.36 -21.50 -74.85
C SER D 130 59.42 -19.97 -74.89
N ALA D 131 60.59 -19.43 -75.26
CA ALA D 131 60.81 -17.99 -75.22
C ALA D 131 60.65 -17.44 -73.80
N ALA D 132 60.95 -18.27 -72.80
CA ALA D 132 60.90 -17.87 -71.40
C ALA D 132 62.20 -18.28 -70.72
N GLN D 133 62.52 -17.57 -69.64
CA GLN D 133 63.74 -17.82 -68.87
C GLN D 133 63.44 -18.32 -67.47
N THR D 134 62.63 -17.60 -66.71
CA THR D 134 62.29 -17.98 -65.34
C THR D 134 63.50 -18.48 -64.57
N ASN D 135 64.38 -17.56 -64.17
CA ASN D 135 65.62 -17.92 -63.49
C ASN D 135 65.42 -17.93 -61.98
N SER D 136 66.37 -18.55 -61.28
CA SER D 136 66.34 -18.68 -59.83
C SER D 136 65.25 -19.67 -59.40
N MET D 137 63.99 -19.31 -59.65
CA MET D 137 62.88 -20.18 -59.32
C MET D 137 61.80 -20.04 -60.39
N VAL D 138 61.30 -21.16 -60.88
CA VAL D 138 60.22 -21.18 -61.86
C VAL D 138 58.90 -21.41 -61.14
N THR D 139 57.85 -20.74 -61.62
CA THR D 139 56.52 -20.89 -61.06
C THR D 139 55.68 -21.67 -62.07
N LEU D 140 55.16 -22.81 -61.64
CA LEU D 140 54.31 -23.66 -62.46
C LEU D 140 52.86 -23.55 -61.98
N GLY D 141 51.98 -24.28 -62.64
CA GLY D 141 50.58 -24.17 -62.29
C GLY D 141 49.76 -25.28 -62.91
N CYS D 142 48.53 -25.39 -62.41
CA CYS D 142 47.58 -26.40 -62.83
C CYS D 142 46.22 -25.73 -63.04
N LEU D 143 45.60 -25.99 -64.19
CA LEU D 143 44.30 -25.42 -64.53
C LEU D 143 43.24 -26.50 -64.45
N VAL D 144 42.17 -26.21 -63.71
CA VAL D 144 41.07 -27.13 -63.47
C VAL D 144 39.82 -26.45 -63.99
N LYS D 145 39.30 -26.91 -65.13
CA LYS D 145 38.25 -26.20 -65.84
C LYS D 145 37.07 -27.12 -66.09
N GLY D 146 35.86 -26.61 -65.83
CA GLY D 146 34.64 -27.27 -66.20
C GLY D 146 34.24 -28.43 -65.32
N TYR D 147 34.02 -28.15 -64.04
CA TYR D 147 33.59 -29.17 -63.09
C TYR D 147 32.38 -28.68 -62.32
N PHE D 148 31.62 -29.65 -61.79
CA PHE D 148 30.47 -29.36 -60.93
C PHE D 148 30.15 -30.63 -60.16
N PRO D 149 29.81 -30.54 -58.87
CA PRO D 149 29.78 -29.34 -58.04
C PRO D 149 31.12 -29.08 -57.37
N GLU D 150 31.13 -28.17 -56.41
CA GLU D 150 32.31 -27.98 -55.59
C GLU D 150 32.35 -29.02 -54.48
N PRO D 151 33.50 -29.22 -53.83
CA PRO D 151 34.80 -28.61 -54.11
C PRO D 151 35.74 -29.53 -54.86
N VAL D 152 36.99 -29.10 -55.00
CA VAL D 152 38.08 -29.94 -55.48
C VAL D 152 39.31 -29.62 -54.64
N THR D 153 40.15 -30.62 -54.45
CA THR D 153 41.42 -30.45 -53.74
C THR D 153 42.56 -30.70 -54.71
N VAL D 154 43.52 -29.77 -54.74
CA VAL D 154 44.66 -29.84 -55.63
C VAL D 154 45.93 -29.95 -54.78
N THR D 155 46.63 -31.07 -54.92
CA THR D 155 47.90 -31.30 -54.24
C THR D 155 48.97 -31.57 -55.29
N TRP D 156 50.23 -31.57 -54.83
CA TRP D 156 51.38 -31.65 -55.72
C TRP D 156 52.27 -32.81 -55.30
N ASN D 157 52.61 -33.66 -56.27
CA ASN D 157 53.42 -34.85 -56.02
C ASN D 157 52.93 -35.60 -54.79
N SER D 158 51.61 -35.56 -54.56
CA SER D 158 50.95 -36.34 -53.51
C SER D 158 51.49 -35.97 -52.13
N GLY D 159 51.08 -34.80 -51.67
CA GLY D 159 51.39 -34.31 -50.35
C GLY D 159 52.70 -33.56 -50.23
N SER D 160 53.67 -33.90 -51.08
CA SER D 160 54.91 -33.15 -51.12
C SER D 160 54.64 -31.77 -51.71
N LEU D 161 55.68 -30.93 -51.74
CA LEU D 161 55.53 -29.54 -52.17
C LEU D 161 54.33 -28.91 -51.48
N SER D 162 54.49 -28.71 -50.18
CA SER D 162 53.46 -28.04 -49.38
C SER D 162 53.69 -26.55 -49.28
N SER D 163 54.94 -26.11 -49.24
CA SER D 163 55.25 -24.69 -49.18
C SER D 163 55.36 -24.11 -50.58
N GLY D 164 54.94 -22.86 -50.73
CA GLY D 164 54.96 -22.21 -52.03
C GLY D 164 53.81 -22.60 -52.93
N VAL D 165 52.71 -23.10 -52.38
CA VAL D 165 51.57 -23.55 -53.15
C VAL D 165 50.41 -22.58 -52.95
N HIS D 166 49.73 -22.26 -54.05
CA HIS D 166 48.49 -21.50 -54.02
C HIS D 166 47.41 -22.32 -54.70
N THR D 167 46.20 -22.25 -54.17
CA THR D 167 45.02 -22.84 -54.79
C THR D 167 43.93 -21.79 -54.74
N PHE D 168 43.57 -21.27 -55.90
CA PHE D 168 42.69 -20.12 -55.94
C PHE D 168 41.24 -20.53 -55.80
N PRO D 169 40.37 -19.62 -55.33
CA PRO D 169 38.95 -19.95 -55.23
C PRO D 169 38.32 -20.19 -56.60
N ALA D 170 37.26 -20.98 -56.62
CA ALA D 170 36.60 -21.34 -57.85
C ALA D 170 35.77 -20.17 -58.37
N VAL D 171 35.86 -19.94 -59.68
CA VAL D 171 35.02 -18.97 -60.37
C VAL D 171 34.00 -19.76 -61.18
N LEU D 172 32.86 -19.13 -61.46
CA LEU D 172 31.79 -19.75 -62.22
C LEU D 172 31.85 -19.22 -63.65
N GLN D 173 31.95 -20.13 -64.62
CA GLN D 173 31.87 -19.78 -66.03
C GLN D 173 31.08 -20.85 -66.77
N SER D 174 30.21 -20.43 -67.68
CA SER D 174 29.34 -21.35 -68.41
C SER D 174 28.56 -22.24 -67.44
N ASP D 175 28.26 -21.70 -66.26
CA ASP D 175 27.57 -22.44 -65.21
C ASP D 175 28.40 -23.60 -64.67
N LEU D 176 29.71 -23.58 -64.89
CA LEU D 176 30.63 -24.59 -64.36
C LEU D 176 31.82 -23.92 -63.70
N TYR D 177 32.35 -24.56 -62.68
CA TYR D 177 33.43 -23.98 -61.91
C TYR D 177 34.78 -24.18 -62.60
N THR D 178 35.77 -23.42 -62.14
CA THR D 178 37.13 -23.51 -62.65
C THR D 178 38.06 -22.78 -61.70
N LEU D 179 39.25 -23.33 -61.49
CA LEU D 179 40.26 -22.70 -60.65
C LEU D 179 41.64 -23.11 -61.15
N SER D 180 42.66 -22.48 -60.58
CA SER D 180 44.04 -22.82 -60.89
C SER D 180 44.82 -22.98 -59.59
N SER D 181 45.95 -23.68 -59.69
CA SER D 181 46.86 -23.87 -58.56
C SER D 181 48.27 -23.55 -59.04
N SER D 182 49.05 -22.93 -58.16
CA SER D 182 50.42 -22.55 -58.49
C SER D 182 51.40 -23.20 -57.52
N VAL D 183 52.64 -23.36 -57.97
CA VAL D 183 53.71 -23.85 -57.13
C VAL D 183 55.00 -23.19 -57.56
N THR D 184 55.76 -22.66 -56.59
CA THR D 184 57.05 -22.04 -56.86
C THR D 184 58.13 -23.05 -56.56
N VAL D 185 58.91 -23.41 -57.58
CA VAL D 185 59.90 -24.48 -57.48
C VAL D 185 61.25 -23.94 -57.94
N PRO D 186 62.33 -24.19 -57.21
CA PRO D 186 63.66 -23.79 -57.69
C PRO D 186 63.97 -24.41 -59.05
N SER D 187 64.60 -23.62 -59.91
CA SER D 187 64.90 -24.08 -61.27
C SER D 187 65.78 -25.33 -61.25
N SER D 188 66.62 -25.48 -60.24
CA SER D 188 67.48 -26.65 -60.15
C SER D 188 66.68 -27.94 -59.97
N THR D 189 65.45 -27.85 -59.46
CA THR D 189 64.63 -29.02 -59.19
C THR D 189 63.56 -29.26 -60.25
N TRP D 190 63.71 -28.65 -61.43
CA TRP D 190 62.74 -28.86 -62.50
C TRP D 190 63.36 -28.39 -63.80
N PRO D 191 63.25 -29.15 -64.91
CA PRO D 191 62.58 -30.44 -65.04
C PRO D 191 63.41 -31.62 -64.53
N SER D 192 64.48 -31.34 -63.77
CA SER D 192 65.31 -32.42 -63.24
C SER D 192 64.47 -33.43 -62.46
N GLU D 193 63.56 -32.94 -61.63
CA GLU D 193 62.65 -33.79 -60.87
C GLU D 193 61.23 -33.59 -61.39
N THR D 194 60.49 -34.70 -61.49
CA THR D 194 59.14 -34.62 -62.03
C THR D 194 58.24 -33.85 -61.09
N VAL D 195 57.35 -33.04 -61.66
CA VAL D 195 56.35 -32.28 -60.91
C VAL D 195 55.00 -32.61 -61.51
N THR D 196 54.10 -33.16 -60.70
CA THR D 196 52.79 -33.58 -61.15
C THR D 196 51.70 -32.86 -60.36
N CYS D 197 50.49 -32.88 -60.92
CA CYS D 197 49.34 -32.19 -60.35
C CYS D 197 48.29 -33.23 -59.96
N ASN D 198 47.83 -33.16 -58.73
CA ASN D 198 46.86 -34.12 -58.18
C ASN D 198 45.55 -33.40 -57.91
N VAL D 199 44.61 -33.49 -58.85
CA VAL D 199 43.32 -32.83 -58.75
C VAL D 199 42.27 -33.86 -58.37
N ALA D 200 41.50 -33.57 -57.32
CA ALA D 200 40.51 -34.51 -56.79
C ALA D 200 39.13 -33.88 -56.79
N HIS D 201 38.14 -34.65 -57.26
CA HIS D 201 36.75 -34.23 -57.30
C HIS D 201 35.91 -35.36 -56.72
N PRO D 202 35.85 -35.48 -55.37
CA PRO D 202 35.23 -36.66 -54.75
C PRO D 202 33.82 -36.97 -55.23
N ALA D 203 33.20 -36.04 -55.95
CA ALA D 203 31.93 -36.30 -56.61
C ALA D 203 32.08 -37.15 -57.87
N SER D 204 33.29 -37.61 -58.18
CA SER D 204 33.50 -38.48 -59.34
C SER D 204 34.91 -39.08 -59.35
N SER D 205 35.89 -38.31 -59.83
CA SER D 205 37.22 -38.84 -60.13
C SER D 205 38.29 -37.87 -59.66
N THR D 206 39.55 -38.27 -59.85
CA THR D 206 40.72 -37.40 -59.69
C THR D 206 41.66 -37.64 -60.85
N LYS D 207 42.13 -36.54 -61.44
CA LYS D 207 43.06 -36.58 -62.56
C LYS D 207 44.46 -36.28 -62.08
N VAL D 208 45.44 -36.93 -62.72
CA VAL D 208 46.86 -36.72 -62.42
C VAL D 208 47.53 -36.25 -63.69
N ASP D 209 48.17 -35.08 -63.63
CA ASP D 209 48.80 -34.46 -64.79
C ASP D 209 50.25 -34.12 -64.48
N LYS D 210 51.10 -34.23 -65.50
CA LYS D 210 52.52 -33.98 -65.38
C LYS D 210 52.87 -32.67 -66.09
N LYS D 211 53.74 -31.88 -65.44
CA LYS D 211 54.14 -30.59 -65.97
C LYS D 211 55.28 -30.80 -66.97
N ILE D 212 55.04 -30.43 -68.22
CA ILE D 212 56.01 -30.65 -69.30
C ILE D 212 55.99 -29.44 -70.21
N VAL D 213 57.14 -29.18 -70.85
CA VAL D 213 57.26 -28.08 -71.77
C VAL D 213 57.27 -28.58 -73.21
N ASP E 1 14.43 3.08 -46.51
CA ASP E 1 15.15 2.20 -45.54
C ASP E 1 16.17 3.00 -44.75
N ILE E 2 16.95 2.30 -43.93
CA ILE E 2 17.94 2.90 -43.05
C ILE E 2 19.30 2.43 -43.53
N VAL E 3 19.99 3.26 -44.31
CA VAL E 3 21.31 2.89 -44.80
C VAL E 3 22.27 2.96 -43.62
N ILE E 4 23.47 2.43 -43.79
CA ILE E 4 24.48 2.44 -42.75
C ILE E 4 25.85 2.45 -43.43
N THR E 5 26.82 3.08 -42.78
CA THR E 5 28.11 3.36 -43.40
C THR E 5 29.23 3.03 -42.43
N GLN E 6 30.04 2.03 -42.76
CA GLN E 6 31.23 1.70 -41.99
C GLN E 6 32.47 2.20 -42.70
N THR E 7 33.42 2.72 -41.93
CA THR E 7 34.71 3.13 -42.46
C THR E 7 35.78 2.81 -41.43
N PRO E 8 36.96 2.33 -41.85
CA PRO E 8 37.34 1.98 -43.23
C PRO E 8 36.78 0.63 -43.68
N LEU E 9 36.74 0.40 -44.99
CA LEU E 9 36.34 -0.91 -45.50
C LEU E 9 37.40 -1.96 -45.23
N SER E 10 38.65 -1.55 -45.09
CA SER E 10 39.74 -2.45 -44.72
C SER E 10 40.69 -1.70 -43.79
N LEU E 11 41.04 -2.33 -42.68
CA LEU E 11 41.87 -1.70 -41.65
C LEU E 11 43.03 -2.64 -41.31
N PRO E 12 44.16 -2.51 -42.00
CA PRO E 12 45.35 -3.28 -41.62
C PRO E 12 45.84 -2.88 -40.24
N VAL E 13 46.04 -3.89 -39.39
CA VAL E 13 46.56 -3.69 -38.04
C VAL E 13 47.64 -4.72 -37.79
N SER E 14 48.66 -4.34 -37.03
CA SER E 14 49.60 -5.29 -36.47
C SER E 14 49.08 -5.78 -35.12
N LEU E 15 49.61 -6.90 -34.66
CA LEU E 15 49.20 -7.43 -33.37
C LEU E 15 49.63 -6.48 -32.27
N GLY E 16 48.69 -6.15 -31.38
CA GLY E 16 48.93 -5.22 -30.31
C GLY E 16 48.49 -3.79 -30.60
N ASP E 17 48.13 -3.48 -31.84
CA ASP E 17 47.70 -2.15 -32.21
C ASP E 17 46.32 -1.86 -31.62
N GLN E 18 45.76 -0.70 -31.97
CA GLN E 18 44.43 -0.30 -31.56
C GLN E 18 43.60 -0.03 -32.79
N ALA E 19 42.40 -0.62 -32.84
CA ALA E 19 41.51 -0.47 -33.97
C ALA E 19 40.32 0.40 -33.60
N SER E 20 39.79 1.11 -34.59
CA SER E 20 38.61 1.95 -34.42
C SER E 20 37.75 1.81 -35.67
N ILE E 21 36.46 1.55 -35.47
CA ILE E 21 35.54 1.29 -36.56
C ILE E 21 34.25 2.07 -36.29
N SER E 22 33.84 2.89 -37.24
CA SER E 22 32.62 3.68 -37.12
C SER E 22 31.49 3.06 -37.93
N CYS E 23 30.24 3.37 -37.51
CA CYS E 23 29.03 2.92 -38.22
C CYS E 23 28.05 4.10 -38.23
N ARG E 24 28.22 4.98 -39.21
CA ARG E 24 27.36 6.15 -39.33
C ARG E 24 25.97 5.73 -39.80
N SER E 25 24.94 6.21 -39.10
CA SER E 25 23.57 5.85 -39.43
C SER E 25 22.89 6.96 -40.21
N SER E 26 21.84 6.58 -40.94
CA SER E 26 21.08 7.55 -41.72
C SER E 26 20.02 8.24 -40.87
N GLN E 27 19.41 7.50 -39.94
CA GLN E 27 18.36 8.02 -39.09
C GLN E 27 18.75 7.84 -37.63
N SER E 28 18.11 8.61 -36.77
CA SER E 28 18.35 8.50 -35.33
C SER E 28 18.11 7.06 -34.89
N LEU E 29 18.69 6.68 -33.75
CA LEU E 29 18.55 5.32 -33.24
C LEU E 29 18.09 5.35 -31.78
N LEU E 30 17.04 6.12 -31.48
CA LEU E 30 16.45 6.16 -30.17
C LEU E 30 15.02 5.61 -30.23
N HIS E 31 14.59 4.96 -29.16
CA HIS E 31 13.29 4.31 -29.14
C HIS E 31 12.53 4.60 -27.86
N SER E 32 12.81 3.85 -26.79
CA SER E 32 11.99 3.86 -25.58
C SER E 32 12.87 3.93 -24.33
N ASN E 33 13.50 5.07 -24.08
CA ASN E 33 13.55 6.22 -25.00
C ASN E 33 14.99 6.33 -25.47
N GLY E 34 15.90 6.40 -24.52
CA GLY E 34 17.32 6.44 -24.80
C GLY E 34 17.95 5.07 -24.87
N ASN E 35 17.19 4.09 -25.38
CA ASN E 35 17.69 2.74 -25.58
C ASN E 35 18.06 2.63 -27.05
N THR E 36 19.34 2.93 -27.35
CA THR E 36 19.82 2.93 -28.72
C THR E 36 20.18 1.51 -29.15
N TYR E 37 19.47 1.00 -30.16
CA TYR E 37 19.68 -0.37 -30.63
C TYR E 37 20.70 -0.35 -31.76
N LEU E 38 21.97 -0.38 -31.37
CA LEU E 38 23.08 -0.57 -32.29
C LEU E 38 23.90 -1.74 -31.79
N HIS E 39 24.26 -2.65 -32.69
CA HIS E 39 24.93 -3.89 -32.34
C HIS E 39 26.11 -4.12 -33.27
N TRP E 40 27.15 -4.75 -32.72
CA TRP E 40 28.37 -5.05 -33.46
C TRP E 40 28.58 -6.56 -33.53
N TYR E 41 28.96 -7.04 -34.70
CA TYR E 41 29.19 -8.47 -34.91
C TYR E 41 30.61 -8.69 -35.44
N LEU E 42 31.09 -9.92 -35.26
CA LEU E 42 32.39 -10.33 -35.74
C LEU E 42 32.25 -11.68 -36.42
N GLN E 43 32.73 -11.78 -37.65
CA GLN E 43 32.70 -13.01 -38.42
C GLN E 43 34.14 -13.41 -38.69
N ARG E 44 34.68 -14.28 -37.83
CA ARG E 44 35.98 -14.86 -38.10
C ARG E 44 35.91 -15.68 -39.40
N PRO E 45 36.99 -15.69 -40.20
CA PRO E 45 36.93 -16.36 -41.50
C PRO E 45 36.49 -17.81 -41.36
N GLY E 46 35.52 -18.20 -42.18
CA GLY E 46 35.06 -19.57 -42.23
C GLY E 46 34.05 -19.96 -41.18
N GLN E 47 33.66 -19.05 -40.30
CA GLN E 47 32.77 -19.36 -39.20
C GLN E 47 31.50 -18.51 -39.29
N SER E 48 30.54 -18.84 -38.45
CA SER E 48 29.31 -18.07 -38.37
C SER E 48 29.57 -16.75 -37.65
N PRO E 49 28.88 -15.68 -38.04
CA PRO E 49 29.01 -14.43 -37.29
C PRO E 49 28.61 -14.63 -35.84
N LYS E 50 29.18 -13.80 -34.97
CA LYS E 50 28.84 -13.85 -33.55
C LYS E 50 28.74 -12.43 -33.03
N LEU E 51 27.94 -12.26 -31.97
CA LEU E 51 27.66 -10.95 -31.41
C LEU E 51 28.81 -10.51 -30.52
N LEU E 52 29.23 -9.25 -30.67
CA LEU E 52 30.24 -8.64 -29.81
C LEU E 52 29.59 -7.64 -28.85
N ILE E 53 29.03 -6.56 -29.37
CA ILE E 53 28.48 -5.48 -28.56
C ILE E 53 27.04 -5.26 -28.99
N TYR E 54 26.15 -5.09 -28.01
CA TYR E 54 24.75 -4.83 -28.28
C TYR E 54 24.29 -3.62 -27.47
N LYS E 55 23.28 -2.93 -28.00
CA LYS E 55 22.79 -1.68 -27.43
C LYS E 55 23.95 -0.70 -27.26
N VAL E 56 24.72 -0.52 -28.34
CA VAL E 56 25.73 0.53 -28.48
C VAL E 56 27.02 0.18 -27.76
N SER E 57 26.95 -0.24 -26.50
CA SER E 57 28.18 -0.49 -25.76
C SER E 57 27.98 -1.42 -24.56
N ASN E 58 27.41 -2.60 -24.78
CA ASN E 58 27.29 -3.63 -23.76
C ASN E 58 28.03 -4.87 -24.25
N ARG E 59 29.01 -5.31 -23.48
CA ARG E 59 29.82 -6.47 -23.85
C ARG E 59 29.00 -7.75 -23.68
N PHE E 60 28.81 -8.47 -24.78
CA PHE E 60 28.10 -9.75 -24.76
C PHE E 60 28.89 -10.78 -23.94
N SER E 61 28.21 -11.87 -23.59
CA SER E 61 28.84 -12.90 -22.79
C SER E 61 29.97 -13.56 -23.57
N GLY E 62 31.14 -13.70 -22.93
CA GLY E 62 32.30 -14.31 -23.55
C GLY E 62 33.20 -13.35 -24.29
N VAL E 63 32.85 -12.07 -24.35
CA VAL E 63 33.63 -11.09 -25.09
C VAL E 63 34.68 -10.48 -24.16
N PRO E 64 35.97 -10.49 -24.51
CA PRO E 64 36.98 -9.89 -23.62
C PRO E 64 36.76 -8.40 -23.43
N ASP E 65 37.54 -7.83 -22.51
CA ASP E 65 37.39 -6.44 -22.14
C ASP E 65 37.91 -5.49 -23.21
N ARG E 66 38.82 -5.95 -24.07
CA ARG E 66 39.45 -5.06 -25.04
C ARG E 66 38.43 -4.47 -26.03
N PHE E 67 37.24 -5.05 -26.13
CA PHE E 67 36.20 -4.53 -27.00
C PHE E 67 35.36 -3.51 -26.25
N SER E 68 35.00 -2.43 -26.95
CA SER E 68 34.28 -1.33 -26.33
C SER E 68 33.56 -0.52 -27.41
N GLY E 69 32.27 -0.31 -27.21
CA GLY E 69 31.47 0.50 -28.11
C GLY E 69 31.25 1.90 -27.55
N SER E 70 31.14 2.88 -28.44
CA SER E 70 31.06 4.27 -28.07
C SER E 70 30.05 4.98 -28.95
N GLY E 71 29.94 6.29 -28.77
CA GLY E 71 29.09 7.11 -29.62
C GLY E 71 27.62 6.94 -29.33
N SER E 72 26.82 7.89 -29.81
CA SER E 72 25.37 7.86 -29.59
C SER E 72 24.69 8.63 -30.72
N GLY E 73 23.36 8.58 -30.72
CA GLY E 73 22.57 9.34 -31.67
C GLY E 73 22.56 8.74 -33.07
N THR E 74 23.56 9.11 -33.87
CA THR E 74 23.62 8.62 -35.25
C THR E 74 25.02 8.27 -35.72
N ASP E 75 26.08 8.62 -34.98
CA ASP E 75 27.44 8.27 -35.34
C ASP E 75 28.10 7.57 -34.16
N PHE E 76 28.67 6.40 -34.41
CA PHE E 76 29.19 5.54 -33.35
C PHE E 76 30.57 5.02 -33.74
N THR E 77 31.16 4.24 -32.84
CA THR E 77 32.53 3.78 -33.01
C THR E 77 32.75 2.55 -32.15
N LEU E 78 33.42 1.55 -32.72
CA LEU E 78 33.87 0.36 -31.99
C LEU E 78 35.39 0.42 -31.87
N MET E 79 35.90 -0.01 -30.72
CA MET E 79 37.32 0.10 -30.41
C MET E 79 37.84 -1.23 -29.87
N ILE E 80 38.95 -1.71 -30.44
CA ILE E 80 39.62 -2.92 -29.98
C ILE E 80 40.96 -2.51 -29.38
N ASN E 81 41.15 -2.80 -28.10
CA ASN E 81 42.36 -2.40 -27.38
C ASN E 81 43.37 -3.54 -27.44
N ARG E 82 44.48 -3.32 -28.16
CA ARG E 82 45.49 -4.35 -28.34
C ARG E 82 44.89 -5.55 -29.08
N VAL E 83 44.96 -5.51 -30.41
CA VAL E 83 44.37 -6.56 -31.25
C VAL E 83 45.12 -7.87 -31.04
N GLU E 84 44.37 -8.97 -30.99
CA GLU E 84 44.92 -10.31 -30.96
C GLU E 84 44.57 -11.04 -32.25
N ALA E 85 45.22 -12.19 -32.46
CA ALA E 85 45.01 -12.94 -33.68
C ALA E 85 43.54 -13.35 -33.84
N GLU E 86 42.92 -13.83 -32.77
CA GLU E 86 41.53 -14.29 -32.83
C GLU E 86 40.55 -13.16 -33.08
N ASP E 87 41.01 -11.92 -33.20
CA ASP E 87 40.13 -10.79 -33.49
C ASP E 87 40.08 -10.44 -34.97
N LEU E 88 40.88 -11.08 -35.80
CA LEU E 88 40.84 -10.80 -37.23
C LEU E 88 39.56 -11.34 -37.85
N GLY E 89 39.03 -10.61 -38.82
CA GLY E 89 37.81 -11.00 -39.49
C GLY E 89 37.07 -9.78 -40.01
N VAL E 90 35.75 -9.88 -40.03
CA VAL E 90 34.88 -8.85 -40.56
C VAL E 90 33.96 -8.38 -39.45
N TYR E 91 33.83 -7.06 -39.30
CA TYR E 91 33.03 -6.45 -38.24
C TYR E 91 31.83 -5.76 -38.89
N PHE E 92 30.66 -6.36 -38.76
CA PHE E 92 29.42 -5.75 -39.20
C PHE E 92 28.78 -4.97 -38.04
N CYS E 93 27.80 -4.14 -38.39
CA CYS E 93 26.99 -3.45 -37.41
C CYS E 93 25.55 -3.38 -37.91
N SER E 94 24.61 -3.25 -36.97
CA SER E 94 23.19 -3.34 -37.31
C SER E 94 22.37 -2.47 -36.36
N GLN E 95 21.19 -2.05 -36.84
CA GLN E 95 20.19 -1.39 -36.02
C GLN E 95 18.91 -2.22 -36.07
N SER E 96 18.20 -2.29 -34.95
CA SER E 96 16.98 -3.09 -34.84
C SER E 96 15.74 -2.25 -34.61
N ILE E 97 15.85 -0.93 -34.67
CA ILE E 97 14.70 -0.06 -34.36
C ILE E 97 13.69 -0.10 -35.50
N HIS E 98 14.11 0.32 -36.69
CA HIS E 98 13.23 0.36 -37.85
C HIS E 98 13.32 -0.94 -38.63
N VAL E 99 12.18 -1.39 -39.14
CA VAL E 99 12.10 -2.58 -39.96
C VAL E 99 12.32 -2.16 -41.41
N PRO E 100 13.30 -2.72 -42.13
CA PRO E 100 14.22 -3.81 -41.75
C PRO E 100 15.41 -3.34 -40.91
N ARG E 101 16.07 -4.29 -40.24
CA ARG E 101 17.22 -3.95 -39.41
C ARG E 101 18.34 -3.33 -40.24
N THR E 102 18.72 -3.99 -41.33
CA THR E 102 19.84 -3.57 -42.17
C THR E 102 21.17 -3.78 -41.44
N PHE E 103 22.22 -4.11 -42.20
CA PHE E 103 23.56 -4.30 -41.67
C PHE E 103 24.51 -3.27 -42.31
N GLY E 104 25.81 -3.46 -42.07
CA GLY E 104 26.84 -2.58 -42.59
C GLY E 104 27.73 -3.27 -43.61
N GLY E 105 28.60 -2.46 -44.20
CA GLY E 105 29.54 -2.92 -45.21
C GLY E 105 30.33 -4.12 -44.74
N GLY E 106 31.31 -3.90 -43.88
CA GLY E 106 32.09 -5.00 -43.34
C GLY E 106 33.28 -4.58 -42.49
N THR E 107 34.15 -3.75 -43.05
CA THR E 107 35.41 -3.41 -42.37
C THR E 107 36.19 -4.69 -42.07
N LYS E 108 36.96 -5.17 -43.05
CA LYS E 108 37.87 -6.28 -42.81
C LYS E 108 39.00 -5.83 -41.90
N LEU E 109 39.32 -6.65 -40.91
CA LEU E 109 40.48 -6.44 -40.05
C LEU E 109 41.58 -7.39 -40.50
N GLU E 110 42.66 -6.82 -41.03
CA GLU E 110 43.72 -7.60 -41.67
C GLU E 110 45.05 -7.32 -40.98
N ILE E 111 46.05 -8.13 -41.32
CA ILE E 111 47.40 -7.96 -40.80
C ILE E 111 48.15 -6.94 -41.65
N LYS E 112 48.99 -6.16 -41.00
CA LYS E 112 49.83 -5.19 -41.69
C LYS E 112 51.24 -5.76 -41.83
N ARG E 113 51.83 -5.56 -43.00
CA ARG E 113 53.18 -6.03 -43.28
C ARG E 113 53.83 -5.10 -44.29
N ALA E 114 55.06 -5.44 -44.68
CA ALA E 114 55.81 -4.61 -45.61
C ALA E 114 55.30 -4.81 -47.03
N ASP E 115 55.41 -3.75 -47.82
CA ASP E 115 54.99 -3.81 -49.21
C ASP E 115 55.81 -4.83 -49.98
N ALA E 116 55.12 -5.66 -50.77
CA ALA E 116 55.76 -6.64 -51.64
C ALA E 116 55.11 -6.57 -53.01
N ALA E 117 55.93 -6.57 -54.04
CA ALA E 117 55.39 -6.54 -55.38
C ALA E 117 55.00 -7.94 -55.84
N PRO E 118 54.05 -8.03 -56.78
CA PRO E 118 53.66 -9.35 -57.28
C PRO E 118 54.69 -9.94 -58.22
N THR E 119 54.79 -11.26 -58.19
CA THR E 119 55.64 -12.00 -59.12
C THR E 119 54.75 -12.54 -60.23
N VAL E 120 54.70 -11.82 -61.34
CA VAL E 120 53.77 -12.13 -62.41
C VAL E 120 54.33 -13.27 -63.25
N SER E 121 53.45 -14.20 -63.63
CA SER E 121 53.80 -15.32 -64.48
C SER E 121 52.65 -15.54 -65.47
N ILE E 122 52.97 -15.66 -66.75
CA ILE E 122 51.97 -15.88 -67.79
C ILE E 122 52.23 -17.23 -68.41
N PHE E 123 51.16 -17.98 -68.65
CA PHE E 123 51.25 -19.32 -69.23
C PHE E 123 50.44 -19.35 -70.51
N PRO E 124 51.02 -19.62 -71.67
CA PRO E 124 50.21 -19.81 -72.88
C PRO E 124 49.31 -21.02 -72.75
N PRO E 125 48.28 -21.14 -73.58
CA PRO E 125 47.39 -22.31 -73.52
C PRO E 125 48.13 -23.64 -73.58
N SER E 126 47.51 -24.69 -73.03
CA SER E 126 48.12 -26.01 -73.00
C SER E 126 47.76 -26.79 -74.26
N SER E 127 48.72 -27.57 -74.76
CA SER E 127 48.49 -28.38 -75.94
C SER E 127 47.21 -29.20 -75.82
N GLU E 128 46.98 -29.81 -74.66
CA GLU E 128 45.79 -30.62 -74.46
C GLU E 128 44.53 -29.81 -74.69
N GLN E 129 44.54 -28.54 -74.25
CA GLN E 129 43.32 -27.74 -74.30
C GLN E 129 42.93 -27.39 -75.73
N LEU E 130 43.90 -26.97 -76.54
CA LEU E 130 43.59 -26.61 -77.93
C LEU E 130 43.01 -27.80 -78.68
N THR E 131 43.48 -29.01 -78.37
CA THR E 131 42.88 -30.20 -78.97
C THR E 131 41.38 -30.26 -78.71
N SER E 132 40.93 -29.71 -77.58
CA SER E 132 39.51 -29.70 -77.24
C SER E 132 38.76 -28.52 -77.86
N GLY E 133 39.44 -27.69 -78.66
CA GLY E 133 38.77 -26.56 -79.27
C GLY E 133 38.69 -25.32 -78.41
N GLY E 134 39.58 -25.18 -77.43
CA GLY E 134 39.57 -24.02 -76.56
C GLY E 134 40.98 -23.63 -76.18
N ALA E 135 41.14 -22.36 -75.83
CA ALA E 135 42.43 -21.82 -75.44
C ALA E 135 42.22 -20.76 -74.38
N SER E 136 42.79 -20.96 -73.19
CA SER E 136 42.67 -20.03 -72.09
C SER E 136 44.06 -19.69 -71.57
N VAL E 137 44.36 -18.40 -71.50
CA VAL E 137 45.65 -17.91 -71.00
C VAL E 137 45.51 -17.69 -69.50
N VAL E 138 46.59 -17.92 -68.77
CA VAL E 138 46.61 -17.82 -67.32
C VAL E 138 47.73 -16.88 -66.91
N CYS E 139 47.47 -16.07 -65.88
CA CYS E 139 48.44 -15.11 -65.39
C CYS E 139 48.36 -15.10 -63.86
N PHE E 140 49.41 -15.60 -63.20
CA PHE E 140 49.48 -15.62 -61.74
C PHE E 140 50.16 -14.37 -61.24
N LEU E 141 49.50 -13.66 -60.32
CA LEU E 141 50.08 -12.54 -59.59
C LEU E 141 50.23 -13.00 -58.15
N ASN E 142 51.43 -13.45 -57.79
CA ASN E 142 51.64 -14.20 -56.56
C ASN E 142 52.38 -13.36 -55.52
N ASN E 143 51.82 -13.31 -54.32
CA ASN E 143 52.50 -12.81 -53.13
C ASN E 143 52.81 -11.32 -53.22
N PHE E 144 51.82 -10.49 -52.89
CA PHE E 144 51.96 -9.05 -52.92
C PHE E 144 51.19 -8.47 -51.73
N TYR E 145 51.58 -7.25 -51.35
CA TYR E 145 50.92 -6.51 -50.30
C TYR E 145 51.08 -5.04 -50.65
N PRO E 146 50.03 -4.21 -50.49
CA PRO E 146 48.66 -4.51 -50.06
C PRO E 146 47.82 -5.26 -51.08
N LYS E 147 46.59 -5.59 -50.68
CA LYS E 147 45.71 -6.44 -51.49
C LYS E 147 45.28 -5.76 -52.78
N ASP E 148 45.21 -4.43 -52.79
CA ASP E 148 44.67 -3.71 -53.95
C ASP E 148 45.58 -3.88 -55.16
N ILE E 149 44.98 -4.26 -56.29
CA ILE E 149 45.73 -4.47 -57.52
C ILE E 149 44.73 -4.70 -58.65
N ASN E 150 45.09 -4.28 -59.86
CA ASN E 150 44.26 -4.50 -61.04
C ASN E 150 45.16 -4.91 -62.20
N VAL E 151 44.57 -5.65 -63.15
CA VAL E 151 45.31 -6.17 -64.29
C VAL E 151 44.67 -5.64 -65.58
N LYS E 152 45.49 -5.54 -66.62
CA LYS E 152 45.03 -5.14 -67.94
C LYS E 152 45.57 -6.16 -68.94
N TRP E 153 44.68 -6.85 -69.63
CA TRP E 153 45.06 -7.75 -70.71
C TRP E 153 45.17 -6.96 -72.00
N LYS E 154 46.33 -7.01 -72.65
CA LYS E 154 46.56 -6.35 -73.92
C LYS E 154 46.93 -7.39 -74.96
N ILE E 155 46.14 -7.47 -76.02
CA ILE E 155 46.40 -8.37 -77.14
C ILE E 155 46.78 -7.51 -78.34
N ASP E 156 48.03 -7.64 -78.80
CA ASP E 156 48.55 -6.83 -79.90
C ASP E 156 48.50 -5.33 -79.57
N GLY E 157 48.54 -5.00 -78.28
CA GLY E 157 48.52 -3.62 -77.85
C GLY E 157 47.15 -3.05 -77.56
N SER E 158 46.08 -3.81 -77.78
CA SER E 158 44.73 -3.36 -77.52
C SER E 158 44.21 -4.00 -76.24
N GLU E 159 43.65 -3.18 -75.36
CA GLU E 159 43.15 -3.70 -74.08
C GLU E 159 42.02 -4.70 -74.31
N ARG E 160 41.96 -5.71 -73.45
CA ARG E 160 40.94 -6.74 -73.50
C ARG E 160 40.17 -6.73 -72.18
N GLN E 161 38.85 -6.76 -72.27
CA GLN E 161 37.99 -6.77 -71.10
C GLN E 161 36.90 -7.83 -71.13
N ASN E 162 36.76 -8.57 -72.22
CA ASN E 162 35.73 -9.59 -72.36
C ASN E 162 36.36 -10.98 -72.24
N GLY E 163 35.74 -11.84 -71.44
CA GLY E 163 36.20 -13.20 -71.27
C GLY E 163 37.27 -13.40 -70.22
N VAL E 164 37.53 -12.41 -69.38
CA VAL E 164 38.54 -12.50 -68.33
C VAL E 164 37.83 -12.78 -67.01
N LEU E 165 38.35 -13.76 -66.26
CA LEU E 165 37.84 -14.12 -64.95
C LEU E 165 38.99 -14.11 -63.96
N ASN E 166 38.81 -13.42 -62.83
CA ASN E 166 39.87 -13.25 -61.85
C ASN E 166 39.47 -13.86 -60.51
N SER E 167 40.47 -14.33 -59.78
CA SER E 167 40.30 -14.89 -58.44
C SER E 167 41.35 -14.29 -57.53
N TRP E 168 40.95 -13.97 -56.30
CA TRP E 168 41.84 -13.48 -55.27
C TRP E 168 41.84 -14.45 -54.10
N THR E 169 42.98 -14.51 -53.40
CA THR E 169 43.11 -15.35 -52.22
C THR E 169 43.01 -14.49 -50.95
N ASP E 170 42.76 -15.15 -49.84
CA ASP E 170 42.80 -14.48 -48.55
C ASP E 170 44.25 -14.27 -48.11
N GLN E 171 44.42 -13.55 -47.01
CA GLN E 171 45.75 -13.35 -46.46
C GLN E 171 46.39 -14.70 -46.11
N ASP E 172 47.59 -14.93 -46.62
CA ASP E 172 48.30 -16.15 -46.28
C ASP E 172 48.59 -16.18 -44.79
N SER E 173 48.26 -17.30 -44.16
CA SER E 173 48.47 -17.43 -42.72
C SER E 173 49.91 -17.15 -42.31
N LYS E 174 50.87 -17.45 -43.19
CA LYS E 174 52.28 -17.29 -42.88
C LYS E 174 52.88 -16.07 -43.56
N ASP E 175 52.81 -16.00 -44.90
CA ASP E 175 53.38 -14.88 -45.63
C ASP E 175 52.69 -13.56 -45.28
N SER E 176 51.42 -13.62 -44.89
CA SER E 176 50.59 -12.44 -44.72
C SER E 176 50.44 -11.65 -46.02
N THR E 177 50.65 -12.31 -47.15
CA THR E 177 50.55 -11.70 -48.47
C THR E 177 49.26 -12.15 -49.15
N TYR E 178 49.05 -11.64 -50.35
CA TYR E 178 47.90 -11.97 -51.17
C TYR E 178 48.36 -12.61 -52.47
N SER E 179 47.39 -13.07 -53.26
CA SER E 179 47.67 -13.69 -54.55
C SER E 179 46.44 -13.56 -55.41
N MET E 180 46.63 -13.73 -56.72
CA MET E 180 45.56 -13.48 -57.68
C MET E 180 45.87 -14.20 -58.97
N SER E 181 44.90 -14.94 -59.49
CA SER E 181 44.99 -15.57 -60.81
C SER E 181 44.00 -14.89 -61.74
N SER E 182 44.46 -14.53 -62.94
CA SER E 182 43.63 -13.92 -63.96
C SER E 182 43.66 -14.82 -65.19
N THR E 183 42.54 -15.46 -65.48
CA THR E 183 42.42 -16.40 -66.59
C THR E 183 41.60 -15.75 -67.70
N LEU E 184 42.21 -15.60 -68.87
CA LEU E 184 41.55 -15.09 -70.07
C LEU E 184 41.14 -16.27 -70.94
N THR E 185 39.83 -16.50 -71.05
CA THR E 185 39.30 -17.64 -71.77
C THR E 185 38.89 -17.21 -73.18
N LEU E 186 39.40 -17.93 -74.19
CA LEU E 186 39.16 -17.61 -75.59
C LEU E 186 38.81 -18.87 -76.35
N THR E 187 38.64 -18.73 -77.66
CA THR E 187 38.41 -19.85 -78.57
C THR E 187 39.71 -20.20 -79.28
N LYS E 188 39.85 -21.47 -79.66
CA LYS E 188 41.01 -21.89 -80.43
C LYS E 188 41.15 -21.06 -81.70
N ASP E 189 40.04 -20.80 -82.39
CA ASP E 189 40.08 -19.97 -83.58
C ASP E 189 40.42 -18.52 -83.23
N GLU E 190 39.65 -17.92 -82.32
CA GLU E 190 39.93 -16.54 -81.92
C GLU E 190 41.31 -16.39 -81.32
N TYR E 191 41.86 -17.48 -80.76
CA TYR E 191 43.20 -17.41 -80.20
C TYR E 191 44.26 -17.30 -81.29
N GLU E 192 44.07 -18.02 -82.40
CA GLU E 192 45.04 -18.03 -83.49
C GLU E 192 44.88 -16.86 -84.45
N ARG E 193 44.47 -15.70 -83.96
CA ARG E 193 44.32 -14.49 -84.77
C ARG E 193 45.25 -13.37 -84.35
N HIS E 194 45.51 -13.22 -83.06
CA HIS E 194 46.43 -12.23 -82.54
C HIS E 194 47.65 -12.94 -81.95
N ASN E 195 48.82 -12.31 -82.07
CA ASN E 195 50.05 -12.98 -81.68
C ASN E 195 50.48 -12.65 -80.25
N SER E 196 50.48 -11.37 -79.89
CA SER E 196 50.98 -10.94 -78.59
C SER E 196 49.87 -10.91 -77.55
N TYR E 197 50.09 -11.64 -76.44
CA TYR E 197 49.15 -11.67 -75.32
C TYR E 197 49.88 -11.17 -74.08
N THR E 198 49.41 -10.05 -73.53
CA THR E 198 50.11 -9.37 -72.45
C THR E 198 49.27 -9.40 -71.17
N CYS E 199 49.98 -9.45 -70.04
CA CYS E 199 49.38 -9.39 -68.72
C CYS E 199 50.11 -8.29 -67.94
N GLU E 200 49.44 -7.16 -67.73
CA GLU E 200 50.02 -6.01 -67.06
C GLU E 200 49.43 -5.88 -65.66
N ALA E 201 50.31 -5.76 -64.66
CA ALA E 201 49.91 -5.67 -63.26
C ALA E 201 50.35 -4.32 -62.71
N THR E 202 49.38 -3.47 -62.40
CA THR E 202 49.63 -2.15 -61.83
C THR E 202 49.43 -2.23 -60.32
N HIS E 203 50.46 -1.87 -59.56
CA HIS E 203 50.44 -2.05 -58.12
C HIS E 203 51.07 -0.84 -57.44
N LYS E 204 50.84 -0.75 -56.13
CA LYS E 204 51.38 0.37 -55.35
C LYS E 204 52.89 0.43 -55.45
N THR E 205 53.56 -0.68 -55.17
CA THR E 205 55.02 -0.70 -55.15
C THR E 205 55.62 -0.18 -56.46
N SER E 206 54.96 -0.44 -57.57
CA SER E 206 55.52 -0.17 -58.90
C SER E 206 54.77 1.00 -59.52
N THR E 207 55.48 2.10 -59.74
CA THR E 207 54.95 3.19 -60.55
C THR E 207 54.87 2.81 -62.01
N SER E 208 55.50 1.71 -62.42
CA SER E 208 55.48 1.23 -63.80
C SER E 208 54.91 -0.18 -63.81
N PRO E 209 53.81 -0.44 -64.51
CA PRO E 209 53.23 -1.80 -64.51
C PRO E 209 54.27 -2.87 -64.81
N ILE E 210 54.05 -4.05 -64.23
CA ILE E 210 54.85 -5.24 -64.55
C ILE E 210 54.20 -5.93 -65.74
N VAL E 211 54.99 -6.21 -66.77
CA VAL E 211 54.50 -6.75 -68.02
C VAL E 211 55.11 -8.12 -68.24
N LYS E 212 54.26 -9.12 -68.48
CA LYS E 212 54.70 -10.48 -68.81
C LYS E 212 53.86 -10.95 -69.99
N SER E 213 54.50 -11.09 -71.15
CA SER E 213 53.80 -11.39 -72.39
C SER E 213 54.54 -12.49 -73.14
N PHE E 214 53.92 -12.95 -74.24
CA PHE E 214 54.52 -13.93 -75.12
C PHE E 214 53.92 -13.77 -76.51
N ASN E 215 54.64 -14.28 -77.51
CA ASN E 215 54.19 -14.28 -78.89
C ASN E 215 54.00 -15.72 -79.34
N ARG E 216 52.89 -15.98 -80.03
CA ARG E 216 52.66 -17.29 -80.60
C ARG E 216 53.77 -17.67 -81.58
N ASN E 217 54.79 -18.38 -81.09
CA ASN E 217 55.87 -18.83 -81.97
C ASN E 217 56.71 -19.91 -81.29
#